data_6BED
#
_entry.id   6BED
#
_cell.length_a   190.150
_cell.length_b   190.150
_cell.length_c   257.570
_cell.angle_alpha   90.000
_cell.angle_beta   90.000
_cell.angle_gamma   120.000
#
_symmetry.space_group_name_H-M   'P 61 2 2'
#
loop_
_entity.id
_entity.type
_entity.pdbx_description
1 polymer 'Scaffold protein D13'
2 non-polymer 'FORMIC ACID'
3 non-polymer 1,2-ETHANEDIOL
4 non-polymer RIFAMPICIN
5 water water
#
_entity_poly.entity_id   1
_entity_poly.type   'polypeptide(L)'
_entity_poly.pdbx_seq_one_letter_code
;GAMNNTIINSLIGGDDSIKRSNVFAVDSQIPTLYMPQYISLSGVMTNDGPDNQAIASFEIRDQYITALNHLVLSLELPEV
KGMGRFGYVPYVGYKCINHVSISSCNGVIWEIEGEELYNNCINNTIALKHSGYSSELNDISIGLTPNDTIKEPSTVYVYI
KTPFDVEDTFSSLKLSDSKITVTVTFNPVSDIVIRDSSFDFETFNKEFVYVPELSFIGYMVKNVQIKPSFIEKPRRVIGQ
INQPTATVTEVHAATSLSVYTKPYYGNTDNKFISYPGYSQDEKDYIDAYVSRLLDDLVIVSDGPPTGYPESAEIVEVPED
GIVSIQDADVYVKIDNVPDNMSVYLHTNLLMFGTRKNSFIYNISKKFSAITGTYSDATKRTIFAHISHSINIIDTSIPVS
LWTSQRNVYNGDNRSAESKAKDLFINDPFIKGIDFKNKTDIISRLEVRFGNDVLYSENGPISRIYNELLTKSNNGTRTLT
FNFTPKIFFRPTTITANVSRGKDKLSVRVVYSTMDVNHPIYYVQKQLVVVCNDLYKVSYDQGVSITKIMGDNN
;
_entity_poly.pdbx_strand_id   A,B,C
#
loop_
_chem_comp.id
_chem_comp.type
_chem_comp.name
_chem_comp.formula
EDO non-polymer 1,2-ETHANEDIOL 'C2 H6 O2'
FMT non-polymer 'FORMIC ACID' 'C H2 O2'
RFP non-polymer RIFAMPICIN 'C43 H58 N4 O12'
#
# COMPACT_ATOMS: atom_id res chain seq x y z
N GLY A 1 5.09 30.27 19.11
CA GLY A 1 5.74 31.00 20.18
C GLY A 1 4.82 31.32 21.33
N ALA A 2 4.77 30.39 22.35
CA ALA A 2 3.94 30.42 23.58
C ALA A 2 2.43 30.51 23.27
N MET A 3 1.54 30.58 24.30
CA MET A 3 0.10 30.70 24.06
C MET A 3 -0.19 32.13 23.59
N ASN A 4 -0.95 32.28 22.50
CA ASN A 4 -1.31 33.58 21.94
C ASN A 4 -2.37 34.26 22.79
N ASN A 5 -2.24 35.60 22.98
CA ASN A 5 -3.13 36.45 23.78
C ASN A 5 -4.62 36.28 23.45
N THR A 6 -4.95 36.05 22.15
CA THR A 6 -6.31 35.82 21.65
C THR A 6 -6.94 34.57 22.28
N ILE A 7 -6.15 33.49 22.46
CA ILE A 7 -6.59 32.23 23.08
C ILE A 7 -6.79 32.40 24.59
N ILE A 8 -5.85 33.09 25.27
CA ILE A 8 -5.85 33.39 26.70
C ILE A 8 -7.13 34.17 27.10
N ASN A 9 -7.45 35.24 26.35
CA ASN A 9 -8.64 36.09 26.57
C ASN A 9 -9.94 35.32 26.28
N SER A 10 -9.93 34.40 25.29
CA SER A 10 -11.08 33.57 24.88
C SER A 10 -11.50 32.59 25.99
N LEU A 11 -10.54 32.12 26.79
CA LEU A 11 -10.80 31.19 27.89
C LEU A 11 -11.04 31.92 29.22
N ILE A 12 -10.14 32.87 29.58
CA ILE A 12 -10.27 33.67 30.81
C ILE A 12 -11.35 34.77 30.58
N SER A 17 -20.40 26.83 36.59
CA SER A 17 -21.60 26.21 37.16
C SER A 17 -21.97 24.86 36.53
N ILE A 18 -21.62 24.63 35.24
CA ILE A 18 -21.92 23.41 34.49
C ILE A 18 -20.99 22.24 34.83
N LYS A 19 -21.54 21.02 34.96
CA LYS A 19 -20.79 19.79 35.26
C LYS A 19 -20.03 19.35 34.00
N ARG A 20 -18.71 19.12 34.14
CA ARG A 20 -17.86 18.74 33.01
C ARG A 20 -17.12 17.43 33.20
N SER A 21 -17.10 16.60 32.14
CA SER A 21 -16.39 15.32 32.13
C SER A 21 -14.92 15.61 31.86
N ASN A 22 -14.04 15.05 32.69
CA ASN A 22 -12.60 15.27 32.57
C ASN A 22 -12.01 14.54 31.37
N VAL A 23 -11.46 15.32 30.42
CA VAL A 23 -10.83 14.79 29.21
C VAL A 23 -9.30 14.92 29.27
N PHE A 24 -8.74 15.40 30.40
CA PHE A 24 -7.30 15.57 30.56
C PHE A 24 -6.66 14.65 31.59
N ALA A 25 -7.47 13.93 32.36
CA ALA A 25 -7.00 12.98 33.38
C ALA A 25 -8.04 11.89 33.60
N VAL A 26 -7.57 10.69 33.97
CA VAL A 26 -8.47 9.55 34.21
C VAL A 26 -7.92 8.69 35.37
N ASP A 27 -8.83 8.08 36.15
CA ASP A 27 -8.46 7.20 37.26
C ASP A 27 -7.96 5.88 36.67
N SER A 28 -6.65 5.60 36.81
CA SER A 28 -6.03 4.38 36.29
C SER A 28 -6.51 3.17 37.10
N GLN A 29 -7.62 2.56 36.63
CA GLN A 29 -8.32 1.41 37.24
C GLN A 29 -7.39 0.22 37.39
N ILE A 30 -7.45 -0.45 38.55
CA ILE A 30 -6.64 -1.65 38.78
C ILE A 30 -7.35 -2.80 38.06
N PRO A 31 -6.72 -3.44 37.04
CA PRO A 31 -7.41 -4.52 36.32
C PRO A 31 -7.32 -5.85 37.08
N THR A 32 -8.01 -6.88 36.55
CA THR A 32 -7.97 -8.24 37.08
C THR A 32 -6.49 -8.68 37.05
N LEU A 33 -6.01 -9.31 38.14
CA LEU A 33 -4.62 -9.76 38.19
C LEU A 33 -4.47 -10.99 37.30
N TYR A 34 -3.64 -10.85 36.27
CA TYR A 34 -3.38 -11.92 35.30
C TYR A 34 -1.95 -11.88 34.79
N MET A 35 -1.57 -12.91 34.06
CA MET A 35 -0.24 -13.02 33.47
C MET A 35 -0.33 -13.74 32.11
N PRO A 36 0.02 -13.06 30.99
CA PRO A 36 -0.05 -13.73 29.69
C PRO A 36 1.20 -14.54 29.37
N GLN A 37 1.08 -15.50 28.45
CA GLN A 37 2.21 -16.32 28.00
C GLN A 37 1.92 -16.86 26.61
N TYR A 38 2.92 -16.80 25.72
CA TYR A 38 2.77 -17.36 24.38
C TYR A 38 3.09 -18.84 24.50
N ILE A 39 2.06 -19.69 24.37
CA ILE A 39 2.20 -21.14 24.48
C ILE A 39 2.14 -21.77 23.10
N SER A 40 3.12 -22.63 22.79
CA SER A 40 3.20 -23.37 21.53
C SER A 40 3.09 -24.86 21.84
N LEU A 41 2.23 -25.58 21.09
CA LEU A 41 1.99 -27.01 21.26
C LEU A 41 2.14 -27.79 19.96
N SER A 42 2.64 -29.02 20.07
CA SER A 42 2.76 -29.95 18.95
C SER A 42 1.46 -30.75 18.94
N GLY A 43 1.05 -31.19 17.74
CA GLY A 43 -0.19 -31.93 17.59
C GLY A 43 -0.07 -33.44 17.45
N VAL A 44 -1.23 -34.07 17.21
CA VAL A 44 -1.35 -35.51 16.98
C VAL A 44 -1.93 -35.65 15.58
N MET A 45 -1.11 -36.18 14.66
CA MET A 45 -1.50 -36.35 13.25
C MET A 45 -2.24 -37.66 13.01
N THR A 46 -3.38 -37.57 12.29
CA THR A 46 -4.27 -38.68 11.93
C THR A 46 -4.52 -38.64 10.41
N ASN A 47 -4.91 -39.79 9.81
CA ASN A 47 -5.22 -39.93 8.38
C ASN A 47 -6.43 -40.82 8.15
N ASP A 51 -11.10 -39.67 2.35
CA ASP A 51 -10.05 -39.73 1.35
C ASP A 51 -8.64 -39.72 1.98
N ASN A 52 -8.55 -40.19 3.25
CA ASN A 52 -7.34 -40.26 4.09
C ASN A 52 -6.72 -38.86 4.31
N GLN A 53 -7.60 -37.95 4.76
CA GLN A 53 -7.33 -36.54 5.04
C GLN A 53 -6.50 -36.35 6.31
N ALA A 54 -5.52 -35.43 6.25
CA ALA A 54 -4.66 -35.11 7.39
C ALA A 54 -5.42 -34.27 8.41
N ILE A 55 -5.43 -34.73 9.67
CA ILE A 55 -6.12 -34.08 10.79
C ILE A 55 -5.13 -33.93 11.96
N ALA A 56 -4.97 -32.69 12.46
CA ALA A 56 -4.10 -32.37 13.60
C ALA A 56 -4.96 -32.01 14.80
N SER A 57 -4.64 -32.59 15.97
CA SER A 57 -5.38 -32.35 17.21
C SER A 57 -4.48 -31.79 18.29
N PHE A 58 -4.90 -30.66 18.88
CA PHE A 58 -4.17 -29.97 19.92
C PHE A 58 -5.06 -29.90 21.16
N GLU A 59 -4.60 -30.50 22.26
CA GLU A 59 -5.33 -30.53 23.53
C GLU A 59 -4.76 -29.50 24.51
N ILE A 60 -5.61 -28.55 24.92
CA ILE A 60 -5.28 -27.48 25.85
C ILE A 60 -6.02 -27.75 27.16
N ARG A 61 -5.27 -28.09 28.20
CA ARG A 61 -5.78 -28.30 29.55
C ARG A 61 -4.66 -28.07 30.56
N ASP A 62 -4.77 -26.99 31.33
CA ASP A 62 -3.79 -26.60 32.34
C ASP A 62 -4.49 -25.81 33.44
N GLN A 63 -4.01 -25.94 34.68
CA GLN A 63 -4.58 -25.20 35.81
C GLN A 63 -4.21 -23.72 35.72
N TYR A 64 -3.02 -23.43 35.16
CA TYR A 64 -2.56 -22.06 34.96
C TYR A 64 -3.37 -21.37 33.87
N ILE A 65 -3.54 -22.01 32.68
CA ILE A 65 -4.30 -21.45 31.56
C ILE A 65 -5.79 -21.29 31.91
N THR A 66 -6.17 -20.07 32.29
CA THR A 66 -7.53 -19.67 32.66
C THR A 66 -8.32 -19.26 31.40
N ALA A 67 -7.66 -18.53 30.48
CA ALA A 67 -8.27 -18.06 29.24
C ALA A 67 -7.26 -18.02 28.09
N LEU A 68 -7.76 -17.94 26.84
CA LEU A 68 -6.89 -17.88 25.65
C LEU A 68 -7.53 -17.16 24.47
N ASN A 69 -6.68 -16.72 23.53
CA ASN A 69 -7.05 -16.09 22.26
C ASN A 69 -5.84 -16.06 21.31
N HIS A 70 -6.01 -15.42 20.13
CA HIS A 70 -5.01 -15.25 19.07
C HIS A 70 -4.30 -16.55 18.70
N LEU A 71 -5.06 -17.48 18.12
CA LEU A 71 -4.55 -18.77 17.68
C LEU A 71 -3.75 -18.58 16.39
N VAL A 72 -2.49 -19.05 16.38
CA VAL A 72 -1.59 -18.99 15.22
C VAL A 72 -1.08 -20.41 14.96
N LEU A 73 -1.29 -20.92 13.74
CA LEU A 73 -0.83 -22.25 13.36
C LEU A 73 0.37 -22.14 12.45
N SER A 74 1.52 -22.68 12.90
CA SER A 74 2.72 -22.67 12.08
C SER A 74 2.85 -23.98 11.31
N LEU A 75 3.45 -23.91 10.12
CA LEU A 75 3.64 -25.07 9.26
C LEU A 75 5.02 -25.11 8.66
N GLU A 76 5.67 -26.26 8.79
CA GLU A 76 7.02 -26.51 8.30
C GLU A 76 6.97 -27.06 6.90
N LEU A 77 7.26 -26.21 5.91
CA LEU A 77 7.28 -26.64 4.52
C LEU A 77 8.62 -27.31 4.22
N PRO A 78 8.62 -28.51 3.60
CA PRO A 78 9.89 -29.22 3.40
C PRO A 78 10.71 -28.70 2.23
N GLU A 79 11.96 -29.18 2.14
CA GLU A 79 12.85 -28.88 1.03
C GLU A 79 12.32 -29.68 -0.14
N VAL A 80 12.09 -29.02 -1.28
CA VAL A 80 11.57 -29.69 -2.47
C VAL A 80 12.75 -29.87 -3.45
N LYS A 81 13.17 -31.13 -3.66
CA LYS A 81 14.30 -31.48 -4.53
C LYS A 81 13.85 -32.31 -5.73
N GLY A 82 14.58 -32.19 -6.83
CA GLY A 82 14.30 -32.93 -8.04
C GLY A 82 14.17 -32.05 -9.27
N MET A 83 13.56 -32.61 -10.33
CA MET A 83 13.36 -31.93 -11.61
C MET A 83 11.93 -31.42 -11.82
N GLY A 84 11.78 -30.54 -12.81
CA GLY A 84 10.50 -29.94 -13.16
C GLY A 84 10.25 -28.59 -12.54
N ARG A 85 9.08 -28.01 -12.88
CA ARG A 85 8.64 -26.71 -12.38
CA ARG A 85 8.63 -26.72 -12.38
C ARG A 85 7.74 -26.89 -11.16
N PHE A 86 7.97 -26.10 -10.11
CA PHE A 86 7.23 -26.16 -8.86
C PHE A 86 7.15 -24.80 -8.18
N GLY A 87 6.00 -24.55 -7.55
CA GLY A 87 5.72 -23.35 -6.78
C GLY A 87 4.55 -23.53 -5.84
N TYR A 88 4.50 -22.72 -4.77
CA TYR A 88 3.37 -22.77 -3.84
C TYR A 88 2.36 -21.70 -4.21
N VAL A 89 1.06 -21.96 -3.94
CA VAL A 89 -0.02 -20.99 -4.18
C VAL A 89 0.19 -19.75 -3.26
N PRO A 90 -0.26 -18.53 -3.61
CA PRO A 90 -0.09 -17.40 -2.67
C PRO A 90 -0.89 -17.66 -1.38
N TYR A 91 -0.38 -17.19 -0.24
CA TYR A 91 -1.00 -17.37 1.08
C TYR A 91 -1.18 -18.87 1.38
N VAL A 92 -0.17 -19.67 0.99
CA VAL A 92 -0.08 -21.13 1.09
C VAL A 92 -0.63 -21.67 2.43
N GLY A 93 -0.28 -21.02 3.54
CA GLY A 93 -0.73 -21.38 4.88
C GLY A 93 -2.23 -21.45 5.06
N TYR A 94 -2.96 -20.46 4.50
CA TYR A 94 -4.41 -20.44 4.56
C TYR A 94 -5.00 -21.52 3.67
N LYS A 95 -4.42 -21.70 2.46
CA LYS A 95 -4.86 -22.70 1.48
C LYS A 95 -4.73 -24.16 1.96
N CYS A 96 -3.80 -24.41 2.91
N CYS A 96 -3.82 -24.44 2.90
CA CYS A 96 -3.57 -25.71 3.56
CA CYS A 96 -3.68 -25.79 3.41
C CYS A 96 -4.79 -26.12 4.39
C CYS A 96 -4.82 -26.15 4.39
N ILE A 97 -5.46 -25.15 5.03
CA ILE A 97 -6.60 -25.35 5.94
C ILE A 97 -7.88 -25.73 5.20
N ASN A 98 -8.49 -26.85 5.61
CA ASN A 98 -9.76 -27.32 5.07
C ASN A 98 -10.87 -26.96 6.07
N HIS A 99 -10.60 -27.12 7.38
CA HIS A 99 -11.54 -26.84 8.46
C HIS A 99 -10.79 -26.70 9.79
N VAL A 100 -11.30 -25.84 10.69
CA VAL A 100 -10.78 -25.62 12.04
C VAL A 100 -11.98 -25.68 13.00
N SER A 101 -11.83 -26.39 14.12
CA SER A 101 -12.86 -26.49 15.14
C SER A 101 -12.23 -26.40 16.53
N ILE A 102 -12.90 -25.68 17.41
CA ILE A 102 -12.52 -25.48 18.80
C ILE A 102 -13.64 -26.13 19.59
N SER A 103 -13.34 -27.21 20.30
CA SER A 103 -14.38 -27.94 21.05
C SER A 103 -13.97 -28.28 22.48
N SER A 104 -14.97 -28.51 23.33
CA SER A 104 -14.80 -28.93 24.73
C SER A 104 -15.50 -30.28 24.91
N CYS A 105 -15.69 -30.71 26.19
CA CYS A 105 -16.37 -31.96 26.56
CA CYS A 105 -16.36 -31.98 26.50
C CYS A 105 -17.85 -31.91 26.15
N ASN A 106 -18.44 -30.69 26.15
CA ASN A 106 -19.85 -30.44 25.82
C ASN A 106 -20.12 -30.31 24.32
N GLY A 107 -19.06 -30.39 23.50
CA GLY A 107 -19.14 -30.28 22.05
C GLY A 107 -18.40 -29.09 21.46
N VAL A 108 -18.69 -28.79 20.18
CA VAL A 108 -18.07 -27.70 19.42
C VAL A 108 -18.47 -26.35 20.02
N ILE A 109 -17.46 -25.48 20.29
CA ILE A 109 -17.66 -24.13 20.83
C ILE A 109 -17.73 -23.17 19.64
N TRP A 110 -16.86 -23.39 18.63
CA TRP A 110 -16.75 -22.61 17.41
C TRP A 110 -16.02 -23.41 16.34
N GLU A 111 -16.43 -23.23 15.08
CA GLU A 111 -15.81 -23.90 13.93
C GLU A 111 -15.96 -23.08 12.66
N ILE A 112 -14.99 -23.18 11.75
CA ILE A 112 -14.99 -22.45 10.50
C ILE A 112 -14.43 -23.31 9.36
N GLU A 113 -14.90 -23.08 8.13
CA GLU A 113 -14.40 -23.76 6.93
C GLU A 113 -13.19 -22.97 6.46
N GLY A 114 -12.19 -23.69 5.93
CA GLY A 114 -10.93 -23.13 5.45
C GLY A 114 -11.06 -21.82 4.70
N GLU A 115 -11.92 -21.81 3.66
CA GLU A 115 -12.19 -20.63 2.82
C GLU A 115 -12.78 -19.47 3.58
N GLU A 116 -13.64 -19.76 4.58
CA GLU A 116 -14.27 -18.70 5.38
C GLU A 116 -13.27 -18.00 6.30
N LEU A 117 -12.32 -18.77 6.89
CA LEU A 117 -11.23 -18.22 7.71
C LEU A 117 -10.38 -17.28 6.85
N TYR A 118 -10.03 -17.72 5.63
CA TYR A 118 -9.27 -16.95 4.65
C TYR A 118 -10.01 -15.66 4.31
N ASN A 119 -11.34 -15.75 4.03
CA ASN A 119 -12.22 -14.62 3.73
C ASN A 119 -12.24 -13.60 4.86
N ASN A 120 -12.22 -14.07 6.11
CA ASN A 120 -12.21 -13.20 7.29
C ASN A 120 -10.85 -12.53 7.50
N CYS A 121 -9.78 -13.07 6.90
CA CYS A 121 -8.41 -12.54 7.01
C CYS A 121 -7.92 -11.82 5.74
N ILE A 122 -8.73 -11.77 4.67
CA ILE A 122 -8.35 -11.18 3.37
C ILE A 122 -7.98 -9.68 3.48
N ASN A 123 -8.56 -8.96 4.48
CA ASN A 123 -8.30 -7.54 4.72
C ASN A 123 -7.10 -7.30 5.67
N ASN A 124 -6.46 -8.39 6.16
CA ASN A 124 -5.29 -8.37 7.04
C ASN A 124 -4.04 -8.73 6.23
N THR A 125 -3.32 -7.70 5.74
CA THR A 125 -2.09 -7.80 4.94
C THR A 125 -0.98 -8.54 5.69
N ILE A 126 -0.88 -8.31 7.01
CA ILE A 126 0.14 -8.92 7.89
C ILE A 126 -0.10 -10.44 7.99
N ALA A 127 -1.35 -10.86 8.31
CA ALA A 127 -1.75 -12.26 8.43
C ALA A 127 -1.52 -13.01 7.11
N LEU A 128 -1.84 -12.34 5.99
CA LEU A 128 -1.67 -12.90 4.65
C LEU A 128 -0.19 -13.09 4.32
N LYS A 129 0.68 -12.09 4.67
CA LYS A 129 2.12 -12.17 4.43
C LYS A 129 2.75 -13.32 5.23
N HIS A 130 2.37 -13.44 6.52
CA HIS A 130 2.84 -14.49 7.44
C HIS A 130 2.54 -15.89 6.95
N SER A 131 1.37 -16.08 6.30
CA SER A 131 0.92 -17.38 5.80
C SER A 131 1.71 -17.91 4.60
N GLY A 132 2.54 -17.06 4.00
CA GLY A 132 3.36 -17.46 2.87
C GLY A 132 3.05 -16.72 1.60
N TYR A 133 3.61 -15.51 1.47
CA TYR A 133 3.47 -14.67 0.30
C TYR A 133 4.80 -13.97 0.00
N SER A 134 5.63 -14.62 -0.83
CA SER A 134 6.98 -14.19 -1.20
C SER A 134 7.37 -14.77 -2.55
N SER A 135 8.41 -14.20 -3.20
CA SER A 135 8.92 -14.71 -4.48
C SER A 135 9.60 -16.07 -4.26
N GLU A 136 10.19 -16.27 -3.06
CA GLU A 136 10.86 -17.51 -2.68
C GLU A 136 9.87 -18.68 -2.71
N LEU A 137 8.63 -18.47 -2.21
CA LEU A 137 7.60 -19.50 -2.14
C LEU A 137 6.67 -19.57 -3.36
N ASN A 138 6.19 -18.41 -3.84
CA ASN A 138 5.15 -18.32 -4.85
C ASN A 138 5.59 -18.23 -6.31
N ASP A 139 6.85 -17.89 -6.59
CA ASP A 139 7.31 -17.88 -7.99
C ASP A 139 7.53 -19.32 -8.42
N ILE A 140 7.38 -19.59 -9.72
CA ILE A 140 7.55 -20.94 -10.24
C ILE A 140 9.05 -21.21 -10.46
N SER A 141 9.64 -22.04 -9.59
CA SER A 141 11.06 -22.39 -9.68
C SER A 141 11.25 -23.65 -10.51
N ILE A 142 12.42 -23.82 -11.12
CA ILE A 142 12.72 -24.98 -11.96
C ILE A 142 13.90 -25.81 -11.41
N GLY A 143 13.69 -27.13 -11.43
CA GLY A 143 14.67 -28.14 -11.04
C GLY A 143 15.27 -28.77 -12.28
N LEU A 144 16.61 -28.79 -12.36
CA LEU A 144 17.33 -29.30 -13.52
C LEU A 144 17.92 -30.71 -13.35
N THR A 145 18.33 -31.08 -12.12
CA THR A 145 18.91 -32.40 -11.84
C THR A 145 18.10 -33.13 -10.75
N PRO A 146 18.08 -34.50 -10.69
CA PRO A 146 17.29 -35.18 -9.64
C PRO A 146 17.62 -34.80 -8.20
N ASN A 147 18.79 -34.18 -7.96
CA ASN A 147 19.23 -33.73 -6.64
C ASN A 147 19.31 -32.19 -6.54
N ASP A 148 18.71 -31.48 -7.50
CA ASP A 148 18.66 -30.01 -7.51
C ASP A 148 17.57 -29.54 -6.56
N THR A 149 17.84 -28.46 -5.81
CA THR A 149 16.86 -27.90 -4.90
C THR A 149 15.97 -26.91 -5.65
N ILE A 150 14.67 -27.18 -5.67
CA ILE A 150 13.66 -26.34 -6.30
C ILE A 150 13.24 -25.27 -5.27
N LYS A 151 12.85 -25.73 -4.08
CA LYS A 151 12.39 -24.87 -2.98
C LYS A 151 13.09 -25.21 -1.68
N GLU A 152 13.61 -24.20 -0.99
CA GLU A 152 14.29 -24.33 0.29
C GLU A 152 13.25 -24.53 1.41
N PRO A 153 13.57 -25.23 2.53
CA PRO A 153 12.57 -25.36 3.60
C PRO A 153 12.22 -24.01 4.23
N SER A 154 10.96 -23.81 4.57
CA SER A 154 10.46 -22.56 5.10
C SER A 154 9.35 -22.81 6.10
N THR A 155 9.10 -21.84 6.99
CA THR A 155 8.04 -21.92 7.99
C THR A 155 7.03 -20.84 7.68
N VAL A 156 5.74 -21.21 7.63
CA VAL A 156 4.64 -20.28 7.42
C VAL A 156 3.76 -20.21 8.68
N TYR A 157 3.14 -19.04 8.94
CA TYR A 157 2.32 -18.80 10.13
C TYR A 157 0.93 -18.36 9.74
N VAL A 158 -0.09 -19.13 10.17
CA VAL A 158 -1.49 -18.89 9.84
C VAL A 158 -2.27 -18.36 11.04
N TYR A 159 -2.73 -17.11 10.95
CA TYR A 159 -3.52 -16.52 12.02
C TYR A 159 -4.96 -17.04 11.97
N ILE A 160 -5.31 -17.97 12.89
CA ILE A 160 -6.66 -18.53 13.01
C ILE A 160 -7.48 -17.49 13.75
N LYS A 161 -8.05 -16.51 13.01
CA LYS A 161 -8.89 -15.44 13.58
C LYS A 161 -10.17 -16.07 14.15
N THR A 162 -10.44 -15.83 15.42
CA THR A 162 -11.63 -16.36 16.11
C THR A 162 -12.41 -15.18 16.74
N PRO A 163 -13.68 -15.36 17.16
CA PRO A 163 -14.39 -14.23 17.80
C PRO A 163 -13.80 -13.81 19.16
N PHE A 164 -12.84 -14.60 19.69
CA PHE A 164 -12.18 -14.34 20.98
C PHE A 164 -11.11 -13.24 20.93
N ASP A 165 -10.78 -12.73 19.74
CA ASP A 165 -9.74 -11.71 19.54
C ASP A 165 -10.30 -10.30 19.41
N VAL A 166 -11.62 -10.16 19.09
CA VAL A 166 -12.34 -8.91 18.86
C VAL A 166 -12.00 -7.82 19.90
N GLU A 167 -12.14 -8.13 21.20
CA GLU A 167 -11.86 -7.18 22.28
C GLU A 167 -10.79 -7.70 23.27
N ASP A 168 -9.75 -8.37 22.71
CA ASP A 168 -8.60 -8.94 23.42
C ASP A 168 -9.00 -9.79 24.65
N THR A 169 -8.63 -9.35 25.87
CA THR A 169 -8.93 -10.08 27.11
C THR A 169 -10.43 -10.21 27.39
N PHE A 170 -11.23 -9.17 27.05
CA PHE A 170 -12.68 -9.15 27.26
C PHE A 170 -13.40 -10.25 26.49
N SER A 171 -12.97 -10.51 25.24
CA SER A 171 -13.58 -11.49 24.34
C SER A 171 -12.99 -12.90 24.42
N SER A 172 -11.83 -13.04 25.09
CA SER A 172 -11.06 -14.28 25.23
C SER A 172 -11.87 -15.49 25.66
N LEU A 173 -11.48 -16.67 25.15
CA LEU A 173 -12.14 -17.93 25.49
C LEU A 173 -11.71 -18.35 26.88
N LYS A 174 -12.65 -18.40 27.82
CA LYS A 174 -12.39 -18.82 29.19
C LYS A 174 -12.49 -20.35 29.30
N LEU A 175 -11.49 -21.00 29.97
CA LEU A 175 -11.39 -22.44 30.18
C LEU A 175 -11.77 -22.73 31.66
N SER A 176 -13.05 -22.97 31.93
CA SER A 176 -13.52 -23.26 33.29
C SER A 176 -13.22 -24.71 33.66
N ASP A 177 -11.92 -25.00 33.98
CA ASP A 177 -11.39 -26.34 34.33
C ASP A 177 -11.74 -27.42 33.28
N SER A 178 -12.04 -26.97 32.04
CA SER A 178 -12.40 -27.81 30.90
C SER A 178 -11.23 -28.01 29.93
N LYS A 179 -11.27 -29.13 29.20
CA LYS A 179 -10.27 -29.50 28.21
C LYS A 179 -10.72 -28.98 26.86
N ILE A 180 -9.91 -28.10 26.24
CA ILE A 180 -10.22 -27.52 24.94
C ILE A 180 -9.39 -28.24 23.89
N THR A 181 -10.05 -28.75 22.85
CA THR A 181 -9.41 -29.43 21.74
C THR A 181 -9.55 -28.56 20.48
N VAL A 182 -8.42 -28.28 19.82
CA VAL A 182 -8.37 -27.53 18.58
C VAL A 182 -8.03 -28.56 17.48
N THR A 183 -9.00 -28.81 16.60
CA THR A 183 -8.88 -29.79 15.51
C THR A 183 -8.70 -29.07 14.17
N VAL A 184 -7.59 -29.34 13.46
CA VAL A 184 -7.30 -28.73 12.16
C VAL A 184 -7.27 -29.80 11.07
N THR A 185 -8.18 -29.67 10.10
CA THR A 185 -8.26 -30.58 8.97
C THR A 185 -7.53 -29.91 7.82
N PHE A 186 -6.64 -30.66 7.16
CA PHE A 186 -5.84 -30.16 6.05
C PHE A 186 -6.34 -30.61 4.69
N ASN A 187 -6.21 -29.73 3.71
CA ASN A 187 -6.53 -29.97 2.31
C ASN A 187 -5.41 -30.84 1.72
N PRO A 188 -5.66 -31.64 0.65
CA PRO A 188 -4.55 -32.41 0.05
C PRO A 188 -3.47 -31.45 -0.49
N VAL A 189 -2.19 -31.88 -0.45
CA VAL A 189 -1.05 -31.07 -0.89
C VAL A 189 -1.19 -30.61 -2.36
N SER A 190 -2.03 -31.31 -3.14
CA SER A 190 -2.34 -30.98 -4.53
C SER A 190 -2.90 -29.55 -4.66
N ASP A 191 -3.74 -29.13 -3.68
CA ASP A 191 -4.40 -27.83 -3.63
C ASP A 191 -3.46 -26.64 -3.46
N ILE A 192 -2.37 -26.81 -2.70
CA ILE A 192 -1.41 -25.73 -2.36
C ILE A 192 -0.20 -25.63 -3.31
N VAL A 193 -0.10 -26.53 -4.28
CA VAL A 193 1.06 -26.62 -5.16
C VAL A 193 0.72 -26.41 -6.66
N ILE A 194 1.55 -25.60 -7.34
CA ILE A 194 1.50 -25.31 -8.77
C ILE A 194 2.73 -25.99 -9.40
N ARG A 195 2.49 -26.99 -10.27
N ARG A 195 2.49 -26.98 -10.28
CA ARG A 195 3.53 -27.81 -10.90
CA ARG A 195 3.55 -27.78 -10.91
C ARG A 195 3.23 -28.20 -12.34
C ARG A 195 3.23 -28.19 -12.35
N ASP A 196 4.26 -28.60 -13.12
CA ASP A 196 4.11 -29.07 -14.50
C ASP A 196 4.25 -30.60 -14.52
N SER A 197 4.05 -31.25 -15.69
CA SER A 197 4.15 -32.70 -15.87
C SER A 197 5.53 -33.27 -15.52
N SER A 198 6.61 -32.52 -15.81
CA SER A 198 8.00 -32.92 -15.53
C SER A 198 8.25 -33.20 -14.04
N PHE A 199 7.59 -32.43 -13.16
CA PHE A 199 7.69 -32.59 -11.72
C PHE A 199 7.07 -33.92 -11.28
N ASP A 200 7.76 -34.63 -10.38
CA ASP A 200 7.30 -35.93 -9.87
C ASP A 200 6.37 -35.69 -8.69
N PHE A 201 5.10 -35.36 -8.99
CA PHE A 201 4.10 -35.08 -7.96
C PHE A 201 3.73 -36.35 -7.19
N GLU A 202 3.70 -37.51 -7.88
CA GLU A 202 3.37 -38.83 -7.32
C GLU A 202 4.24 -39.13 -6.09
N THR A 203 5.56 -38.94 -6.21
CA THR A 203 6.52 -39.15 -5.12
C THR A 203 6.36 -38.07 -4.05
N PHE A 204 6.22 -36.79 -4.48
CA PHE A 204 6.04 -35.63 -3.60
C PHE A 204 4.82 -35.81 -2.69
N ASN A 205 3.68 -36.27 -3.24
CA ASN A 205 2.44 -36.51 -2.50
C ASN A 205 2.64 -37.58 -1.42
N LYS A 206 3.42 -38.64 -1.73
CA LYS A 206 3.74 -39.75 -0.83
C LYS A 206 4.67 -39.29 0.29
N GLU A 207 5.73 -38.55 -0.06
CA GLU A 207 6.74 -38.04 0.86
C GLU A 207 6.30 -36.85 1.73
N PHE A 208 5.39 -35.98 1.22
CA PHE A 208 4.89 -34.80 1.96
C PHE A 208 4.07 -35.16 3.17
N VAL A 209 4.37 -34.48 4.29
CA VAL A 209 3.66 -34.61 5.56
C VAL A 209 3.49 -33.21 6.15
N TYR A 210 2.26 -32.91 6.63
CA TYR A 210 1.98 -31.64 7.28
C TYR A 210 2.61 -31.65 8.66
N VAL A 211 3.44 -30.64 8.96
CA VAL A 211 4.12 -30.52 10.25
C VAL A 211 3.55 -29.27 10.96
N PRO A 212 2.42 -29.40 11.70
CA PRO A 212 1.83 -28.21 12.34
C PRO A 212 2.23 -28.00 13.79
N GLU A 213 2.02 -26.77 14.27
CA GLU A 213 2.28 -26.36 15.64
C GLU A 213 1.32 -25.22 15.97
N LEU A 214 0.53 -25.39 17.05
CA LEU A 214 -0.45 -24.40 17.47
C LEU A 214 0.07 -23.52 18.57
N SER A 215 0.06 -22.20 18.33
CA SER A 215 0.45 -21.19 19.30
C SER A 215 -0.79 -20.39 19.66
N PHE A 216 -0.82 -19.87 20.89
CA PHE A 216 -1.92 -19.03 21.38
C PHE A 216 -1.44 -18.18 22.54
N ILE A 217 -2.12 -17.05 22.78
CA ILE A 217 -1.81 -16.21 23.91
C ILE A 217 -2.69 -16.75 25.05
N GLY A 218 -2.04 -17.40 26.01
CA GLY A 218 -2.69 -17.95 27.18
C GLY A 218 -2.63 -16.96 28.32
N TYR A 219 -3.65 -16.98 29.19
CA TYR A 219 -3.72 -16.05 30.33
C TYR A 219 -3.95 -16.80 31.64
N MET A 220 -3.05 -16.62 32.62
CA MET A 220 -3.23 -17.19 33.96
C MET A 220 -3.88 -16.09 34.76
N VAL A 221 -5.17 -16.27 35.08
CA VAL A 221 -5.96 -15.24 35.77
C VAL A 221 -6.22 -15.62 37.22
N LYS A 222 -5.95 -14.69 38.16
CA LYS A 222 -6.21 -14.89 39.59
C LYS A 222 -7.64 -14.42 39.90
N ASN A 223 -8.45 -15.33 40.48
CA ASN A 223 -9.87 -15.12 40.86
C ASN A 223 -10.68 -14.52 39.71
N VAL A 224 -10.77 -15.27 38.59
CA VAL A 224 -11.51 -14.85 37.40
C VAL A 224 -13.02 -14.78 37.69
N GLN A 225 -13.65 -13.69 37.24
CA GLN A 225 -15.10 -13.48 37.39
C GLN A 225 -15.72 -13.65 36.01
N ILE A 226 -16.21 -14.86 35.73
CA ILE A 226 -16.79 -15.22 34.45
C ILE A 226 -18.25 -14.76 34.32
N LYS A 227 -18.59 -14.20 33.15
CA LYS A 227 -19.92 -13.75 32.77
C LYS A 227 -20.28 -14.41 31.42
N PRO A 228 -21.56 -14.69 31.10
CA PRO A 228 -21.86 -15.30 29.79
C PRO A 228 -21.68 -14.32 28.63
N SER A 229 -21.41 -14.86 27.43
CA SER A 229 -21.19 -14.05 26.24
C SER A 229 -21.94 -14.58 25.01
N PHE A 230 -21.78 -13.90 23.88
CA PHE A 230 -22.41 -14.25 22.62
C PHE A 230 -21.36 -14.46 21.55
N ILE A 231 -21.58 -15.47 20.69
CA ILE A 231 -20.66 -15.84 19.62
C ILE A 231 -21.40 -16.03 18.28
N GLU A 232 -20.78 -15.60 17.18
CA GLU A 232 -21.33 -15.76 15.83
C GLU A 232 -20.61 -16.95 15.19
N LYS A 233 -21.35 -18.02 14.86
CA LYS A 233 -20.76 -19.22 14.26
C LYS A 233 -21.12 -19.31 12.77
N PRO A 234 -20.12 -19.28 11.84
CA PRO A 234 -20.45 -19.34 10.40
C PRO A 234 -20.77 -20.74 9.88
N ARG A 235 -21.79 -20.82 9.02
CA ARG A 235 -22.28 -22.02 8.34
C ARG A 235 -22.29 -21.75 6.86
N ARG A 236 -21.81 -22.70 6.05
CA ARG A 236 -21.89 -22.50 4.60
C ARG A 236 -22.66 -23.63 3.93
N VAL A 237 -23.33 -23.29 2.83
CA VAL A 237 -24.09 -24.21 2.01
C VAL A 237 -23.62 -23.99 0.57
N ILE A 238 -23.17 -25.07 -0.08
CA ILE A 238 -22.73 -25.02 -1.47
C ILE A 238 -23.82 -25.64 -2.33
N GLY A 239 -24.33 -24.85 -3.27
CA GLY A 239 -25.37 -25.26 -4.20
C GLY A 239 -24.89 -26.30 -5.20
N GLN A 240 -25.82 -26.99 -5.85
CA GLN A 240 -25.51 -28.00 -6.87
C GLN A 240 -24.82 -27.31 -8.06
N ILE A 241 -23.92 -28.01 -8.74
CA ILE A 241 -23.16 -27.48 -9.89
C ILE A 241 -24.10 -26.76 -10.87
N ASN A 242 -23.78 -25.49 -11.15
CA ASN A 242 -24.48 -24.56 -12.05
C ASN A 242 -25.92 -24.20 -11.61
N GLN A 243 -26.40 -24.70 -10.45
CA GLN A 243 -27.74 -24.38 -9.97
C GLN A 243 -27.78 -22.98 -9.33
N PRO A 244 -28.60 -22.05 -9.86
CA PRO A 244 -28.62 -20.68 -9.31
C PRO A 244 -29.41 -20.50 -8.01
N THR A 245 -29.60 -21.58 -7.24
CA THR A 245 -30.31 -21.53 -5.95
C THR A 245 -29.57 -22.33 -4.90
N ALA A 246 -29.75 -21.93 -3.62
CA ALA A 246 -29.18 -22.57 -2.43
C ALA A 246 -30.00 -22.12 -1.22
N THR A 247 -30.17 -23.02 -0.24
CA THR A 247 -30.96 -22.73 0.95
C THR A 247 -30.24 -23.11 2.22
N VAL A 248 -30.37 -22.24 3.24
CA VAL A 248 -29.82 -22.44 4.58
C VAL A 248 -31.04 -22.68 5.47
N THR A 249 -31.14 -23.89 6.06
CA THR A 249 -32.28 -24.20 6.93
C THR A 249 -31.99 -23.82 8.37
N GLU A 250 -33.04 -23.83 9.22
CA GLU A 250 -32.98 -23.53 10.65
C GLU A 250 -32.28 -22.18 10.96
N VAL A 251 -32.79 -21.10 10.33
CA VAL A 251 -32.26 -19.75 10.55
C VAL A 251 -33.22 -19.07 11.52
N HIS A 252 -32.79 -18.96 12.79
CA HIS A 252 -33.60 -18.39 13.86
C HIS A 252 -33.14 -17.01 14.32
N ALA A 253 -31.81 -16.79 14.33
CA ALA A 253 -31.17 -15.54 14.73
C ALA A 253 -29.82 -15.42 14.04
N ALA A 254 -29.79 -14.79 12.85
CA ALA A 254 -28.57 -14.59 12.05
C ALA A 254 -28.09 -13.14 12.04
N THR A 255 -26.78 -12.94 12.22
CA THR A 255 -26.15 -11.62 12.23
C THR A 255 -25.84 -11.13 10.82
N SER A 256 -25.53 -12.06 9.88
CA SER A 256 -25.22 -11.75 8.48
C SER A 256 -25.45 -12.91 7.54
N LEU A 257 -25.45 -12.62 6.22
CA LEU A 257 -25.58 -13.60 5.14
C LEU A 257 -24.77 -13.14 3.94
N SER A 258 -23.81 -13.97 3.50
CA SER A 258 -22.95 -13.67 2.34
C SER A 258 -23.26 -14.62 1.20
N VAL A 259 -23.17 -14.11 -0.04
CA VAL A 259 -23.41 -14.88 -1.26
C VAL A 259 -22.27 -14.62 -2.23
N TYR A 260 -21.67 -15.71 -2.76
CA TYR A 260 -20.61 -15.65 -3.77
C TYR A 260 -20.60 -16.90 -4.64
N THR A 261 -19.80 -16.86 -5.72
CA THR A 261 -19.67 -17.96 -6.68
C THR A 261 -18.25 -18.47 -6.71
N LYS A 262 -18.11 -19.78 -6.96
CA LYS A 262 -16.84 -20.47 -7.08
C LYS A 262 -16.83 -21.26 -8.40
N PRO A 263 -15.68 -21.39 -9.11
CA PRO A 263 -15.67 -22.25 -10.30
C PRO A 263 -15.49 -23.71 -9.90
N TYR A 264 -15.88 -24.63 -10.78
CA TYR A 264 -15.70 -26.07 -10.57
C TYR A 264 -14.91 -26.61 -11.76
N TYR A 265 -13.73 -27.17 -11.49
CA TYR A 265 -12.85 -27.68 -12.54
C TYR A 265 -12.74 -29.22 -12.59
N GLY A 266 -13.71 -29.91 -12.00
CA GLY A 266 -13.75 -31.38 -11.97
C GLY A 266 -13.82 -32.03 -13.34
N ASN A 267 -14.38 -31.29 -14.32
CA ASN A 267 -14.50 -31.71 -15.73
C ASN A 267 -13.21 -31.47 -16.53
N THR A 268 -12.14 -30.98 -15.88
CA THR A 268 -10.85 -30.69 -16.51
C THR A 268 -9.72 -31.41 -15.78
N ASP A 269 -8.50 -31.38 -16.35
CA ASP A 269 -7.32 -31.97 -15.72
C ASP A 269 -6.61 -30.95 -14.81
N ASN A 270 -7.24 -29.77 -14.61
CA ASN A 270 -6.79 -28.63 -13.80
C ASN A 270 -5.48 -28.01 -14.31
N LYS A 271 -5.21 -28.16 -15.62
CA LYS A 271 -4.01 -27.63 -16.27
C LYS A 271 -4.34 -26.30 -16.94
N PHE A 272 -3.43 -25.33 -16.81
CA PHE A 272 -3.52 -23.99 -17.36
C PHE A 272 -2.22 -23.69 -18.11
N ILE A 273 -2.30 -22.88 -19.19
CA ILE A 273 -1.14 -22.53 -20.03
C ILE A 273 -0.05 -21.78 -19.24
N SER A 274 -0.47 -20.77 -18.44
CA SER A 274 0.43 -19.90 -17.71
C SER A 274 -0.01 -19.58 -16.29
N TYR A 275 0.92 -18.98 -15.51
CA TYR A 275 0.74 -18.50 -14.15
C TYR A 275 1.79 -17.41 -13.88
N PRO A 276 1.42 -16.25 -13.27
CA PRO A 276 2.41 -15.17 -13.09
C PRO A 276 3.39 -15.34 -11.93
N GLY A 277 3.03 -16.14 -10.93
CA GLY A 277 3.87 -16.40 -9.76
C GLY A 277 3.54 -15.50 -8.59
N TYR A 278 4.56 -14.85 -8.02
CA TYR A 278 4.43 -13.94 -6.88
C TYR A 278 3.67 -12.67 -7.28
N SER A 279 3.91 -12.17 -8.50
CA SER A 279 3.26 -10.99 -9.08
C SER A 279 1.81 -11.40 -9.36
N GLN A 280 0.86 -10.85 -8.58
CA GLN A 280 -0.53 -11.28 -8.63
C GLN A 280 -1.55 -10.29 -9.20
N ASP A 281 -1.11 -9.22 -9.88
CA ASP A 281 -2.07 -8.26 -10.46
C ASP A 281 -2.70 -8.84 -11.72
N GLU A 282 -3.86 -8.26 -12.12
CA GLU A 282 -4.59 -8.64 -13.33
C GLU A 282 -3.65 -8.56 -14.54
N LYS A 283 -2.84 -7.48 -14.61
CA LYS A 283 -1.85 -7.25 -15.67
C LYS A 283 -0.76 -8.31 -15.64
N ASP A 284 -0.35 -8.76 -14.44
CA ASP A 284 0.68 -9.78 -14.27
C ASP A 284 0.23 -11.12 -14.84
N TYR A 285 -1.06 -11.47 -14.62
CA TYR A 285 -1.68 -12.70 -15.14
C TYR A 285 -1.74 -12.65 -16.66
N ILE A 286 -2.13 -11.49 -17.23
CA ILE A 286 -2.23 -11.25 -18.67
C ILE A 286 -0.84 -11.32 -19.33
N ASP A 287 0.15 -10.59 -18.80
CA ASP A 287 1.52 -10.54 -19.31
C ASP A 287 2.18 -11.91 -19.35
N ALA A 288 1.95 -12.76 -18.32
CA ALA A 288 2.49 -14.11 -18.24
C ALA A 288 1.96 -14.99 -19.36
N TYR A 289 0.64 -14.87 -19.67
CA TYR A 289 -0.07 -15.58 -20.72
C TYR A 289 0.45 -15.17 -22.09
N VAL A 290 0.55 -13.84 -22.34
CA VAL A 290 1.05 -13.28 -23.60
C VAL A 290 2.47 -13.78 -23.88
N SER A 291 3.35 -13.72 -22.86
CA SER A 291 4.76 -14.18 -22.91
C SER A 291 4.88 -15.64 -23.30
N ARG A 292 3.97 -16.50 -22.81
CA ARG A 292 3.95 -17.94 -23.10
C ARG A 292 3.51 -18.22 -24.54
N LEU A 293 2.57 -17.42 -25.07
CA LEU A 293 2.05 -17.60 -26.42
C LEU A 293 2.98 -17.03 -27.50
N LEU A 294 3.73 -15.96 -27.18
CA LEU A 294 4.58 -15.22 -28.12
C LEU A 294 5.63 -16.05 -28.86
N ASP A 295 6.22 -17.06 -28.22
CA ASP A 295 7.23 -17.91 -28.86
C ASP A 295 6.66 -18.80 -29.98
N ASP A 296 5.35 -19.13 -29.91
CA ASP A 296 4.64 -19.92 -30.93
C ASP A 296 3.86 -19.04 -31.90
N LEU A 297 3.53 -17.80 -31.49
CA LEU A 297 2.76 -16.85 -32.27
C LEU A 297 3.57 -16.24 -33.42
N VAL A 298 4.80 -15.77 -33.13
CA VAL A 298 5.69 -15.19 -34.14
C VAL A 298 6.97 -16.03 -34.19
N ILE A 299 7.20 -16.67 -35.34
CA ILE A 299 8.35 -17.57 -35.57
C ILE A 299 9.27 -17.03 -36.67
N VAL A 300 10.58 -17.02 -36.39
CA VAL A 300 11.61 -16.62 -37.36
C VAL A 300 12.29 -17.93 -37.79
N SER A 301 12.00 -18.37 -39.02
CA SER A 301 12.50 -19.65 -39.54
C SER A 301 12.91 -19.58 -41.00
N ASP A 302 13.81 -20.50 -41.41
CA ASP A 302 14.25 -20.67 -42.80
C ASP A 302 13.26 -21.67 -43.38
N GLY A 303 12.27 -21.15 -44.11
CA GLY A 303 11.19 -21.95 -44.68
C GLY A 303 10.05 -22.18 -43.70
N PRO A 304 8.94 -22.83 -44.13
CA PRO A 304 7.79 -23.05 -43.21
C PRO A 304 8.15 -23.72 -41.88
N PRO A 305 7.75 -23.14 -40.72
CA PRO A 305 8.12 -23.73 -39.42
C PRO A 305 7.61 -25.14 -39.17
N THR A 306 8.39 -25.94 -38.43
CA THR A 306 8.12 -27.33 -38.09
C THR A 306 7.91 -27.54 -36.58
N GLY A 307 7.30 -28.66 -36.22
CA GLY A 307 7.02 -29.03 -34.83
C GLY A 307 5.64 -28.62 -34.36
N TYR A 308 4.80 -28.22 -35.31
CA TYR A 308 3.43 -27.76 -35.08
C TYR A 308 2.43 -28.74 -35.72
N PRO A 309 1.24 -28.96 -35.12
CA PRO A 309 0.28 -29.90 -35.73
C PRO A 309 -0.18 -29.49 -37.13
N GLU A 310 -0.74 -30.43 -37.91
CA GLU A 310 -1.21 -30.17 -39.28
C GLU A 310 -2.34 -29.13 -39.32
N SER A 311 -3.13 -29.04 -38.23
CA SER A 311 -4.25 -28.12 -38.03
C SER A 311 -3.80 -26.66 -37.98
N ALA A 312 -2.51 -26.41 -37.61
CA ALA A 312 -1.90 -25.09 -37.50
C ALA A 312 -1.75 -24.41 -38.86
N GLU A 313 -2.16 -23.13 -38.93
CA GLU A 313 -2.09 -22.34 -40.15
C GLU A 313 -1.07 -21.20 -39.94
N ILE A 314 0.21 -21.53 -40.12
CA ILE A 314 1.34 -20.61 -39.97
C ILE A 314 1.61 -19.93 -41.34
N VAL A 315 1.28 -18.63 -41.41
CA VAL A 315 1.36 -17.79 -42.61
C VAL A 315 2.61 -16.88 -42.58
N GLU A 316 3.31 -16.75 -43.73
CA GLU A 316 4.47 -15.87 -43.87
C GLU A 316 3.98 -14.42 -43.88
N VAL A 317 4.63 -13.57 -43.07
CA VAL A 317 4.28 -12.15 -42.93
C VAL A 317 4.69 -11.40 -44.22
N PRO A 318 3.75 -10.69 -44.89
CA PRO A 318 4.11 -9.96 -46.11
C PRO A 318 4.99 -8.73 -45.87
N GLU A 319 5.50 -8.13 -46.96
CA GLU A 319 6.37 -6.95 -46.96
C GLU A 319 5.84 -5.76 -46.14
N ASP A 320 4.51 -5.53 -46.12
CA ASP A 320 3.90 -4.44 -45.37
C ASP A 320 3.73 -4.75 -43.87
N GLY A 321 3.92 -6.02 -43.50
CA GLY A 321 3.81 -6.48 -42.12
C GLY A 321 2.43 -6.89 -41.66
N ILE A 322 1.39 -6.63 -42.47
CA ILE A 322 0.00 -6.95 -42.12
C ILE A 322 -0.43 -8.35 -42.58
N VAL A 323 -0.90 -9.18 -41.63
CA VAL A 323 -1.44 -10.51 -41.87
C VAL A 323 -2.91 -10.43 -41.48
N SER A 324 -3.81 -10.79 -42.40
CA SER A 324 -5.25 -10.72 -42.16
C SER A 324 -5.85 -12.08 -41.79
N ILE A 325 -6.39 -12.19 -40.57
CA ILE A 325 -7.08 -13.39 -40.09
C ILE A 325 -8.53 -12.96 -40.07
N GLN A 326 -9.23 -13.18 -41.20
CA GLN A 326 -10.61 -12.74 -41.45
C GLN A 326 -10.68 -11.21 -41.38
N ASP A 327 -11.45 -10.66 -40.44
CA ASP A 327 -11.62 -9.20 -40.23
C ASP A 327 -10.49 -8.58 -39.37
N ALA A 328 -9.70 -9.43 -38.69
CA ALA A 328 -8.61 -8.98 -37.82
C ALA A 328 -7.28 -8.85 -38.56
N ASP A 329 -6.64 -7.67 -38.44
CA ASP A 329 -5.34 -7.38 -39.05
C ASP A 329 -4.26 -7.38 -37.97
N VAL A 330 -3.19 -8.18 -38.16
CA VAL A 330 -2.07 -8.31 -37.23
C VAL A 330 -0.81 -7.75 -37.88
N TYR A 331 -0.23 -6.70 -37.27
CA TYR A 331 0.99 -6.05 -37.77
C TYR A 331 2.22 -6.67 -37.09
N VAL A 332 3.04 -7.37 -37.88
CA VAL A 332 4.24 -8.04 -37.36
C VAL A 332 5.51 -7.52 -38.04
N LYS A 333 6.41 -6.93 -37.24
CA LYS A 333 7.68 -6.37 -37.75
C LYS A 333 8.85 -6.73 -36.82
N ILE A 334 9.74 -7.64 -37.26
CA ILE A 334 10.90 -8.09 -36.49
C ILE A 334 12.20 -7.60 -37.13
N ASP A 335 13.09 -6.97 -36.35
CA ASP A 335 14.38 -6.47 -36.80
C ASP A 335 15.45 -7.55 -36.76
N ASN A 336 16.56 -7.33 -37.52
CA ASN A 336 17.74 -8.20 -37.64
C ASN A 336 17.38 -9.67 -38.00
N VAL A 337 16.44 -9.82 -38.94
CA VAL A 337 16.02 -11.15 -39.42
C VAL A 337 17.06 -11.58 -40.48
N PRO A 338 17.68 -12.78 -40.35
CA PRO A 338 18.66 -13.22 -41.36
C PRO A 338 18.07 -13.32 -42.75
N ASP A 339 18.90 -13.07 -43.78
CA ASP A 339 18.51 -13.10 -45.19
C ASP A 339 17.93 -14.45 -45.64
N ASN A 340 18.44 -15.56 -45.05
CA ASN A 340 17.96 -16.91 -45.35
C ASN A 340 16.62 -17.23 -44.66
N MET A 341 16.24 -16.45 -43.63
CA MET A 341 15.02 -16.66 -42.85
C MET A 341 13.89 -15.65 -43.13
N SER A 342 12.65 -16.01 -42.72
CA SER A 342 11.43 -15.22 -42.89
C SER A 342 10.62 -15.14 -41.58
N VAL A 343 9.73 -14.13 -41.47
CA VAL A 343 8.87 -13.93 -40.30
C VAL A 343 7.52 -14.61 -40.59
N TYR A 344 7.10 -15.49 -39.66
CA TYR A 344 5.86 -16.27 -39.75
C TYR A 344 4.92 -15.96 -38.58
N LEU A 345 3.61 -15.98 -38.84
CA LEU A 345 2.58 -15.77 -37.82
C LEU A 345 1.65 -16.96 -37.74
N HIS A 346 1.44 -17.48 -36.51
CA HIS A 346 0.51 -18.56 -36.24
C HIS A 346 -0.89 -17.92 -36.21
N THR A 347 -1.70 -18.13 -37.25
CA THR A 347 -3.02 -17.51 -37.37
C THR A 347 -4.13 -18.20 -36.56
N ASN A 348 -3.85 -19.39 -35.98
CA ASN A 348 -4.84 -20.13 -35.19
C ASN A 348 -4.20 -20.88 -34.00
N LEU A 349 -3.38 -20.19 -33.17
CA LEU A 349 -2.69 -20.78 -32.02
C LEU A 349 -3.64 -21.54 -31.07
N LEU A 350 -4.78 -20.93 -30.75
CA LEU A 350 -5.84 -21.53 -29.94
C LEU A 350 -7.15 -21.09 -30.56
N MET A 351 -7.98 -22.07 -30.97
CA MET A 351 -9.25 -21.78 -31.60
C MET A 351 -10.36 -22.66 -31.05
N PHE A 352 -11.60 -22.12 -31.02
CA PHE A 352 -12.77 -22.79 -30.48
C PHE A 352 -14.04 -22.43 -31.22
N GLY A 353 -14.85 -23.43 -31.49
CA GLY A 353 -16.13 -23.31 -32.16
C GLY A 353 -16.97 -24.56 -31.97
N THR A 354 -18.29 -24.39 -31.81
CA THR A 354 -19.21 -25.52 -31.61
C THR A 354 -19.88 -25.98 -32.91
N ARG A 355 -19.64 -25.27 -34.01
CA ARG A 355 -20.17 -25.56 -35.33
C ARG A 355 -19.16 -25.14 -36.39
N LYS A 356 -19.01 -25.96 -37.45
CA LYS A 356 -18.12 -25.64 -38.57
C LYS A 356 -18.72 -24.50 -39.41
N ASN A 357 -17.85 -23.65 -40.00
CA ASN A 357 -18.20 -22.48 -40.82
C ASN A 357 -19.11 -21.49 -40.07
N SER A 358 -18.82 -21.28 -38.77
CA SER A 358 -19.55 -20.38 -37.89
C SER A 358 -18.56 -19.48 -37.14
N PHE A 359 -19.00 -18.86 -36.02
CA PHE A 359 -18.17 -17.99 -35.19
CA PHE A 359 -18.15 -17.99 -35.20
C PHE A 359 -17.02 -18.79 -34.57
N ILE A 360 -15.80 -18.25 -34.65
CA ILE A 360 -14.59 -18.86 -34.12
C ILE A 360 -13.97 -17.94 -33.06
N TYR A 361 -13.54 -18.51 -31.93
CA TYR A 361 -12.85 -17.78 -30.90
C TYR A 361 -11.37 -18.10 -31.10
N ASN A 362 -10.65 -17.20 -31.78
CA ASN A 362 -9.24 -17.39 -32.10
C ASN A 362 -8.38 -16.45 -31.26
N ILE A 363 -7.41 -17.02 -30.50
CA ILE A 363 -6.53 -16.23 -29.65
C ILE A 363 -5.57 -15.36 -30.48
N SER A 364 -5.19 -15.81 -31.69
CA SER A 364 -4.30 -15.07 -32.58
C SER A 364 -4.95 -13.78 -33.06
N LYS A 365 -6.30 -13.79 -33.18
CA LYS A 365 -7.10 -12.63 -33.58
C LYS A 365 -7.13 -11.53 -32.50
N LYS A 366 -6.74 -11.88 -31.24
CA LYS A 366 -6.70 -10.95 -30.11
C LYS A 366 -5.41 -10.09 -30.10
N PHE A 367 -4.55 -10.25 -31.12
CA PHE A 367 -3.29 -9.51 -31.27
C PHE A 367 -3.41 -8.56 -32.46
N SER A 368 -2.96 -7.30 -32.27
CA SER A 368 -3.02 -6.29 -33.33
C SER A 368 -1.64 -5.85 -33.82
N ALA A 369 -0.64 -5.83 -32.91
CA ALA A 369 0.73 -5.45 -33.25
C ALA A 369 1.77 -6.19 -32.42
N ILE A 370 2.82 -6.68 -33.10
CA ILE A 370 3.95 -7.40 -32.50
C ILE A 370 5.26 -6.86 -33.11
N THR A 371 6.12 -6.28 -32.26
CA THR A 371 7.43 -5.76 -32.69
C THR A 371 8.55 -6.37 -31.84
N GLY A 372 9.72 -6.51 -32.43
CA GLY A 372 10.88 -7.09 -31.76
C GLY A 372 12.14 -7.14 -32.59
N THR A 373 13.18 -7.76 -32.04
CA THR A 373 14.47 -7.91 -32.70
C THR A 373 14.94 -9.36 -32.54
N TYR A 374 15.39 -9.96 -33.65
CA TYR A 374 15.92 -11.32 -33.64
C TYR A 374 17.37 -11.28 -33.13
N SER A 375 17.70 -12.20 -32.23
CA SER A 375 19.05 -12.33 -31.68
C SER A 375 19.80 -13.45 -32.43
N ASP A 376 20.90 -13.09 -33.10
CA ASP A 376 21.73 -14.04 -33.83
C ASP A 376 22.47 -14.96 -32.84
N ALA A 377 22.91 -14.38 -31.70
CA ALA A 377 23.65 -15.07 -30.65
C ALA A 377 22.87 -16.20 -29.97
N THR A 378 21.62 -15.94 -29.56
CA THR A 378 20.76 -16.93 -28.87
C THR A 378 19.76 -17.62 -29.81
N LYS A 379 19.72 -17.20 -31.10
CA LYS A 379 18.86 -17.74 -32.17
C LYS A 379 17.36 -17.70 -31.78
N ARG A 380 16.93 -16.61 -31.14
CA ARG A 380 15.56 -16.39 -30.71
C ARG A 380 15.12 -14.93 -30.88
N THR A 381 13.79 -14.69 -30.92
CA THR A 381 13.22 -13.34 -31.06
C THR A 381 13.05 -12.71 -29.68
N ILE A 382 13.48 -11.45 -29.54
CA ILE A 382 13.36 -10.67 -28.32
C ILE A 382 12.29 -9.59 -28.59
N PHE A 383 11.05 -9.85 -28.13
CA PHE A 383 9.89 -8.98 -28.34
C PHE A 383 9.99 -7.67 -27.56
N ALA A 384 9.65 -6.56 -28.22
CA ALA A 384 9.72 -5.21 -27.64
C ALA A 384 8.36 -4.69 -27.16
N HIS A 385 7.41 -4.50 -28.12
CA HIS A 385 6.08 -3.97 -27.83
CA HIS A 385 6.08 -4.02 -27.77
C HIS A 385 5.01 -4.87 -28.41
N ILE A 386 3.97 -5.19 -27.61
CA ILE A 386 2.84 -6.03 -28.01
C ILE A 386 1.53 -5.27 -27.77
N SER A 387 0.71 -5.13 -28.83
CA SER A 387 -0.63 -4.53 -28.76
C SER A 387 -1.61 -5.69 -28.88
N HIS A 388 -2.43 -5.90 -27.84
CA HIS A 388 -3.38 -7.01 -27.78
C HIS A 388 -4.62 -6.68 -26.95
N SER A 389 -5.60 -7.60 -26.96
CA SER A 389 -6.85 -7.49 -26.22
C SER A 389 -7.09 -8.72 -25.31
N ILE A 390 -6.00 -9.39 -24.87
CA ILE A 390 -6.03 -10.53 -23.97
C ILE A 390 -6.57 -10.05 -22.62
N ASN A 391 -7.53 -10.79 -22.04
CA ASN A 391 -8.16 -10.46 -20.76
C ASN A 391 -7.86 -11.51 -19.70
N ILE A 392 -8.33 -11.26 -18.45
CA ILE A 392 -8.14 -12.14 -17.30
C ILE A 392 -8.83 -13.51 -17.51
N ILE A 393 -9.90 -13.55 -18.33
CA ILE A 393 -10.65 -14.76 -18.63
C ILE A 393 -9.79 -15.74 -19.46
N ASP A 394 -9.06 -15.22 -20.47
CA ASP A 394 -8.17 -16.01 -21.33
C ASP A 394 -7.12 -16.77 -20.54
N THR A 395 -6.54 -16.10 -19.52
CA THR A 395 -5.52 -16.65 -18.63
C THR A 395 -6.11 -17.70 -17.67
N SER A 396 -7.45 -17.66 -17.48
CA SER A 396 -8.20 -18.54 -16.57
C SER A 396 -8.89 -19.73 -17.25
N ILE A 397 -8.72 -19.88 -18.58
CA ILE A 397 -9.32 -20.99 -19.31
C ILE A 397 -8.47 -22.25 -19.11
N PRO A 398 -9.04 -23.35 -18.55
CA PRO A 398 -8.28 -24.60 -18.44
C PRO A 398 -8.02 -25.16 -19.85
N VAL A 399 -6.82 -25.74 -20.06
CA VAL A 399 -6.36 -26.30 -21.34
C VAL A 399 -7.33 -27.34 -21.91
N SER A 400 -7.97 -28.16 -21.02
CA SER A 400 -8.94 -29.21 -21.37
C SER A 400 -10.06 -28.69 -22.23
N LEU A 401 -10.57 -27.48 -21.93
CA LEU A 401 -11.69 -26.88 -22.64
C LEU A 401 -11.35 -26.48 -24.08
N TRP A 402 -10.07 -26.21 -24.37
CA TRP A 402 -9.64 -25.85 -25.73
C TRP A 402 -9.71 -27.08 -26.64
N THR A 403 -9.48 -28.29 -26.08
CA THR A 403 -9.49 -29.56 -26.80
C THR A 403 -10.70 -30.43 -26.44
N SER A 404 -11.79 -29.81 -25.98
CA SER A 404 -13.02 -30.51 -25.59
C SER A 404 -13.79 -31.06 -26.79
N GLN A 405 -14.69 -32.04 -26.54
CA GLN A 405 -15.53 -32.66 -27.56
C GLN A 405 -16.42 -31.61 -28.25
N ARG A 406 -16.87 -30.57 -27.49
CA ARG A 406 -17.69 -29.44 -27.98
C ARG A 406 -16.99 -28.69 -29.14
N ASN A 407 -15.64 -28.72 -29.18
CA ASN A 407 -14.84 -28.03 -30.18
C ASN A 407 -14.66 -28.82 -31.49
N VAL A 408 -15.16 -28.24 -32.60
CA VAL A 408 -15.07 -28.80 -33.95
C VAL A 408 -13.63 -28.74 -34.51
N TYR A 409 -12.77 -27.96 -33.84
CA TYR A 409 -11.37 -27.77 -34.23
C TYR A 409 -10.45 -28.57 -33.31
N ASN A 410 -9.16 -28.66 -33.68
CA ASN A 410 -8.15 -29.33 -32.86
C ASN A 410 -8.02 -28.56 -31.55
N GLY A 411 -8.09 -27.22 -31.65
CA GLY A 411 -8.09 -26.30 -30.52
C GLY A 411 -6.74 -25.80 -30.08
N ASP A 412 -5.89 -26.71 -29.60
CA ASP A 412 -4.55 -26.40 -29.13
C ASP A 412 -3.53 -26.68 -30.25
N ASN A 413 -3.16 -25.62 -30.98
CA ASN A 413 -2.20 -25.73 -32.08
C ASN A 413 -0.80 -25.24 -31.70
N ARG A 414 -0.50 -25.22 -30.38
CA ARG A 414 0.80 -24.85 -29.83
C ARG A 414 1.82 -25.97 -30.07
N SER A 415 3.11 -25.68 -29.88
CA SER A 415 4.19 -26.66 -30.00
C SER A 415 4.17 -27.59 -28.78
N ALA A 416 4.87 -28.74 -28.87
CA ALA A 416 4.95 -29.72 -27.77
C ALA A 416 5.75 -29.12 -26.59
N GLU A 417 6.70 -28.22 -26.90
CA GLU A 417 7.58 -27.51 -25.96
C GLU A 417 6.74 -26.60 -25.06
N SER A 418 5.75 -25.88 -25.65
CA SER A 418 4.83 -24.99 -24.96
C SER A 418 3.86 -25.78 -24.09
N LYS A 419 3.25 -26.85 -24.65
CA LYS A 419 2.29 -27.73 -23.97
C LYS A 419 2.90 -28.41 -22.74
N ALA A 420 4.21 -28.71 -22.79
CA ALA A 420 4.96 -29.35 -21.69
C ALA A 420 5.18 -28.38 -20.51
N LYS A 421 5.12 -27.06 -20.77
CA LYS A 421 5.29 -26.01 -19.78
C LYS A 421 3.98 -25.66 -19.04
N ASP A 422 2.83 -26.30 -19.42
CA ASP A 422 1.52 -26.08 -18.79
C ASP A 422 1.57 -26.47 -17.31
N LEU A 423 0.87 -25.69 -16.48
CA LEU A 423 0.89 -25.87 -15.02
C LEU A 423 -0.44 -26.28 -14.45
N PHE A 424 -0.38 -27.17 -13.45
CA PHE A 424 -1.53 -27.66 -12.70
C PHE A 424 -1.81 -26.68 -11.57
N ILE A 425 -3.00 -26.10 -11.55
CA ILE A 425 -3.44 -25.16 -10.50
C ILE A 425 -4.71 -25.73 -9.89
N ASN A 426 -4.65 -26.02 -8.59
CA ASN A 426 -5.76 -26.60 -7.83
C ASN A 426 -6.13 -25.76 -6.61
N ASP A 427 -5.82 -24.43 -6.64
CA ASP A 427 -6.11 -23.49 -5.55
C ASP A 427 -7.57 -23.66 -5.08
N PRO A 428 -7.76 -23.99 -3.79
CA PRO A 428 -9.14 -24.26 -3.33
C PRO A 428 -10.02 -23.04 -3.08
N PHE A 429 -9.45 -21.81 -3.06
CA PHE A 429 -10.20 -20.60 -2.72
C PHE A 429 -10.44 -19.62 -3.89
N ILE A 430 -10.51 -20.14 -5.14
CA ILE A 430 -10.79 -19.31 -6.32
C ILE A 430 -12.28 -18.92 -6.29
N LYS A 431 -12.59 -17.67 -6.67
CA LYS A 431 -13.97 -17.16 -6.73
C LYS A 431 -14.27 -16.65 -8.15
N GLY A 432 -15.55 -16.74 -8.55
CA GLY A 432 -15.99 -16.31 -9.87
C GLY A 432 -15.62 -17.27 -10.97
N ILE A 433 -15.27 -16.75 -12.16
CA ILE A 433 -14.88 -17.59 -13.32
C ILE A 433 -13.45 -17.28 -13.81
N ASP A 434 -12.74 -16.37 -13.10
CA ASP A 434 -11.36 -15.99 -13.41
C ASP A 434 -10.51 -15.97 -12.14
N PHE A 435 -9.17 -16.05 -12.30
CA PHE A 435 -8.21 -16.09 -11.18
C PHE A 435 -8.22 -14.86 -10.26
N LYS A 436 -8.76 -13.72 -10.74
CA LYS A 436 -8.83 -12.47 -9.97
C LYS A 436 -10.23 -12.13 -9.46
N ASN A 437 -11.25 -12.95 -9.83
CA ASN A 437 -12.67 -12.74 -9.48
C ASN A 437 -13.16 -11.36 -10.02
N LYS A 438 -12.65 -10.98 -11.21
CA LYS A 438 -12.91 -9.72 -11.88
C LYS A 438 -14.30 -9.69 -12.50
N THR A 439 -14.65 -10.73 -13.25
CA THR A 439 -15.93 -10.81 -13.96
C THR A 439 -17.07 -11.08 -13.00
N ASP A 440 -18.04 -10.15 -12.97
CA ASP A 440 -19.24 -10.29 -12.16
C ASP A 440 -20.23 -11.08 -13.00
N ILE A 441 -20.52 -12.31 -12.58
CA ILE A 441 -21.40 -13.20 -13.32
C ILE A 441 -22.84 -13.20 -12.76
N ILE A 442 -23.04 -12.60 -11.58
CA ILE A 442 -24.38 -12.49 -10.98
C ILE A 442 -25.04 -11.20 -11.48
N SER A 443 -26.21 -11.35 -12.13
CA SER A 443 -26.97 -10.23 -12.68
C SER A 443 -28.05 -9.75 -11.70
N ARG A 444 -28.55 -10.64 -10.83
CA ARG A 444 -29.59 -10.35 -9.84
C ARG A 444 -29.48 -11.29 -8.65
N LEU A 445 -29.75 -10.78 -7.44
CA LEU A 445 -29.75 -11.53 -6.18
C LEU A 445 -31.11 -11.37 -5.50
N GLU A 446 -31.69 -12.49 -5.04
CA GLU A 446 -32.96 -12.56 -4.34
C GLU A 446 -32.77 -13.39 -3.08
N VAL A 447 -33.06 -12.79 -1.93
CA VAL A 447 -32.95 -13.45 -0.64
C VAL A 447 -34.34 -13.52 -0.02
N ARG A 448 -34.80 -14.75 0.27
CA ARG A 448 -36.10 -14.99 0.91
C ARG A 448 -35.93 -15.57 2.30
N PHE A 449 -36.66 -15.00 3.27
CA PHE A 449 -36.72 -15.48 4.65
C PHE A 449 -38.09 -16.13 4.75
N GLY A 450 -38.09 -17.46 4.73
CA GLY A 450 -39.31 -18.24 4.67
C GLY A 450 -39.76 -18.22 3.23
N ASN A 451 -40.86 -17.49 2.95
CA ASN A 451 -41.41 -17.34 1.61
C ASN A 451 -41.45 -15.87 1.19
N ASP A 452 -41.31 -14.95 2.16
CA ASP A 452 -41.30 -13.51 1.95
C ASP A 452 -39.93 -13.02 1.48
N VAL A 453 -39.91 -12.01 0.60
CA VAL A 453 -38.68 -11.41 0.05
C VAL A 453 -38.04 -10.48 1.10
N LEU A 454 -36.91 -10.90 1.68
CA LEU A 454 -36.14 -10.12 2.66
C LEU A 454 -35.34 -9.01 1.99
N TYR A 455 -34.72 -9.32 0.83
CA TYR A 455 -33.88 -8.40 0.08
C TYR A 455 -33.71 -8.85 -1.36
N SER A 456 -33.62 -7.89 -2.29
CA SER A 456 -33.35 -8.14 -3.70
C SER A 456 -32.53 -6.98 -4.26
N GLU A 457 -31.66 -7.27 -5.23
CA GLU A 457 -30.80 -6.28 -5.90
C GLU A 457 -30.43 -6.68 -7.32
N ASN A 458 -30.25 -5.69 -8.20
CA ASN A 458 -29.85 -5.88 -9.59
C ASN A 458 -28.37 -5.52 -9.76
N GLY A 459 -27.86 -4.67 -8.87
CA GLY A 459 -26.46 -4.25 -8.83
C GLY A 459 -25.78 -4.76 -7.58
N PRO A 460 -24.44 -4.92 -7.56
CA PRO A 460 -23.79 -5.46 -6.35
C PRO A 460 -23.59 -4.42 -5.24
N ILE A 461 -24.67 -3.72 -4.87
CA ILE A 461 -24.67 -2.68 -3.83
C ILE A 461 -24.38 -3.30 -2.44
N SER A 462 -24.77 -4.57 -2.21
CA SER A 462 -24.48 -5.27 -0.96
C SER A 462 -22.97 -5.54 -0.86
N ARG A 463 -22.29 -5.77 -2.01
CA ARG A 463 -20.83 -5.97 -2.06
C ARG A 463 -20.10 -4.64 -1.78
N ILE A 464 -20.63 -3.53 -2.35
CA ILE A 464 -20.11 -2.18 -2.17
C ILE A 464 -20.16 -1.82 -0.67
N TYR A 465 -21.30 -2.14 -0.01
CA TYR A 465 -21.47 -1.89 1.42
C TYR A 465 -20.55 -2.76 2.24
N ASN A 466 -20.34 -4.02 1.82
CA ASN A 466 -19.45 -4.94 2.52
C ASN A 466 -18.02 -4.39 2.48
N GLU A 467 -17.56 -3.99 1.28
CA GLU A 467 -16.22 -3.44 1.05
C GLU A 467 -16.00 -2.13 1.82
N LEU A 468 -17.02 -1.24 1.87
CA LEU A 468 -16.95 0.02 2.60
C LEU A 468 -16.93 -0.18 4.12
N LEU A 469 -17.86 -0.99 4.66
CA LEU A 469 -17.98 -1.24 6.10
C LEU A 469 -16.84 -2.07 6.68
N THR A 470 -16.25 -2.98 5.89
CA THR A 470 -15.16 -3.84 6.37
C THR A 470 -13.78 -3.34 5.91
N LYS A 471 -13.73 -2.21 5.17
CA LYS A 471 -12.49 -1.60 4.65
C LYS A 471 -11.65 -2.62 3.87
N SER A 472 -12.33 -3.45 3.05
CA SER A 472 -11.73 -4.52 2.26
C SER A 472 -11.86 -4.21 0.76
N ASN A 473 -10.91 -4.70 -0.04
CA ASN A 473 -10.91 -4.50 -1.49
C ASN A 473 -11.48 -5.73 -2.20
N ASN A 474 -11.63 -6.85 -1.46
CA ASN A 474 -12.16 -8.11 -1.98
C ASN A 474 -13.31 -8.63 -1.12
N GLY A 475 -14.46 -7.99 -1.24
CA GLY A 475 -15.68 -8.34 -0.52
C GLY A 475 -16.64 -9.18 -1.34
N THR A 476 -17.77 -9.56 -0.72
CA THR A 476 -18.83 -10.37 -1.33
C THR A 476 -20.18 -9.70 -1.10
N ARG A 477 -21.22 -10.16 -1.82
CA ARG A 477 -22.59 -9.66 -1.63
C ARG A 477 -22.99 -10.12 -0.24
N THR A 478 -22.96 -9.17 0.72
CA THR A 478 -23.24 -9.45 2.12
C THR A 478 -24.39 -8.62 2.68
N LEU A 479 -25.29 -9.29 3.40
CA LEU A 479 -26.42 -8.66 4.08
C LEU A 479 -26.12 -8.68 5.56
N THR A 480 -25.79 -7.52 6.12
CA THR A 480 -25.45 -7.37 7.53
C THR A 480 -26.70 -6.94 8.30
N PHE A 481 -27.03 -7.70 9.36
CA PHE A 481 -28.17 -7.40 10.21
C PHE A 481 -27.71 -6.78 11.53
N ASN A 482 -26.43 -6.99 11.92
CA ASN A 482 -25.86 -6.48 13.17
C ASN A 482 -24.94 -5.28 12.96
N PHE A 483 -25.37 -4.10 13.41
CA PHE A 483 -24.63 -2.84 13.34
C PHE A 483 -24.33 -2.35 14.76
N THR A 484 -24.60 -3.21 15.76
CA THR A 484 -24.40 -2.97 17.19
C THR A 484 -22.95 -3.35 17.58
N PRO A 485 -22.24 -2.57 18.45
CA PRO A 485 -20.87 -2.94 18.83
C PRO A 485 -20.79 -4.34 19.43
N LYS A 486 -19.75 -5.11 19.03
CA LYS A 486 -19.57 -6.48 19.49
C LYS A 486 -19.04 -6.55 20.95
N ILE A 487 -19.28 -7.72 21.58
CA ILE A 487 -18.86 -8.11 22.94
C ILE A 487 -19.64 -7.35 24.03
N PHE A 488 -19.65 -6.01 23.98
CA PHE A 488 -20.33 -5.16 24.97
C PHE A 488 -21.86 -5.16 24.83
N PHE A 489 -22.39 -5.59 23.68
CA PHE A 489 -23.82 -5.68 23.42
C PHE A 489 -24.17 -7.04 22.85
N ARG A 490 -25.43 -7.46 23.06
CA ARG A 490 -25.98 -8.68 22.48
C ARG A 490 -26.22 -8.36 20.99
N PRO A 491 -25.69 -9.15 20.03
CA PRO A 491 -25.88 -8.82 18.62
C PRO A 491 -27.33 -8.79 18.12
N THR A 492 -27.63 -7.84 17.21
CA THR A 492 -28.91 -7.67 16.54
C THR A 492 -29.00 -8.73 15.43
N THR A 493 -30.14 -9.42 15.32
CA THR A 493 -30.33 -10.52 14.35
C THR A 493 -31.71 -10.50 13.68
N ILE A 494 -31.87 -11.35 12.63
CA ILE A 494 -33.16 -11.58 11.98
C ILE A 494 -33.92 -12.52 12.90
N THR A 495 -35.24 -12.35 12.99
CA THR A 495 -36.03 -13.17 13.90
C THR A 495 -36.92 -14.15 13.15
N ALA A 496 -36.83 -15.43 13.53
CA ALA A 496 -37.63 -16.50 12.94
C ALA A 496 -39.08 -16.47 13.44
N ASN A 497 -39.96 -17.19 12.72
CA ASN A 497 -41.38 -17.36 13.05
C ASN A 497 -41.78 -18.75 12.52
N VAL A 498 -41.45 -19.80 13.31
CA VAL A 498 -41.69 -21.21 12.97
C VAL A 498 -43.17 -21.44 12.58
N SER A 499 -44.10 -20.82 13.33
CA SER A 499 -45.55 -20.90 13.07
C SER A 499 -45.92 -20.41 11.65
N ARG A 500 -45.26 -19.33 11.18
CA ARG A 500 -45.45 -18.76 9.85
C ARG A 500 -44.54 -19.40 8.77
N GLY A 501 -43.65 -20.30 9.19
CA GLY A 501 -42.71 -21.00 8.31
C GLY A 501 -41.46 -20.22 7.94
N LYS A 502 -41.23 -19.09 8.65
CA LYS A 502 -40.10 -18.18 8.45
C LYS A 502 -38.88 -18.62 9.30
N ASP A 503 -38.25 -19.75 8.92
CA ASP A 503 -37.07 -20.24 9.64
C ASP A 503 -35.98 -20.76 8.68
N LYS A 504 -35.90 -20.17 7.48
CA LYS A 504 -34.92 -20.53 6.47
C LYS A 504 -34.58 -19.37 5.56
N LEU A 505 -33.35 -19.34 5.06
CA LEU A 505 -32.91 -18.32 4.13
C LEU A 505 -32.63 -18.98 2.79
N SER A 506 -33.43 -18.60 1.79
CA SER A 506 -33.35 -19.12 0.43
C SER A 506 -32.75 -18.07 -0.50
N VAL A 507 -31.70 -18.45 -1.23
CA VAL A 507 -31.01 -17.57 -2.16
C VAL A 507 -31.29 -18.03 -3.58
N ARG A 508 -31.71 -17.09 -4.44
CA ARG A 508 -31.91 -17.28 -5.86
C ARG A 508 -31.14 -16.18 -6.57
N VAL A 509 -30.25 -16.57 -7.49
CA VAL A 509 -29.49 -15.63 -8.29
C VAL A 509 -29.88 -15.81 -9.75
N VAL A 510 -29.57 -14.82 -10.57
CA VAL A 510 -29.79 -14.86 -11.99
C VAL A 510 -28.40 -14.65 -12.58
N TYR A 511 -27.81 -15.72 -13.12
CA TYR A 511 -26.48 -15.62 -13.72
C TYR A 511 -26.59 -15.04 -15.10
N SER A 512 -25.60 -14.24 -15.51
CA SER A 512 -25.53 -13.75 -16.88
C SER A 512 -24.98 -14.93 -17.72
N THR A 513 -25.45 -15.06 -18.97
CA THR A 513 -25.02 -16.17 -19.83
C THR A 513 -23.91 -15.76 -20.77
N MET A 514 -22.88 -16.62 -20.83
CA MET A 514 -21.69 -16.47 -21.66
C MET A 514 -22.02 -16.90 -23.11
N ASP A 515 -21.12 -16.58 -24.07
CA ASP A 515 -21.28 -16.99 -25.46
C ASP A 515 -20.84 -18.46 -25.54
N VAL A 516 -21.67 -19.32 -26.15
CA VAL A 516 -21.41 -20.75 -26.29
C VAL A 516 -20.14 -21.07 -27.09
N ASN A 517 -19.64 -20.12 -27.91
CA ASN A 517 -18.43 -20.30 -28.73
C ASN A 517 -17.18 -19.76 -28.04
N HIS A 518 -17.32 -19.42 -26.75
CA HIS A 518 -16.23 -18.95 -25.90
C HIS A 518 -15.93 -20.09 -24.93
N PRO A 519 -14.66 -20.52 -24.79
CA PRO A 519 -14.35 -21.66 -23.89
C PRO A 519 -14.76 -21.48 -22.43
N ILE A 520 -14.89 -20.24 -21.93
CA ILE A 520 -15.24 -19.94 -20.54
C ILE A 520 -16.69 -20.35 -20.19
N TYR A 521 -17.57 -20.48 -21.21
CA TYR A 521 -18.97 -20.92 -21.04
C TYR A 521 -19.01 -22.31 -20.37
N TYR A 522 -17.98 -23.14 -20.64
CA TYR A 522 -17.86 -24.51 -20.19
C TYR A 522 -17.20 -24.65 -18.81
N VAL A 523 -16.81 -23.51 -18.17
CA VAL A 523 -16.31 -23.52 -16.80
C VAL A 523 -17.55 -23.64 -15.89
N GLN A 524 -17.61 -24.71 -15.09
CA GLN A 524 -18.72 -24.98 -14.16
C GLN A 524 -18.72 -23.96 -12.99
N LYS A 525 -19.92 -23.63 -12.47
CA LYS A 525 -20.11 -22.67 -11.39
C LYS A 525 -20.72 -23.36 -10.17
N GLN A 526 -20.50 -22.79 -8.98
CA GLN A 526 -21.10 -23.25 -7.72
C GLN A 526 -21.44 -22.04 -6.87
N LEU A 527 -22.69 -22.00 -6.37
CA LEU A 527 -23.17 -20.91 -5.52
C LEU A 527 -22.84 -21.23 -4.06
N VAL A 528 -22.21 -20.28 -3.36
CA VAL A 528 -21.84 -20.41 -1.95
C VAL A 528 -22.64 -19.40 -1.15
N VAL A 529 -23.35 -19.89 -0.13
CA VAL A 529 -24.15 -19.08 0.78
C VAL A 529 -23.62 -19.30 2.20
N VAL A 530 -23.18 -18.21 2.85
CA VAL A 530 -22.61 -18.25 4.21
C VAL A 530 -23.54 -17.52 5.16
N CYS A 531 -23.94 -18.19 6.24
CA CYS A 531 -24.84 -17.67 7.27
C CYS A 531 -24.17 -17.69 8.65
N ASN A 532 -24.18 -16.56 9.37
CA ASN A 532 -23.60 -16.45 10.71
C ASN A 532 -24.73 -16.51 11.74
N ASP A 533 -24.84 -17.62 12.47
CA ASP A 533 -25.87 -17.79 13.48
C ASP A 533 -25.38 -17.35 14.84
N LEU A 534 -26.28 -16.81 15.66
CA LEU A 534 -25.94 -16.37 17.00
C LEU A 534 -26.11 -17.50 18.01
N TYR A 535 -25.09 -17.69 18.86
CA TYR A 535 -25.04 -18.67 19.93
C TYR A 535 -24.70 -17.98 21.25
N LYS A 536 -25.18 -18.54 22.39
CA LYS A 536 -24.86 -18.03 23.72
C LYS A 536 -23.81 -18.92 24.34
N VAL A 537 -22.72 -18.31 24.85
CA VAL A 537 -21.64 -19.05 25.50
C VAL A 537 -21.92 -19.11 26.99
N SER A 538 -22.02 -20.34 27.51
CA SER A 538 -22.26 -20.63 28.93
C SER A 538 -21.01 -21.30 29.49
N TYR A 539 -20.59 -20.89 30.70
CA TYR A 539 -19.42 -21.48 31.34
C TYR A 539 -19.82 -22.31 32.57
N ASP A 540 -21.15 -22.46 32.81
CA ASP A 540 -21.73 -23.22 33.92
C ASP A 540 -21.43 -24.72 33.74
N GLN A 541 -20.48 -25.23 34.57
CA GLN A 541 -19.98 -26.61 34.55
C GLN A 541 -19.46 -26.99 33.16
N GLY A 542 -18.36 -26.33 32.78
CA GLY A 542 -17.71 -26.50 31.48
C GLY A 542 -18.19 -25.48 30.45
N VAL A 543 -17.40 -25.30 29.39
CA VAL A 543 -17.74 -24.37 28.30
C VAL A 543 -18.73 -25.07 27.37
N SER A 544 -19.83 -24.38 27.05
CA SER A 544 -20.87 -24.89 26.15
C SER A 544 -21.56 -23.75 25.41
N ILE A 545 -22.05 -24.05 24.19
CA ILE A 545 -22.78 -23.08 23.37
C ILE A 545 -24.23 -23.52 23.18
N THR A 546 -25.15 -22.56 23.05
CA THR A 546 -26.57 -22.80 22.86
C THR A 546 -27.08 -21.90 21.72
N LYS A 547 -27.70 -22.50 20.70
CA LYS A 547 -28.24 -21.76 19.55
C LYS A 547 -29.43 -20.90 19.98
N ILE A 548 -29.44 -19.62 19.59
CA ILE A 548 -30.52 -18.68 19.92
C ILE A 548 -31.74 -18.93 19.01
N MET A 549 -32.93 -19.10 19.63
CA MET A 549 -34.19 -19.37 18.93
C MET A 549 -35.14 -18.18 19.01
N GLY B 1 -43.78 -0.41 1.64
CA GLY B 1 -43.06 0.69 0.98
C GLY B 1 -41.61 0.35 0.72
N ALA B 2 -40.69 1.22 1.19
CA ALA B 2 -39.24 1.05 1.06
C ALA B 2 -38.79 -0.12 1.96
N MET B 3 -39.26 -0.14 3.22
CA MET B 3 -39.00 -1.23 4.15
C MET B 3 -39.84 -2.42 3.73
N ASN B 4 -39.24 -3.62 3.68
CA ASN B 4 -39.94 -4.84 3.28
C ASN B 4 -40.90 -5.32 4.35
N ASN B 5 -42.10 -5.77 3.94
CA ASN B 5 -43.20 -6.23 4.79
C ASN B 5 -42.78 -7.28 5.82
N THR B 6 -41.85 -8.19 5.45
CA THR B 6 -41.30 -9.23 6.31
C THR B 6 -40.60 -8.65 7.55
N ILE B 7 -39.85 -7.53 7.38
CA ILE B 7 -39.12 -6.83 8.45
C ILE B 7 -40.12 -6.13 9.37
N ILE B 8 -41.12 -5.43 8.77
CA ILE B 8 -42.17 -4.68 9.46
C ILE B 8 -42.96 -5.57 10.43
N ASN B 9 -43.43 -6.74 9.93
CA ASN B 9 -44.20 -7.72 10.70
C ASN B 9 -43.37 -8.37 11.80
N SER B 10 -42.06 -8.60 11.55
CA SER B 10 -41.11 -9.20 12.48
C SER B 10 -40.89 -8.34 13.74
N LEU B 11 -40.94 -7.00 13.57
CA LEU B 11 -40.77 -6.03 14.65
C LEU B 11 -42.09 -5.64 15.31
N ILE B 12 -43.10 -5.26 14.50
CA ILE B 12 -44.43 -4.89 15.00
C ILE B 12 -45.21 -6.14 15.38
N ASP B 16 -41.37 -5.37 24.19
CA ASP B 16 -41.52 -4.10 24.90
C ASP B 16 -41.32 -4.24 26.42
N SER B 17 -41.15 -5.49 26.93
CA SER B 17 -41.01 -5.79 28.36
C SER B 17 -39.58 -5.62 28.93
N ILE B 18 -38.54 -5.97 28.13
CA ILE B 18 -37.13 -5.91 28.52
C ILE B 18 -36.53 -4.49 28.49
N LYS B 19 -35.63 -4.18 29.46
CA LYS B 19 -34.90 -2.90 29.55
C LYS B 19 -33.80 -2.91 28.47
N ARG B 20 -33.72 -1.85 27.65
CA ARG B 20 -32.77 -1.78 26.54
C ARG B 20 -31.80 -0.60 26.58
N SER B 21 -30.53 -0.85 26.23
CA SER B 21 -29.50 0.17 26.12
C SER B 21 -29.67 0.88 24.78
N ASN B 22 -29.71 2.22 24.81
CA ASN B 22 -29.91 3.03 23.62
C ASN B 22 -28.69 3.02 22.70
N VAL B 23 -28.87 2.48 21.48
CA VAL B 23 -27.82 2.40 20.46
C VAL B 23 -28.07 3.40 19.31
N PHE B 24 -29.13 4.23 19.43
CA PHE B 24 -29.48 5.21 18.40
C PHE B 24 -29.31 6.66 18.84
N ALA B 25 -29.00 6.91 20.12
CA ALA B 25 -28.79 8.24 20.66
C ALA B 25 -27.90 8.19 21.89
N VAL B 26 -27.17 9.28 22.15
CA VAL B 26 -26.27 9.38 23.30
C VAL B 26 -26.25 10.81 23.87
N ASP B 27 -26.08 10.93 25.21
CA ASP B 27 -26.00 12.20 25.91
C ASP B 27 -24.64 12.84 25.64
N SER B 28 -24.62 13.93 24.86
CA SER B 28 -23.40 14.65 24.49
C SER B 28 -22.84 15.38 25.73
N GLN B 29 -21.95 14.70 26.47
CA GLN B 29 -21.29 15.20 27.68
C GLN B 29 -20.46 16.45 27.41
N ILE B 30 -20.54 17.45 28.31
CA ILE B 30 -19.76 18.69 28.18
C ILE B 30 -18.31 18.37 28.61
N PRO B 31 -17.32 18.52 27.73
CA PRO B 31 -15.93 18.21 28.14
C PRO B 31 -15.28 19.35 28.91
N THR B 32 -14.05 19.11 29.40
CA THR B 32 -13.23 20.10 30.08
C THR B 32 -13.01 21.25 29.10
N LEU B 33 -13.17 22.51 29.57
CA LEU B 33 -12.96 23.67 28.72
C LEU B 33 -11.47 23.85 28.49
N TYR B 34 -11.05 23.74 27.22
CA TYR B 34 -9.65 23.88 26.83
C TYR B 34 -9.53 24.50 25.45
N MET B 35 -8.29 24.86 25.07
CA MET B 35 -7.99 25.42 23.77
C MET B 35 -6.61 24.96 23.29
N PRO B 36 -6.53 24.22 22.15
CA PRO B 36 -5.21 23.77 21.67
C PRO B 36 -4.49 24.83 20.82
N GLN B 37 -3.17 24.69 20.69
CA GLN B 37 -2.32 25.57 19.88
C GLN B 37 -1.04 24.85 19.46
N TYR B 38 -0.66 24.97 18.17
CA TYR B 38 0.58 24.37 17.69
C TYR B 38 1.69 25.37 18.01
N ILE B 39 2.55 25.02 18.97
CA ILE B 39 3.66 25.88 19.40
C ILE B 39 4.99 25.34 18.85
N SER B 40 5.78 26.22 18.21
CA SER B 40 7.10 25.90 17.67
C SER B 40 8.16 26.71 18.42
N LEU B 41 9.26 26.06 18.85
CA LEU B 41 10.36 26.69 19.59
C LEU B 41 11.71 26.41 18.99
N SER B 42 12.61 27.40 19.08
CA SER B 42 14.00 27.27 18.64
C SER B 42 14.80 26.79 19.86
N GLY B 43 15.87 26.05 19.60
CA GLY B 43 16.69 25.50 20.68
C GLY B 43 17.98 26.21 21.01
N VAL B 44 18.74 25.60 21.91
CA VAL B 44 20.05 26.07 22.36
C VAL B 44 21.02 24.94 22.02
N MET B 45 21.91 25.18 21.07
CA MET B 45 22.88 24.19 20.62
C MET B 45 24.15 24.15 21.48
N THR B 46 24.57 22.93 21.86
CA THR B 46 25.75 22.63 22.69
C THR B 46 26.60 21.58 21.97
N ASN B 47 27.92 21.50 22.29
CA ASN B 47 28.85 20.53 21.72
C ASN B 47 29.77 19.93 22.78
N ASP B 51 31.97 14.54 24.08
CA ASP B 51 32.72 13.99 22.94
C ASP B 51 32.43 14.81 21.64
N ASN B 52 32.10 16.12 21.83
CA ASN B 52 31.75 17.09 20.77
C ASN B 52 30.54 16.61 19.95
N GLN B 53 29.48 16.17 20.66
CA GLN B 53 28.21 15.71 20.09
C GLN B 53 27.18 16.80 20.25
N ALA B 54 26.39 17.09 19.19
CA ALA B 54 25.37 18.13 19.17
C ALA B 54 24.18 17.83 20.11
N ILE B 55 23.90 18.79 21.01
CA ILE B 55 22.81 18.68 21.98
C ILE B 55 21.92 19.92 21.90
N ALA B 56 20.65 19.72 21.52
CA ALA B 56 19.67 20.79 21.43
C ALA B 56 18.78 20.75 22.64
N SER B 57 18.53 21.92 23.25
CA SER B 57 17.69 22.04 24.44
C SER B 57 16.52 22.98 24.18
N PHE B 58 15.33 22.53 24.54
CA PHE B 58 14.10 23.29 24.36
C PHE B 58 13.39 23.41 25.71
N GLU B 59 13.21 24.64 26.19
CA GLU B 59 12.57 24.90 27.48
C GLU B 59 11.13 25.35 27.29
N ILE B 60 10.20 24.58 27.86
CA ILE B 60 8.75 24.84 27.82
C ILE B 60 8.31 25.24 29.23
N ARG B 61 7.99 26.53 29.39
CA ARG B 61 7.53 27.10 30.66
C ARG B 61 6.63 28.28 30.37
N ASP B 62 5.35 28.10 30.68
CA ASP B 62 4.28 29.09 30.47
C ASP B 62 3.15 28.74 31.43
N GLN B 63 2.55 29.77 32.03
CA GLN B 63 1.43 29.64 32.96
C GLN B 63 0.21 29.03 32.27
N TYR B 64 0.03 29.33 30.97
CA TYR B 64 -1.12 28.93 30.16
C TYR B 64 -0.92 27.62 29.35
N ILE B 65 0.31 27.09 29.21
CA ILE B 65 0.48 25.78 28.57
C ILE B 65 0.23 24.73 29.69
N THR B 66 -1.04 24.34 29.88
CA THR B 66 -1.46 23.41 30.93
C THR B 66 -0.99 21.99 30.66
N ALA B 67 -1.09 21.55 29.40
CA ALA B 67 -0.69 20.21 28.97
C ALA B 67 -0.13 20.22 27.54
N LEU B 68 0.59 19.16 27.15
CA LEU B 68 1.15 19.02 25.81
C LEU B 68 1.32 17.57 25.37
N ASN B 69 1.42 17.37 24.05
CA ASN B 69 1.68 16.09 23.38
C ASN B 69 2.09 16.31 21.91
N HIS B 70 2.27 15.21 21.16
CA HIS B 70 2.66 15.17 19.75
C HIS B 70 3.86 16.04 19.43
N LEU B 71 5.03 15.67 19.98
CA LEU B 71 6.28 16.37 19.76
C LEU B 71 6.80 16.05 18.35
N VAL B 72 7.10 17.10 17.56
CA VAL B 72 7.63 16.99 16.20
C VAL B 72 8.89 17.85 16.12
N LEU B 73 10.02 17.25 15.74
CA LEU B 73 11.28 17.97 15.61
C LEU B 73 11.62 18.18 14.15
N SER B 74 11.70 19.44 13.71
CA SER B 74 12.07 19.76 12.34
C SER B 74 13.56 20.00 12.21
N LEU B 75 14.15 19.68 11.05
CA LEU B 75 15.58 19.84 10.79
C LEU B 75 15.83 20.39 9.41
N GLU B 76 16.60 21.48 9.33
CA GLU B 76 16.96 22.13 8.08
C GLU B 76 18.25 21.52 7.54
N LEU B 77 18.13 20.74 6.47
CA LEU B 77 19.25 20.12 5.78
C LEU B 77 19.87 21.15 4.81
N PRO B 78 21.20 21.35 4.84
CA PRO B 78 21.80 22.38 3.99
C PRO B 78 21.96 21.98 2.53
N GLU B 79 22.32 22.96 1.68
CA GLU B 79 22.63 22.73 0.29
C GLU B 79 24.00 22.05 0.28
N VAL B 80 24.11 20.94 -0.45
CA VAL B 80 25.34 20.15 -0.54
C VAL B 80 25.97 20.43 -1.91
N LYS B 81 27.11 21.12 -1.91
CA LYS B 81 27.83 21.47 -3.13
C LYS B 81 29.23 20.89 -3.15
N GLY B 82 29.72 20.57 -4.34
CA GLY B 82 31.04 20.02 -4.53
C GLY B 82 31.12 18.86 -5.50
N MET B 83 32.23 18.12 -5.44
CA MET B 83 32.45 16.96 -6.28
C MET B 83 32.29 15.65 -5.53
N GLY B 84 31.92 14.61 -6.26
CA GLY B 84 31.72 13.27 -5.70
C GLY B 84 30.29 12.82 -5.64
N ARG B 85 30.08 11.61 -5.09
CA ARG B 85 28.77 10.97 -4.91
C ARG B 85 28.29 11.20 -3.48
N PHE B 86 27.03 11.62 -3.33
CA PHE B 86 26.42 11.91 -2.02
C PHE B 86 24.92 11.64 -2.02
N GLY B 87 24.42 11.16 -0.89
CA GLY B 87 23.01 10.88 -0.66
C GLY B 87 22.74 10.69 0.80
N TYR B 88 21.52 10.97 1.25
CA TYR B 88 21.15 10.80 2.65
C TYR B 88 20.56 9.40 2.85
N VAL B 89 20.72 8.84 4.06
CA VAL B 89 20.13 7.53 4.41
C VAL B 89 18.59 7.64 4.41
N PRO B 90 17.81 6.57 4.14
CA PRO B 90 16.35 6.70 4.20
C PRO B 90 15.89 7.05 5.61
N TYR B 91 14.82 7.86 5.75
CA TYR B 91 14.27 8.32 7.04
C TYR B 91 15.35 9.08 7.83
N VAL B 92 16.15 9.89 7.09
CA VAL B 92 17.29 10.69 7.56
C VAL B 92 17.02 11.37 8.93
N GLY B 93 15.83 11.96 9.09
CA GLY B 93 15.42 12.63 10.31
C GLY B 93 15.49 11.78 11.57
N TYR B 94 15.05 10.51 11.48
CA TYR B 94 15.12 9.58 12.60
C TYR B 94 16.57 9.17 12.87
N LYS B 95 17.35 8.93 11.80
CA LYS B 95 18.75 8.53 11.89
C LYS B 95 19.64 9.59 12.54
N CYS B 96 19.21 10.88 12.52
CA CYS B 96 19.89 12.03 13.15
C CYS B 96 19.87 11.89 14.66
N ILE B 97 18.75 11.38 15.21
CA ILE B 97 18.52 11.25 16.64
C ILE B 97 19.37 10.16 17.29
N ASN B 98 20.12 10.54 18.34
CA ASN B 98 20.92 9.62 19.13
C ASN B 98 20.17 9.29 20.44
N HIS B 99 19.54 10.32 21.04
CA HIS B 99 18.78 10.22 22.30
C HIS B 99 17.84 11.44 22.46
N VAL B 100 16.66 11.21 23.04
CA VAL B 100 15.65 12.24 23.36
C VAL B 100 15.35 12.10 24.85
N SER B 101 15.25 13.23 25.57
CA SER B 101 14.93 13.28 27.00
C SER B 101 13.91 14.38 27.28
N ILE B 102 12.87 14.05 28.06
CA ILE B 102 11.86 15.00 28.50
C ILE B 102 12.03 15.02 30.01
N SER B 103 12.47 16.17 30.56
CA SER B 103 12.71 16.29 31.99
C SER B 103 12.15 17.54 32.62
N SER B 104 11.92 17.49 33.94
CA SER B 104 11.45 18.61 34.75
C SER B 104 12.51 18.93 35.81
N CYS B 105 12.16 19.75 36.81
CA CYS B 105 13.03 20.13 37.92
C CYS B 105 13.33 18.91 38.81
N ASN B 106 12.40 17.94 38.86
CA ASN B 106 12.51 16.71 39.66
C ASN B 106 13.32 15.60 38.95
N GLY B 107 13.72 15.84 37.71
CA GLY B 107 14.50 14.90 36.90
C GLY B 107 13.80 14.45 35.62
N VAL B 108 14.34 13.38 34.99
CA VAL B 108 13.82 12.80 33.75
C VAL B 108 12.41 12.23 33.94
N ILE B 109 11.46 12.63 33.08
CA ILE B 109 10.07 12.15 33.10
C ILE B 109 9.98 10.94 32.15
N TRP B 110 10.65 11.04 30.99
CA TRP B 110 10.69 10.02 29.94
C TRP B 110 11.90 10.27 29.04
N GLU B 111 12.50 9.18 28.54
CA GLU B 111 13.64 9.23 27.63
C GLU B 111 13.72 7.99 26.77
N ILE B 112 14.29 8.13 25.57
CA ILE B 112 14.41 7.04 24.61
C ILE B 112 15.74 7.13 23.85
N GLU B 113 16.21 5.98 23.36
CA GLU B 113 17.41 5.90 22.52
C GLU B 113 16.92 6.08 21.08
N GLY B 114 17.71 6.76 20.26
CA GLY B 114 17.41 7.05 18.87
C GLY B 114 16.77 5.91 18.10
N GLU B 115 17.40 4.72 18.14
CA GLU B 115 16.94 3.50 17.46
C GLU B 115 15.60 3.02 17.98
N GLU B 116 15.34 3.17 19.29
CA GLU B 116 14.09 2.74 19.88
C GLU B 116 12.91 3.62 19.45
N LEU B 117 13.13 4.95 19.33
CA LEU B 117 12.12 5.89 18.82
C LEU B 117 11.77 5.50 17.38
N TYR B 118 12.79 5.23 16.55
CA TYR B 118 12.63 4.79 15.16
C TYR B 118 11.81 3.49 15.11
N ASN B 119 12.17 2.50 15.96
CA ASN B 119 11.48 1.21 16.07
C ASN B 119 10.01 1.38 16.43
N ASN B 120 9.69 2.34 17.30
CA ASN B 120 8.32 2.64 17.71
C ASN B 120 7.53 3.33 16.61
N CYS B 121 8.22 3.95 15.63
CA CYS B 121 7.58 4.67 14.53
C CYS B 121 7.65 3.95 13.17
N ILE B 122 8.29 2.76 13.12
CA ILE B 122 8.48 1.97 11.90
C ILE B 122 7.14 1.59 11.21
N ASN B 123 6.04 1.46 11.98
CA ASN B 123 4.72 1.12 11.48
C ASN B 123 3.90 2.33 11.02
N ASN B 124 4.47 3.55 11.18
CA ASN B 124 3.85 4.82 10.78
C ASN B 124 4.51 5.35 9.50
N THR B 125 3.89 5.03 8.35
CA THR B 125 4.34 5.41 7.00
C THR B 125 4.43 6.93 6.83
N ILE B 126 3.48 7.66 7.43
CA ILE B 126 3.41 9.12 7.38
C ILE B 126 4.62 9.76 8.10
N ALA B 127 4.88 9.33 9.37
CA ALA B 127 6.00 9.79 10.20
C ALA B 127 7.33 9.51 9.51
N LEU B 128 7.46 8.32 8.89
CA LEU B 128 8.65 7.90 8.15
C LEU B 128 8.87 8.77 6.92
N LYS B 129 7.80 9.08 6.15
CA LYS B 129 7.87 9.92 4.96
C LYS B 129 8.32 11.35 5.32
N HIS B 130 7.72 11.92 6.39
CA HIS B 130 8.02 13.25 6.89
C HIS B 130 9.46 13.44 7.30
N SER B 131 10.09 12.37 7.86
CA SER B 131 11.48 12.38 8.33
C SER B 131 12.52 12.45 7.22
N GLY B 132 12.09 12.22 5.98
CA GLY B 132 12.99 12.28 4.84
C GLY B 132 13.12 10.96 4.09
N TYR B 133 12.16 10.70 3.21
CA TYR B 133 12.14 9.52 2.37
C TYR B 133 11.61 9.89 0.98
N SER B 134 12.54 10.29 0.10
CA SER B 134 12.27 10.74 -1.27
C SER B 134 13.48 10.46 -2.15
N SER B 135 13.30 10.47 -3.48
CA SER B 135 14.38 10.29 -4.46
C SER B 135 15.33 11.49 -4.41
N GLU B 136 14.79 12.69 -4.09
CA GLU B 136 15.55 13.93 -3.96
C GLU B 136 16.60 13.82 -2.87
N LEU B 137 16.25 13.20 -1.72
CA LEU B 137 17.15 13.03 -0.57
C LEU B 137 17.97 11.74 -0.57
N ASN B 138 17.32 10.60 -0.86
CA ASN B 138 17.89 9.26 -0.69
C ASN B 138 18.60 8.66 -1.90
N ASP B 139 18.37 9.15 -3.13
CA ASP B 139 19.10 8.64 -4.28
C ASP B 139 20.53 9.20 -4.24
N ILE B 140 21.49 8.46 -4.79
CA ILE B 140 22.87 8.90 -4.78
C ILE B 140 23.12 9.88 -5.93
N SER B 141 23.27 11.16 -5.60
CA SER B 141 23.50 12.23 -6.58
C SER B 141 24.99 12.44 -6.78
N ILE B 142 25.39 12.91 -7.97
CA ILE B 142 26.79 13.12 -8.31
C ILE B 142 27.09 14.59 -8.64
N GLY B 143 28.19 15.06 -8.08
CA GLY B 143 28.75 16.39 -8.31
C GLY B 143 29.91 16.27 -9.27
N LEU B 144 29.91 17.11 -10.32
CA LEU B 144 30.95 17.07 -11.36
C LEU B 144 31.98 18.19 -11.25
N THR B 145 31.59 19.37 -10.76
CA THR B 145 32.48 20.54 -10.59
C THR B 145 32.49 20.99 -9.11
N PRO B 146 33.55 21.68 -8.60
CA PRO B 146 33.56 22.09 -7.18
C PRO B 146 32.40 22.98 -6.71
N ASN B 147 31.67 23.62 -7.65
CA ASN B 147 30.53 24.48 -7.36
C ASN B 147 29.19 23.89 -7.86
N ASP B 148 29.20 22.61 -8.26
CA ASP B 148 27.99 21.92 -8.72
C ASP B 148 27.16 21.51 -7.50
N THR B 149 25.85 21.78 -7.53
CA THR B 149 24.95 21.43 -6.43
C THR B 149 24.63 19.94 -6.51
N ILE B 150 24.98 19.19 -5.44
CA ILE B 150 24.72 17.76 -5.30
C ILE B 150 23.29 17.60 -4.74
N LYS B 151 22.98 18.29 -3.61
CA LYS B 151 21.67 18.24 -2.94
C LYS B 151 21.15 19.63 -2.64
N GLU B 152 19.86 19.86 -2.91
CA GLU B 152 19.18 21.12 -2.66
C GLU B 152 18.78 21.21 -1.18
N PRO B 153 18.70 22.41 -0.56
CA PRO B 153 18.30 22.46 0.86
C PRO B 153 16.86 21.99 1.04
N SER B 154 16.61 21.25 2.13
CA SER B 154 15.31 20.65 2.43
C SER B 154 15.06 20.66 3.95
N THR B 155 13.77 20.56 4.35
CA THR B 155 13.38 20.52 5.76
C THR B 155 12.66 19.20 6.04
N VAL B 156 13.18 18.44 7.01
CA VAL B 156 12.60 17.15 7.43
C VAL B 156 11.91 17.29 8.78
N TYR B 157 10.86 16.49 9.02
CA TYR B 157 10.06 16.54 10.24
C TYR B 157 10.03 15.18 10.93
N VAL B 158 10.50 15.12 12.18
CA VAL B 158 10.61 13.88 12.95
C VAL B 158 9.56 13.81 14.06
N TYR B 159 8.63 12.86 13.95
CA TYR B 159 7.61 12.69 14.97
C TYR B 159 8.20 11.96 16.19
N ILE B 160 8.43 12.72 17.27
CA ILE B 160 8.93 12.16 18.52
C ILE B 160 7.71 11.54 19.24
N LYS B 161 7.44 10.27 18.94
CA LYS B 161 6.32 9.54 19.56
C LYS B 161 6.63 9.32 21.03
N THR B 162 5.71 9.78 21.91
CA THR B 162 5.84 9.66 23.36
C THR B 162 4.60 8.94 23.91
N PRO B 163 4.60 8.44 25.17
CA PRO B 163 3.39 7.81 25.71
C PRO B 163 2.21 8.78 25.91
N PHE B 164 2.47 10.10 25.75
CA PHE B 164 1.46 11.15 25.92
C PHE B 164 0.49 11.30 24.74
N ASP B 165 0.74 10.57 23.63
CA ASP B 165 -0.08 10.64 22.42
C ASP B 165 -1.12 9.52 22.30
N VAL B 166 -0.94 8.43 23.07
CA VAL B 166 -1.77 7.21 23.07
C VAL B 166 -3.27 7.52 23.06
N GLU B 167 -3.76 8.34 24.02
CA GLU B 167 -5.18 8.70 24.12
C GLU B 167 -5.41 10.21 24.05
N ASP B 168 -4.64 10.89 23.17
CA ASP B 168 -4.68 12.32 22.89
C ASP B 168 -4.65 13.18 24.17
N THR B 169 -5.75 13.92 24.48
CA THR B 169 -5.84 14.81 25.63
C THR B 169 -5.75 14.06 26.97
N PHE B 170 -6.32 12.85 27.04
CA PHE B 170 -6.33 12.02 28.25
C PHE B 170 -4.93 11.62 28.70
N SER B 171 -4.05 11.30 27.73
CA SER B 171 -2.68 10.85 27.98
C SER B 171 -1.61 11.96 28.03
N SER B 172 -1.95 13.20 27.58
CA SER B 172 -1.05 14.35 27.51
C SER B 172 -0.22 14.62 28.77
N LEU B 173 1.00 15.16 28.59
CA LEU B 173 1.89 15.51 29.69
C LEU B 173 1.36 16.79 30.34
N LYS B 174 0.88 16.68 31.59
CA LYS B 174 0.34 17.82 32.32
C LYS B 174 1.46 18.59 32.99
N LEU B 175 1.58 19.89 32.65
CA LEU B 175 2.59 20.78 33.24
C LEU B 175 1.99 21.36 34.51
N SER B 176 2.42 20.84 35.67
CA SER B 176 1.97 21.28 37.00
C SER B 176 2.71 22.60 37.36
N ASP B 177 2.54 23.64 36.48
CA ASP B 177 3.19 24.97 36.53
C ASP B 177 4.72 24.85 36.67
N SER B 178 5.28 23.74 36.11
CA SER B 178 6.68 23.37 36.11
C SER B 178 7.35 23.59 34.76
N LYS B 179 8.68 23.68 34.76
CA LYS B 179 9.49 23.89 33.55
C LYS B 179 9.85 22.52 32.98
N ILE B 180 9.47 22.30 31.71
CA ILE B 180 9.76 21.06 31.00
C ILE B 180 10.87 21.34 29.99
N THR B 181 11.95 20.56 30.06
CA THR B 181 13.07 20.66 29.16
C THR B 181 13.11 19.42 28.26
N VAL B 182 13.17 19.64 26.94
CA VAL B 182 13.27 18.59 25.94
C VAL B 182 14.70 18.66 25.39
N THR B 183 15.51 17.64 25.68
CA THR B 183 16.91 17.56 25.23
C THR B 183 17.03 16.54 24.11
N VAL B 184 17.62 16.97 22.99
CA VAL B 184 17.82 16.10 21.83
C VAL B 184 19.33 16.00 21.53
N THR B 185 19.87 14.78 21.61
CA THR B 185 21.26 14.46 21.32
C THR B 185 21.30 13.93 19.88
N PHE B 186 22.20 14.48 19.06
CA PHE B 186 22.33 14.12 17.66
C PHE B 186 23.51 13.21 17.38
N ASN B 187 23.32 12.28 16.43
CA ASN B 187 24.34 11.37 15.95
C ASN B 187 25.30 12.16 15.04
N PRO B 188 26.57 11.73 14.85
CA PRO B 188 27.45 12.45 13.92
C PRO B 188 26.87 12.38 12.50
N VAL B 189 27.08 13.45 11.69
CA VAL B 189 26.58 13.55 10.32
C VAL B 189 27.07 12.37 9.44
N SER B 190 28.15 11.68 9.85
CA SER B 190 28.70 10.50 9.18
C SER B 190 27.66 9.38 9.06
N ASP B 191 26.84 9.22 10.12
CA ASP B 191 25.79 8.20 10.23
C ASP B 191 24.64 8.36 9.23
N ILE B 192 24.24 9.60 8.93
CA ILE B 192 23.10 9.91 8.05
C ILE B 192 23.46 10.10 6.55
N VAL B 193 24.76 10.01 6.21
CA VAL B 193 25.23 10.27 4.84
C VAL B 193 25.93 9.07 4.17
N ILE B 194 25.57 8.81 2.90
CA ILE B 194 26.16 7.78 2.03
C ILE B 194 26.95 8.54 0.94
N ARG B 195 28.28 8.35 0.91
CA ARG B 195 29.20 9.04 0.00
C ARG B 195 30.36 8.16 -0.45
N ASP B 196 31.04 8.54 -1.57
CA ASP B 196 32.23 7.84 -2.05
C ASP B 196 33.51 8.53 -1.56
N SER B 197 34.68 8.13 -2.07
CA SER B 197 35.99 8.71 -1.72
C SER B 197 36.15 10.13 -2.28
N SER B 198 35.64 10.36 -3.51
CA SER B 198 35.69 11.63 -4.25
C SER B 198 35.03 12.79 -3.48
N PHE B 199 33.98 12.50 -2.69
CA PHE B 199 33.29 13.51 -1.88
C PHE B 199 34.20 13.98 -0.75
N ASP B 200 34.23 15.30 -0.52
CA ASP B 200 35.03 15.92 0.52
C ASP B 200 34.24 15.93 1.83
N PHE B 201 34.23 14.76 2.51
CA PHE B 201 33.51 14.61 3.76
C PHE B 201 34.13 15.41 4.89
N GLU B 202 35.48 15.54 4.90
CA GLU B 202 36.26 16.27 5.89
C GLU B 202 35.73 17.71 6.04
N THR B 203 35.55 18.43 4.90
CA THR B 203 35.04 19.80 4.87
C THR B 203 33.56 19.81 5.25
N PHE B 204 32.77 18.85 4.71
CA PHE B 204 31.33 18.72 4.98
C PHE B 204 31.05 18.55 6.47
N ASN B 205 31.83 17.69 7.15
CA ASN B 205 31.70 17.44 8.59
C ASN B 205 31.94 18.72 9.40
N LYS B 206 32.94 19.53 8.98
CA LYS B 206 33.32 20.80 9.62
C LYS B 206 32.23 21.86 9.41
N GLU B 207 31.74 21.99 8.17
CA GLU B 207 30.72 22.96 7.76
C GLU B 207 29.28 22.64 8.23
N PHE B 208 28.93 21.33 8.35
CA PHE B 208 27.58 20.90 8.76
C PHE B 208 27.24 21.25 10.19
N VAL B 209 26.02 21.79 10.37
CA VAL B 209 25.45 22.15 11.67
C VAL B 209 23.99 21.73 11.71
N TYR B 210 23.57 21.09 12.81
CA TYR B 210 22.18 20.68 12.99
C TYR B 210 21.36 21.92 13.35
N VAL B 211 20.29 22.19 12.60
CA VAL B 211 19.43 23.35 12.83
C VAL B 211 18.03 22.84 13.21
N PRO B 212 17.79 22.55 14.52
CA PRO B 212 16.50 21.98 14.93
C PRO B 212 15.46 22.98 15.40
N GLU B 213 14.19 22.54 15.44
CA GLU B 213 13.05 23.32 15.91
C GLU B 213 12.01 22.33 16.46
N LEU B 214 11.60 22.52 17.72
CA LEU B 214 10.63 21.64 18.37
C LEU B 214 9.21 22.21 18.33
N SER B 215 8.29 21.42 17.79
CA SER B 215 6.87 21.75 17.73
C SER B 215 6.13 20.76 18.61
N PHE B 216 5.00 21.20 19.17
CA PHE B 216 4.12 20.37 20.01
C PHE B 216 2.72 20.94 20.04
N ILE B 217 1.73 20.09 20.32
CA ILE B 217 0.36 20.54 20.47
C ILE B 217 0.20 20.88 21.95
N GLY B 218 0.11 22.18 22.25
CA GLY B 218 -0.07 22.69 23.60
C GLY B 218 -1.55 22.90 23.88
N TYR B 219 -1.95 22.73 25.14
CA TYR B 219 -3.36 22.87 25.55
C TYR B 219 -3.51 23.82 26.73
N MET B 220 -4.32 24.88 26.56
CA MET B 220 -4.62 25.80 27.65
C MET B 220 -5.90 25.27 28.25
N VAL B 221 -5.83 24.70 29.45
CA VAL B 221 -6.99 24.08 30.11
C VAL B 221 -7.50 24.94 31.27
N LYS B 222 -8.82 25.21 31.29
CA LYS B 222 -9.47 25.96 32.36
C LYS B 222 -9.89 24.99 33.46
N ASN B 223 -9.43 25.24 34.71
CA ASN B 223 -9.69 24.44 35.92
C ASN B 223 -9.43 22.95 35.70
N VAL B 224 -8.16 22.61 35.36
CA VAL B 224 -7.72 21.25 35.11
C VAL B 224 -7.78 20.41 36.42
N GLN B 225 -8.31 19.19 36.32
CA GLN B 225 -8.40 18.28 37.45
C GLN B 225 -7.40 17.16 37.19
N ILE B 226 -6.20 17.30 37.78
CA ILE B 226 -5.10 16.37 37.58
C ILE B 226 -5.23 15.12 38.49
N LYS B 227 -4.97 13.94 37.89
CA LYS B 227 -4.97 12.63 38.54
C LYS B 227 -3.63 11.94 38.20
N PRO B 228 -3.05 11.07 39.06
CA PRO B 228 -1.78 10.42 38.70
C PRO B 228 -1.95 9.39 37.58
N SER B 229 -0.87 9.14 36.83
CA SER B 229 -0.89 8.21 35.71
C SER B 229 0.30 7.25 35.71
N PHE B 230 0.36 6.38 34.69
CA PHE B 230 1.42 5.40 34.54
C PHE B 230 2.10 5.56 33.19
N ILE B 231 3.43 5.39 33.17
CA ILE B 231 4.25 5.53 31.97
C ILE B 231 5.22 4.35 31.79
N GLU B 232 5.43 3.92 30.54
CA GLU B 232 6.36 2.83 30.21
C GLU B 232 7.62 3.50 29.69
N LYS B 233 8.77 3.30 30.37
CA LYS B 233 10.05 3.90 29.97
C LYS B 233 10.97 2.81 29.39
N PRO B 234 11.38 2.91 28.10
CA PRO B 234 12.25 1.86 27.52
C PRO B 234 13.73 1.98 27.90
N ARG B 235 14.34 0.82 28.17
CA ARG B 235 15.74 0.64 28.54
C ARG B 235 16.35 -0.37 27.61
N ARG B 236 17.56 -0.12 27.11
CA ARG B 236 18.21 -1.13 26.27
C ARG B 236 19.57 -1.55 26.82
N VAL B 237 19.93 -2.80 26.56
CA VAL B 237 21.21 -3.38 26.96
C VAL B 237 21.80 -4.01 25.70
N ILE B 238 23.03 -3.61 25.36
CA ILE B 238 23.74 -4.15 24.19
C ILE B 238 24.82 -5.10 24.71
N GLY B 239 24.78 -6.35 24.27
CA GLY B 239 25.74 -7.38 24.66
C GLY B 239 27.09 -7.19 24.00
N GLN B 240 28.13 -7.91 24.51
CA GLN B 240 29.48 -7.83 23.97
C GLN B 240 29.52 -8.37 22.55
N ILE B 241 30.48 -7.90 21.74
CA ILE B 241 30.65 -8.30 20.34
C ILE B 241 30.76 -9.82 20.21
N ASN B 242 29.98 -10.40 19.27
CA ASN B 242 29.87 -11.82 18.93
C ASN B 242 29.40 -12.74 20.10
N GLN B 243 29.02 -12.14 21.26
CA GLN B 243 28.52 -12.91 22.40
C GLN B 243 27.02 -13.20 22.29
N PRO B 244 26.56 -14.46 22.50
CA PRO B 244 25.12 -14.76 22.37
C PRO B 244 24.29 -14.52 23.63
N THR B 245 24.79 -13.71 24.59
CA THR B 245 24.06 -13.41 25.84
C THR B 245 24.01 -11.91 26.17
N ALA B 246 22.98 -11.49 26.95
CA ALA B 246 22.77 -10.13 27.46
C ALA B 246 21.77 -10.21 28.62
N THR B 247 21.98 -9.34 29.64
CA THR B 247 21.12 -9.35 30.82
C THR B 247 20.66 -7.93 31.16
N VAL B 248 19.36 -7.77 31.43
CA VAL B 248 18.79 -6.50 31.85
C VAL B 248 18.60 -6.68 33.35
N THR B 249 19.39 -5.94 34.13
CA THR B 249 19.35 -6.01 35.59
C THR B 249 18.28 -5.07 36.12
N GLU B 250 17.90 -5.28 37.39
CA GLU B 250 16.92 -4.50 38.15
C GLU B 250 15.53 -4.41 37.49
N VAL B 251 15.05 -5.54 36.95
CA VAL B 251 13.72 -5.65 36.36
C VAL B 251 12.77 -5.88 37.54
N HIS B 252 11.81 -4.97 37.73
CA HIS B 252 10.84 -5.09 38.83
C HIS B 252 9.41 -5.19 38.34
N ALA B 253 9.03 -4.31 37.39
CA ALA B 253 7.71 -4.27 36.79
C ALA B 253 7.83 -3.91 35.29
N ALA B 254 7.95 -4.95 34.44
CA ALA B 254 8.10 -4.75 33.00
C ALA B 254 6.84 -5.10 32.19
N THR B 255 6.47 -4.21 31.26
CA THR B 255 5.31 -4.39 30.38
C THR B 255 5.65 -5.24 29.16
N SER B 256 6.91 -5.16 28.68
CA SER B 256 7.39 -5.91 27.51
C SER B 256 8.91 -6.10 27.50
N LEU B 257 9.38 -7.03 26.64
CA LEU B 257 10.79 -7.31 26.42
C LEU B 257 11.00 -7.68 24.95
N SER B 258 11.86 -6.92 24.24
CA SER B 258 12.19 -7.15 22.83
C SER B 258 13.64 -7.62 22.69
N VAL B 259 13.88 -8.50 21.72
CA VAL B 259 15.21 -9.04 21.44
C VAL B 259 15.46 -8.95 19.94
N TYR B 260 16.61 -8.36 19.56
CA TYR B 260 17.07 -8.27 18.17
C TYR B 260 18.59 -8.21 18.09
N THR B 261 19.14 -8.35 16.87
CA THR B 261 20.58 -8.33 16.61
C THR B 261 20.95 -7.14 15.74
N LYS B 262 22.15 -6.61 15.93
CA LYS B 262 22.71 -5.51 15.16
C LYS B 262 24.10 -5.92 14.64
N PRO B 263 24.50 -5.52 13.42
CA PRO B 263 25.87 -5.84 12.99
C PRO B 263 26.86 -4.81 13.55
N TYR B 264 28.14 -5.17 13.62
CA TYR B 264 29.20 -4.27 14.07
C TYR B 264 30.23 -4.19 12.97
N TYR B 265 30.45 -2.98 12.42
CA TYR B 265 31.38 -2.78 11.31
C TYR B 265 32.66 -2.01 11.68
N GLY B 266 32.98 -1.98 12.98
CA GLY B 266 34.17 -1.32 13.50
C GLY B 266 35.48 -1.88 12.95
N ASN B 267 35.47 -3.17 12.57
CA ASN B 267 36.60 -3.89 11.98
C ASN B 267 36.75 -3.63 10.46
N THR B 268 35.88 -2.77 9.88
CA THR B 268 35.90 -2.43 8.45
C THR B 268 36.00 -0.93 8.26
N ASP B 269 36.19 -0.49 6.99
CA ASP B 269 36.24 0.93 6.65
C ASP B 269 34.82 1.47 6.32
N ASN B 270 33.78 0.62 6.56
CA ASN B 270 32.36 0.88 6.32
C ASN B 270 32.02 1.16 4.84
N LYS B 271 32.84 0.62 3.93
CA LYS B 271 32.67 0.76 2.48
C LYS B 271 31.97 -0.46 1.91
N PHE B 272 31.02 -0.24 0.99
CA PHE B 272 30.23 -1.25 0.32
C PHE B 272 30.28 -0.99 -1.19
N ILE B 273 30.21 -2.06 -2.01
CA ILE B 273 30.29 -1.99 -3.47
C ILE B 273 29.14 -1.17 -4.09
N SER B 274 27.90 -1.43 -3.64
CA SER B 274 26.71 -0.81 -4.18
C SER B 274 25.70 -0.38 -3.11
N TYR B 275 24.71 0.42 -3.55
CA TYR B 275 23.57 0.92 -2.78
C TYR B 275 22.44 1.26 -3.77
N PRO B 276 21.18 0.85 -3.51
CA PRO B 276 20.11 1.10 -4.49
C PRO B 276 19.52 2.52 -4.49
N GLY B 277 19.65 3.26 -3.39
CA GLY B 277 19.16 4.62 -3.25
C GLY B 277 17.79 4.68 -2.60
N TYR B 278 16.85 5.39 -3.25
CA TYR B 278 15.48 5.55 -2.76
C TYR B 278 14.71 4.23 -2.82
N SER B 279 14.95 3.43 -3.89
CA SER B 279 14.35 2.12 -4.11
C SER B 279 14.95 1.18 -3.06
N GLN B 280 14.15 0.78 -2.06
CA GLN B 280 14.64 0.05 -0.91
C GLN B 280 14.21 -1.42 -0.78
N ASP B 281 13.67 -2.03 -1.85
CA ASP B 281 13.27 -3.44 -1.77
C ASP B 281 14.49 -4.34 -1.83
N GLU B 282 14.33 -5.60 -1.38
CA GLU B 282 15.37 -6.62 -1.39
C GLU B 282 15.89 -6.78 -2.83
N LYS B 283 14.97 -6.79 -3.82
CA LYS B 283 15.28 -6.90 -5.25
C LYS B 283 16.07 -5.68 -5.73
N ASP B 284 15.75 -4.48 -5.21
CA ASP B 284 16.42 -3.24 -5.57
C ASP B 284 17.89 -3.26 -5.13
N TYR B 285 18.16 -3.79 -3.93
CA TYR B 285 19.50 -3.95 -3.36
C TYR B 285 20.31 -4.94 -4.22
N ILE B 286 19.69 -6.08 -4.61
CA ILE B 286 20.29 -7.13 -5.45
C ILE B 286 20.61 -6.59 -6.85
N ASP B 287 19.62 -5.98 -7.52
CA ASP B 287 19.76 -5.42 -8.87
C ASP B 287 20.87 -4.38 -8.98
N ALA B 288 21.03 -3.51 -7.94
CA ALA B 288 22.05 -2.47 -7.87
C ALA B 288 23.45 -3.10 -7.84
N TYR B 289 23.61 -4.19 -7.06
CA TYR B 289 24.84 -4.96 -6.91
C TYR B 289 25.22 -5.65 -8.21
N VAL B 290 24.25 -6.35 -8.85
CA VAL B 290 24.44 -7.05 -10.13
C VAL B 290 24.90 -6.06 -11.20
N SER B 291 24.22 -4.89 -11.30
CA SER B 291 24.52 -3.81 -12.24
C SER B 291 25.95 -3.28 -12.11
N ARG B 292 26.45 -3.16 -10.85
CA ARG B 292 27.81 -2.70 -10.55
C ARG B 292 28.87 -3.71 -10.96
N LEU B 293 28.57 -5.02 -10.80
CA LEU B 293 29.50 -6.10 -11.14
C LEU B 293 29.55 -6.39 -12.63
N LEU B 294 28.39 -6.30 -13.32
CA LEU B 294 28.25 -6.58 -14.75
C LEU B 294 29.24 -5.82 -15.64
N ASP B 295 29.70 -4.64 -15.18
CA ASP B 295 30.67 -3.79 -15.89
C ASP B 295 32.01 -4.51 -16.06
N ASP B 296 32.45 -5.24 -15.03
CA ASP B 296 33.71 -5.99 -15.02
C ASP B 296 33.54 -7.50 -15.25
N LEU B 297 32.30 -8.02 -15.13
CA LEU B 297 31.99 -9.44 -15.30
C LEU B 297 32.10 -9.89 -16.75
N VAL B 298 31.38 -9.21 -17.67
CA VAL B 298 31.38 -9.51 -19.11
C VAL B 298 31.99 -8.32 -19.86
N ILE B 299 33.15 -8.56 -20.50
CA ILE B 299 33.92 -7.54 -21.23
C ILE B 299 34.00 -7.87 -22.74
N VAL B 300 33.71 -6.87 -23.59
CA VAL B 300 33.83 -6.99 -25.04
C VAL B 300 35.08 -6.20 -25.40
N SER B 301 36.17 -6.91 -25.73
CA SER B 301 37.47 -6.29 -26.02
C SER B 301 38.20 -6.95 -27.20
N ASP B 302 39.10 -6.17 -27.84
CA ASP B 302 39.96 -6.66 -28.92
C ASP B 302 41.22 -7.15 -28.20
N GLY B 303 41.29 -8.47 -28.00
CA GLY B 303 42.36 -9.12 -27.27
C GLY B 303 42.11 -9.15 -25.77
N PRO B 304 42.98 -9.82 -24.96
CA PRO B 304 42.74 -9.89 -23.50
C PRO B 304 42.52 -8.53 -22.81
N PRO B 305 41.42 -8.39 -22.01
CA PRO B 305 41.15 -7.10 -21.36
C PRO B 305 42.22 -6.61 -20.38
N THR B 306 42.39 -5.29 -20.30
CA THR B 306 43.38 -4.61 -19.46
C THR B 306 42.75 -3.76 -18.36
N GLY B 307 43.54 -3.44 -17.34
CA GLY B 307 43.12 -2.62 -16.21
C GLY B 307 42.65 -3.43 -15.02
N TYR B 308 42.91 -4.73 -15.06
CA TYR B 308 42.53 -5.69 -14.03
C TYR B 308 43.77 -6.26 -13.36
N PRO B 309 43.74 -6.56 -12.02
CA PRO B 309 44.93 -7.11 -11.35
C PRO B 309 45.40 -8.45 -11.94
N GLU B 310 46.66 -8.84 -11.68
CA GLU B 310 47.24 -10.10 -12.19
C GLU B 310 46.49 -11.33 -11.68
N SER B 311 45.91 -11.23 -10.45
CA SER B 311 45.12 -12.26 -9.76
C SER B 311 43.84 -12.64 -10.52
N ALA B 312 43.33 -11.72 -11.36
CA ALA B 312 42.14 -11.93 -12.18
C ALA B 312 42.35 -13.03 -13.23
N GLU B 313 41.28 -13.79 -13.52
CA GLU B 313 41.30 -14.85 -14.51
C GLU B 313 40.19 -14.63 -15.54
N ILE B 314 40.43 -13.66 -16.44
CA ILE B 314 39.49 -13.29 -17.51
C ILE B 314 39.66 -14.25 -18.69
N VAL B 315 38.66 -15.12 -18.89
CA VAL B 315 38.61 -16.17 -19.90
C VAL B 315 37.74 -15.79 -21.09
N GLU B 316 38.21 -16.09 -22.32
CA GLU B 316 37.46 -15.85 -23.55
C GLU B 316 36.31 -16.85 -23.64
N VAL B 317 35.10 -16.36 -23.91
CA VAL B 317 33.89 -17.16 -24.03
C VAL B 317 33.94 -18.01 -25.31
N PRO B 318 33.81 -19.36 -25.20
CA PRO B 318 33.86 -20.20 -26.41
C PRO B 318 32.63 -20.06 -27.31
N GLU B 319 32.69 -20.64 -28.52
CA GLU B 319 31.63 -20.61 -29.54
C GLU B 319 30.27 -21.10 -29.03
N ASP B 320 30.26 -22.06 -28.07
CA ASP B 320 29.03 -22.60 -27.49
C ASP B 320 28.41 -21.67 -26.43
N GLY B 321 29.19 -20.69 -25.96
CA GLY B 321 28.75 -19.70 -24.99
C GLY B 321 28.95 -20.08 -23.55
N ILE B 322 29.31 -21.35 -23.27
CA ILE B 322 29.50 -21.88 -21.92
C ILE B 322 30.96 -21.77 -21.43
N VAL B 323 31.15 -21.11 -20.28
CA VAL B 323 32.44 -20.96 -19.60
C VAL B 323 32.29 -21.72 -18.28
N SER B 324 33.19 -22.69 -18.03
CA SER B 324 33.13 -23.50 -16.82
C SER B 324 34.11 -23.03 -15.75
N ILE B 325 33.56 -22.60 -14.59
CA ILE B 325 34.35 -22.18 -13.42
C ILE B 325 34.12 -23.32 -12.45
N GLN B 326 35.00 -24.35 -12.50
CA GLN B 326 34.93 -25.60 -11.75
C GLN B 326 33.62 -26.32 -12.12
N ASP B 327 32.70 -26.53 -11.16
CA ASP B 327 31.42 -27.20 -11.36
C ASP B 327 30.32 -26.27 -11.90
N ALA B 328 30.55 -24.94 -11.85
CA ALA B 328 29.60 -23.93 -12.30
C ALA B 328 29.77 -23.56 -13.78
N ASP B 329 28.67 -23.63 -14.54
CA ASP B 329 28.65 -23.29 -15.96
C ASP B 329 27.95 -21.94 -16.15
N VAL B 330 28.62 -20.99 -16.83
CA VAL B 330 28.10 -19.65 -17.11
C VAL B 330 27.87 -19.50 -18.61
N TYR B 331 26.63 -19.26 -19.02
CA TYR B 331 26.24 -19.08 -20.43
C TYR B 331 26.25 -17.61 -20.77
N VAL B 332 27.21 -17.19 -21.62
CA VAL B 332 27.34 -15.79 -22.04
C VAL B 332 27.18 -15.69 -23.55
N LYS B 333 26.19 -14.89 -23.99
CA LYS B 333 25.90 -14.65 -25.40
C LYS B 333 25.57 -13.17 -25.65
N ILE B 334 26.50 -12.44 -26.30
CA ILE B 334 26.34 -11.00 -26.61
C ILE B 334 26.19 -10.80 -28.11
N ASP B 335 25.14 -10.07 -28.53
CA ASP B 335 24.86 -9.75 -29.93
C ASP B 335 25.64 -8.52 -30.41
N ASN B 336 25.77 -8.38 -31.75
CA ASN B 336 26.44 -7.27 -32.44
C ASN B 336 27.89 -7.03 -31.94
N VAL B 337 28.64 -8.11 -31.70
CA VAL B 337 30.04 -8.03 -31.26
C VAL B 337 30.89 -7.80 -32.52
N PRO B 338 31.75 -6.75 -32.57
CA PRO B 338 32.57 -6.53 -33.77
C PRO B 338 33.51 -7.70 -34.06
N ASP B 339 33.80 -7.93 -35.35
CA ASP B 339 34.66 -9.04 -35.82
C ASP B 339 36.07 -9.03 -35.21
N ASN B 340 36.62 -7.83 -34.97
CA ASN B 340 37.94 -7.64 -34.35
C ASN B 340 37.93 -7.92 -32.84
N MET B 341 36.74 -7.92 -32.20
CA MET B 341 36.59 -8.13 -30.77
C MET B 341 36.07 -9.51 -30.37
N SER B 342 36.23 -9.85 -29.08
CA SER B 342 35.78 -11.10 -28.48
C SER B 342 35.05 -10.87 -27.14
N VAL B 343 34.23 -11.85 -26.71
CA VAL B 343 33.49 -11.78 -25.45
C VAL B 343 34.33 -12.49 -24.37
N TYR B 344 34.58 -11.79 -23.25
CA TYR B 344 35.37 -12.27 -22.13
C TYR B 344 34.56 -12.32 -20.84
N LEU B 345 34.85 -13.31 -19.98
CA LEU B 345 34.19 -13.47 -18.68
C LEU B 345 35.21 -13.46 -17.55
N HIS B 346 34.99 -12.61 -16.53
CA HIS B 346 35.85 -12.54 -15.35
C HIS B 346 35.38 -13.71 -14.47
N THR B 347 36.20 -14.77 -14.38
CA THR B 347 35.85 -16.00 -13.64
C THR B 347 36.09 -15.90 -12.13
N ASN B 348 36.73 -14.83 -11.63
CA ASN B 348 36.98 -14.64 -10.20
C ASN B 348 36.90 -13.17 -9.75
N LEU B 349 35.80 -12.47 -10.09
CA LEU B 349 35.58 -11.06 -9.77
C LEU B 349 35.78 -10.75 -8.28
N LEU B 350 35.19 -11.59 -7.41
CA LEU B 350 35.33 -11.51 -5.96
C LEU B 350 35.41 -12.94 -5.46
N MET B 351 36.51 -13.30 -4.74
CA MET B 351 36.69 -14.66 -4.24
C MET B 351 37.24 -14.70 -2.81
N PHE B 352 36.81 -15.72 -2.04
CA PHE B 352 37.24 -15.88 -0.67
C PHE B 352 37.53 -17.33 -0.32
N GLY B 353 38.61 -17.53 0.46
CA GLY B 353 39.08 -18.82 0.92
C GLY B 353 40.06 -18.69 2.09
N THR B 354 40.05 -19.69 3.00
CA THR B 354 40.91 -19.73 4.18
C THR B 354 42.10 -20.69 4.01
N ARG B 355 42.00 -21.67 3.07
CA ARG B 355 43.05 -22.65 2.77
C ARG B 355 43.34 -22.70 1.27
N LYS B 356 44.63 -22.94 0.92
CA LYS B 356 45.19 -23.01 -0.44
C LYS B 356 44.41 -23.90 -1.43
N ASN B 357 43.83 -25.02 -0.95
CA ASN B 357 43.06 -25.92 -1.82
C ASN B 357 41.70 -26.31 -1.22
N SER B 358 41.10 -25.40 -0.41
CA SER B 358 39.79 -25.59 0.22
C SER B 358 38.66 -25.09 -0.69
N PHE B 359 37.45 -24.92 -0.11
CA PHE B 359 36.28 -24.41 -0.82
C PHE B 359 36.49 -22.91 -1.11
N ILE B 360 35.95 -22.43 -2.24
CA ILE B 360 36.09 -21.03 -2.63
C ILE B 360 34.72 -20.41 -2.86
N TYR B 361 34.48 -19.25 -2.23
CA TYR B 361 33.25 -18.51 -2.42
C TYR B 361 33.52 -17.45 -3.48
N ASN B 362 33.16 -17.77 -4.74
CA ASN B 362 33.38 -16.95 -5.92
C ASN B 362 32.06 -16.32 -6.40
N ILE B 363 32.03 -14.97 -6.51
CA ILE B 363 30.83 -14.26 -6.93
C ILE B 363 30.48 -14.53 -8.40
N SER B 364 31.51 -14.81 -9.25
CA SER B 364 31.31 -15.11 -10.67
C SER B 364 30.56 -16.42 -10.84
N LYS B 365 30.76 -17.36 -9.89
CA LYS B 365 30.09 -18.67 -9.87
C LYS B 365 28.59 -18.56 -9.58
N LYS B 366 28.14 -17.39 -9.03
CA LYS B 366 26.73 -17.11 -8.70
C LYS B 366 25.91 -16.67 -9.94
N PHE B 367 26.53 -16.65 -11.12
CA PHE B 367 25.90 -16.28 -12.39
C PHE B 367 25.77 -17.52 -13.29
N SER B 368 24.59 -17.72 -13.88
CA SER B 368 24.35 -18.86 -14.75
C SER B 368 24.13 -18.48 -16.22
N ALA B 369 23.51 -17.31 -16.46
CA ALA B 369 23.27 -16.82 -17.82
C ALA B 369 23.33 -15.30 -17.90
N ILE B 370 24.02 -14.79 -18.94
CA ILE B 370 24.19 -13.37 -19.25
C ILE B 370 23.95 -13.17 -20.75
N THR B 371 22.92 -12.38 -21.10
CA THR B 371 22.61 -12.04 -22.50
C THR B 371 22.54 -10.54 -22.67
N GLY B 372 22.87 -10.07 -23.87
CA GLY B 372 22.86 -8.65 -24.19
C GLY B 372 23.27 -8.34 -25.62
N THR B 373 23.37 -7.04 -25.92
CA THR B 373 23.74 -6.53 -27.23
C THR B 373 24.81 -5.45 -27.06
N TYR B 374 25.89 -5.55 -27.85
CA TYR B 374 26.96 -4.55 -27.84
C TYR B 374 26.51 -3.35 -28.66
N SER B 375 26.73 -2.15 -28.11
CA SER B 375 26.39 -0.89 -28.78
C SER B 375 27.65 -0.33 -29.44
N ASP B 376 27.62 -0.20 -30.78
CA ASP B 376 28.74 0.37 -31.55
C ASP B 376 28.86 1.87 -31.26
N ALA B 377 27.71 2.55 -31.11
CA ALA B 377 27.60 3.99 -30.85
C ALA B 377 28.23 4.44 -29.53
N THR B 378 27.91 3.74 -28.41
CA THR B 378 28.42 4.09 -27.08
C THR B 378 29.62 3.23 -26.66
N LYS B 379 30.00 2.24 -27.50
CA LYS B 379 31.13 1.30 -27.29
C LYS B 379 31.03 0.55 -25.94
N ARG B 380 29.81 0.13 -25.58
CA ARG B 380 29.53 -0.61 -24.34
C ARG B 380 28.46 -1.69 -24.54
N THR B 381 28.41 -2.67 -23.64
CA THR B 381 27.43 -3.76 -23.68
C THR B 381 26.14 -3.35 -22.95
N ILE B 382 25.00 -3.59 -23.59
CA ILE B 382 23.68 -3.31 -23.02
C ILE B 382 23.05 -4.66 -22.69
N PHE B 383 23.12 -5.06 -21.42
CA PHE B 383 22.62 -6.33 -20.90
C PHE B 383 21.10 -6.41 -20.92
N ALA B 384 20.56 -7.55 -21.40
CA ALA B 384 19.13 -7.80 -21.53
C ALA B 384 18.57 -8.63 -20.38
N HIS B 385 19.01 -9.89 -20.25
CA HIS B 385 18.55 -10.81 -19.21
C HIS B 385 19.72 -11.44 -18.47
N ILE B 386 19.64 -11.44 -17.13
CA ILE B 386 20.65 -12.02 -16.25
C ILE B 386 20.01 -13.08 -15.35
N SER B 387 20.57 -14.31 -15.36
CA SER B 387 20.14 -15.40 -14.48
C SER B 387 21.26 -15.55 -13.46
N HIS B 388 20.93 -15.35 -12.19
CA HIS B 388 21.90 -15.40 -11.10
C HIS B 388 21.28 -15.86 -9.79
N SER B 389 22.12 -16.04 -8.76
CA SER B 389 21.72 -16.45 -7.42
C SER B 389 22.26 -15.50 -6.35
N ILE B 390 22.47 -14.21 -6.72
CA ILE B 390 22.92 -13.14 -5.82
C ILE B 390 21.80 -12.90 -4.79
N ASN B 391 22.18 -12.82 -3.51
CA ASN B 391 21.25 -12.60 -2.41
C ASN B 391 21.52 -11.27 -1.69
N ILE B 392 20.66 -10.92 -0.72
CA ILE B 392 20.74 -9.71 0.08
C ILE B 392 22.04 -9.64 0.91
N ILE B 393 22.61 -10.81 1.26
CA ILE B 393 23.84 -10.93 2.03
C ILE B 393 25.04 -10.41 1.21
N ASP B 394 25.12 -10.79 -0.08
CA ASP B 394 26.18 -10.37 -0.99
C ASP B 394 26.28 -8.85 -1.09
N THR B 395 25.13 -8.18 -1.15
CA THR B 395 25.01 -6.72 -1.24
C THR B 395 25.41 -6.05 0.08
N SER B 396 25.39 -6.82 1.19
CA SER B 396 25.66 -6.34 2.55
C SER B 396 27.07 -6.66 3.06
N ILE B 397 27.92 -7.27 2.22
CA ILE B 397 29.29 -7.60 2.61
C ILE B 397 30.16 -6.34 2.50
N PRO B 398 30.80 -5.87 3.59
CA PRO B 398 31.72 -4.72 3.47
C PRO B 398 32.94 -5.13 2.64
N VAL B 399 33.45 -4.21 1.80
CA VAL B 399 34.59 -4.43 0.89
C VAL B 399 35.84 -4.92 1.62
N SER B 400 36.08 -4.42 2.86
CA SER B 400 37.22 -4.79 3.73
C SER B 400 37.35 -6.28 3.92
N LEU B 401 36.21 -6.99 4.08
CA LEU B 401 36.19 -8.42 4.33
C LEU B 401 36.62 -9.25 3.13
N TRP B 402 36.46 -8.72 1.91
CA TRP B 402 36.89 -9.42 0.69
C TRP B 402 38.41 -9.46 0.61
N THR B 403 39.08 -8.42 1.13
CA THR B 403 40.54 -8.27 1.12
C THR B 403 41.17 -8.42 2.52
N SER B 404 40.49 -9.13 3.43
CA SER B 404 40.99 -9.33 4.79
C SER B 404 42.15 -10.32 4.82
N GLN B 405 42.94 -10.30 5.92
CA GLN B 405 44.11 -11.18 6.12
C GLN B 405 43.76 -12.67 6.08
N ARG B 406 42.50 -13.04 6.47
CA ARG B 406 41.99 -14.42 6.47
C ARG B 406 41.99 -15.00 5.05
N ASN B 407 41.75 -14.14 4.04
CA ASN B 407 41.70 -14.53 2.63
C ASN B 407 43.08 -14.85 2.06
N VAL B 408 43.23 -16.08 1.55
CA VAL B 408 44.47 -16.55 0.92
C VAL B 408 44.62 -15.93 -0.49
N TYR B 409 43.49 -15.47 -1.06
CA TYR B 409 43.43 -14.84 -2.38
C TYR B 409 43.47 -13.31 -2.23
N ASN B 410 43.60 -12.59 -3.38
CA ASN B 410 43.60 -11.13 -3.46
C ASN B 410 42.21 -10.62 -3.03
N GLY B 411 41.17 -11.36 -3.41
CA GLY B 411 39.78 -11.08 -3.07
C GLY B 411 39.06 -10.22 -4.07
N ASP B 412 39.41 -8.92 -4.10
CA ASP B 412 38.80 -7.91 -4.96
C ASP B 412 39.57 -7.79 -6.27
N ASN B 413 39.07 -8.47 -7.31
CA ASN B 413 39.69 -8.46 -8.63
C ASN B 413 38.94 -7.55 -9.62
N ARG B 414 38.18 -6.57 -9.09
CA ARG B 414 37.46 -5.56 -9.88
C ARG B 414 38.44 -4.52 -10.43
N SER B 415 37.98 -3.70 -11.38
CA SER B 415 38.77 -2.62 -11.98
C SER B 415 38.88 -1.46 -10.96
N ALA B 416 39.84 -0.55 -11.17
CA ALA B 416 40.05 0.62 -10.31
C ALA B 416 38.85 1.59 -10.40
N GLU B 417 38.20 1.62 -11.58
CA GLU B 417 37.02 2.43 -11.90
C GLU B 417 35.83 2.01 -11.03
N SER B 418 35.63 0.67 -10.86
CA SER B 418 34.58 0.07 -10.05
C SER B 418 34.83 0.33 -8.56
N LYS B 419 36.09 0.08 -8.10
CA LYS B 419 36.52 0.27 -6.71
C LYS B 419 36.36 1.73 -6.24
N ALA B 420 36.53 2.69 -7.17
CA ALA B 420 36.39 4.13 -6.90
C ALA B 420 34.93 4.54 -6.67
N LYS B 421 33.97 3.73 -7.19
CA LYS B 421 32.53 3.95 -7.08
C LYS B 421 31.95 3.39 -5.77
N ASP B 422 32.77 2.71 -4.94
CA ASP B 422 32.34 2.14 -3.64
C ASP B 422 31.84 3.23 -2.70
N LEU B 423 30.78 2.93 -1.94
CA LEU B 423 30.14 3.90 -1.04
C LEU B 423 30.27 3.57 0.43
N PHE B 424 30.44 4.62 1.25
CA PHE B 424 30.53 4.54 2.70
C PHE B 424 29.11 4.58 3.25
N ILE B 425 28.71 3.55 4.00
CA ILE B 425 27.40 3.46 4.63
C ILE B 425 27.62 3.28 6.13
N ASN B 426 27.13 4.23 6.93
CA ASN B 426 27.28 4.25 8.39
C ASN B 426 25.94 4.34 9.11
N ASP B 427 24.84 3.91 8.44
CA ASP B 427 23.49 3.91 8.99
C ASP B 427 23.48 3.32 10.41
N PRO B 428 23.04 4.10 11.42
CA PRO B 428 23.11 3.61 12.80
C PRO B 428 22.05 2.59 13.22
N PHE B 429 20.99 2.42 12.41
CA PHE B 429 19.86 1.55 12.77
C PHE B 429 19.76 0.24 11.96
N ILE B 430 20.89 -0.29 11.46
CA ILE B 430 20.90 -1.56 10.72
C ILE B 430 20.68 -2.72 11.71
N LYS B 431 19.85 -3.71 11.32
CA LYS B 431 19.56 -4.89 12.13
C LYS B 431 19.94 -6.16 11.37
N GLY B 432 20.33 -7.21 12.10
CA GLY B 432 20.73 -8.49 11.53
C GLY B 432 22.12 -8.43 10.92
N ILE B 433 22.32 -9.15 9.81
CA ILE B 433 23.61 -9.20 9.12
C ILE B 433 23.50 -8.71 7.66
N ASP B 434 22.30 -8.24 7.27
CA ASP B 434 22.04 -7.68 5.95
C ASP B 434 21.24 -6.36 6.03
N PHE B 435 21.30 -5.54 4.96
CA PHE B 435 20.64 -4.23 4.89
C PHE B 435 19.12 -4.25 5.05
N LYS B 436 18.47 -5.41 4.82
CA LYS B 436 17.02 -5.55 4.93
C LYS B 436 16.57 -6.31 6.18
N ASN B 437 17.52 -6.84 6.98
CA ASN B 437 17.27 -7.66 8.17
C ASN B 437 16.45 -8.93 7.79
N LYS B 438 16.75 -9.48 6.60
CA LYS B 438 16.09 -10.63 6.02
C LYS B 438 16.52 -11.94 6.68
N THR B 439 17.84 -12.17 6.76
CA THR B 439 18.43 -13.39 7.31
C THR B 439 18.25 -13.45 8.81
N ASP B 440 17.48 -14.46 9.27
CA ASP B 440 17.26 -14.68 10.70
C ASP B 440 18.42 -15.51 11.18
N ILE B 441 19.32 -14.89 11.96
CA ILE B 441 20.53 -15.53 12.48
C ILE B 441 20.35 -16.12 13.88
N ILE B 442 19.19 -15.87 14.52
CA ILE B 442 18.82 -16.42 15.81
C ILE B 442 18.07 -17.73 15.51
N SER B 443 18.69 -18.87 15.85
CA SER B 443 18.12 -20.20 15.65
C SER B 443 17.25 -20.62 16.85
N ARG B 444 17.57 -20.09 18.05
CA ARG B 444 16.85 -20.38 19.29
C ARG B 444 16.99 -19.21 20.26
N LEU B 445 15.90 -18.86 20.96
CA LEU B 445 15.88 -17.75 21.91
C LEU B 445 15.37 -18.26 23.25
N GLU B 446 16.08 -17.92 24.33
CA GLU B 446 15.73 -18.28 25.70
C GLU B 446 15.79 -17.05 26.59
N VAL B 447 14.72 -16.82 27.34
CA VAL B 447 14.58 -15.71 28.29
C VAL B 447 14.42 -16.34 29.68
N ARG B 448 15.30 -15.96 30.61
CA ARG B 448 15.33 -16.47 31.98
C ARG B 448 15.11 -15.36 32.98
N PHE B 449 14.09 -15.49 33.82
CA PHE B 449 13.80 -14.51 34.88
C PHE B 449 14.35 -15.12 36.18
N GLY B 450 15.67 -14.99 36.34
CA GLY B 450 16.44 -15.55 37.44
C GLY B 450 17.08 -16.85 37.00
N ASN B 451 16.74 -17.95 37.70
CA ASN B 451 17.23 -19.28 37.37
C ASN B 451 16.27 -20.01 36.43
N ASP B 452 14.97 -19.70 36.59
CA ASP B 452 13.85 -20.30 35.86
C ASP B 452 13.70 -19.72 34.47
N VAL B 453 13.32 -20.58 33.50
CA VAL B 453 13.06 -20.23 32.11
C VAL B 453 11.68 -19.57 32.02
N LEU B 454 11.66 -18.29 31.63
CA LEU B 454 10.41 -17.55 31.47
C LEU B 454 9.79 -17.89 30.12
N TYR B 455 10.62 -17.91 29.07
CA TYR B 455 10.19 -18.21 27.71
C TYR B 455 11.33 -18.73 26.85
N SER B 456 11.00 -19.66 25.95
CA SER B 456 11.95 -20.21 24.97
C SER B 456 11.22 -20.50 23.66
N GLU B 457 11.92 -20.34 22.53
CA GLU B 457 11.36 -20.59 21.20
C GLU B 457 12.45 -20.98 20.19
N ASN B 458 12.07 -21.80 19.19
CA ASN B 458 12.96 -22.23 18.12
C ASN B 458 12.67 -21.45 16.82
N GLY B 459 11.44 -20.97 16.71
CA GLY B 459 10.97 -20.16 15.59
C GLY B 459 10.62 -18.76 16.06
N PRO B 460 10.63 -17.73 15.17
CA PRO B 460 10.28 -16.39 15.64
C PRO B 460 8.78 -16.14 15.80
N ILE B 461 8.10 -17.02 16.57
CA ILE B 461 6.67 -16.90 16.86
C ILE B 461 6.38 -15.63 17.69
N SER B 462 7.34 -15.18 18.52
CA SER B 462 7.20 -13.93 19.29
C SER B 462 7.22 -12.73 18.34
N ARG B 463 7.98 -12.81 17.22
CA ARG B 463 8.03 -11.78 16.18
C ARG B 463 6.71 -11.76 15.40
N ILE B 464 6.16 -12.95 15.09
CA ILE B 464 4.87 -13.12 14.40
C ILE B 464 3.76 -12.47 15.22
N TYR B 465 3.76 -12.70 16.55
CA TYR B 465 2.78 -12.10 17.45
C TYR B 465 2.94 -10.60 17.55
N ASN B 466 4.19 -10.12 17.55
CA ASN B 466 4.50 -8.69 17.59
C ASN B 466 3.92 -8.02 16.35
N GLU B 467 4.24 -8.58 15.16
CA GLU B 467 3.78 -8.08 13.87
C GLU B 467 2.24 -8.10 13.75
N LEU B 468 1.58 -9.17 14.24
CA LEU B 468 0.12 -9.29 14.21
C LEU B 468 -0.57 -8.31 15.15
N LEU B 469 -0.12 -8.24 16.42
CA LEU B 469 -0.71 -7.37 17.44
C LEU B 469 -0.45 -5.88 17.21
N THR B 470 0.70 -5.51 16.61
CA THR B 470 1.04 -4.10 16.37
C THR B 470 0.78 -3.67 14.91
N LYS B 471 0.25 -4.59 14.07
CA LYS B 471 -0.06 -4.36 12.64
C LYS B 471 1.15 -3.77 11.90
N SER B 472 2.34 -4.32 12.19
CA SER B 472 3.62 -3.91 11.61
C SER B 472 4.19 -5.01 10.72
N ASN B 473 4.94 -4.61 9.68
CA ASN B 473 5.57 -5.55 8.75
C ASN B 473 7.04 -5.79 9.13
N ASN B 474 7.58 -4.94 10.03
CA ASN B 474 8.96 -5.04 10.49
C ASN B 474 9.04 -5.05 12.03
N GLY B 475 8.66 -6.18 12.61
CA GLY B 475 8.68 -6.37 14.06
C GLY B 475 9.92 -7.09 14.56
N THR B 476 10.00 -7.29 15.89
CA THR B 476 11.11 -7.99 16.55
C THR B 476 10.54 -9.08 17.46
N ARG B 477 11.39 -10.04 17.89
CA ARG B 477 11.00 -11.09 18.84
C ARG B 477 10.66 -10.35 20.14
N THR B 478 9.35 -10.15 20.41
CA THR B 478 8.82 -9.38 21.55
C THR B 478 7.90 -10.20 22.46
N LEU B 479 8.14 -10.09 23.77
CA LEU B 479 7.33 -10.73 24.80
C LEU B 479 6.53 -9.64 25.47
N THR B 480 5.22 -9.64 25.22
CA THR B 480 4.30 -8.65 25.77
C THR B 480 3.63 -9.21 27.02
N PHE B 481 3.68 -8.46 28.11
CA PHE B 481 3.08 -8.83 29.40
C PHE B 481 1.82 -8.02 29.68
N ASN B 482 1.65 -6.89 28.97
CA ASN B 482 0.49 -6.03 29.12
C ASN B 482 -0.48 -6.11 27.93
N PHE B 483 -1.66 -6.70 28.17
CA PHE B 483 -2.75 -6.85 27.19
C PHE B 483 -3.97 -6.07 27.66
N THR B 484 -3.78 -5.25 28.70
CA THR B 484 -4.80 -4.39 29.32
C THR B 484 -4.83 -3.04 28.56
N PRO B 485 -6.03 -2.44 28.31
CA PRO B 485 -6.06 -1.14 27.60
C PRO B 485 -5.22 -0.07 28.32
N LYS B 486 -4.45 0.69 27.54
CA LYS B 486 -3.57 1.74 28.08
C LYS B 486 -4.34 2.97 28.57
N ILE B 487 -3.72 3.74 29.49
CA ILE B 487 -4.19 5.01 30.08
C ILE B 487 -5.37 4.80 31.06
N PHE B 488 -6.44 4.13 30.62
CA PHE B 488 -7.63 3.90 31.44
C PHE B 488 -7.42 2.83 32.53
N PHE B 489 -6.37 2.00 32.39
CA PHE B 489 -6.03 0.95 33.35
C PHE B 489 -4.56 1.01 33.70
N ARG B 490 -4.21 0.52 34.90
CA ARG B 490 -2.83 0.40 35.36
C ARG B 490 -2.25 -0.78 34.56
N PRO B 491 -1.11 -0.63 33.86
CA PRO B 491 -0.58 -1.74 33.06
C PRO B 491 -0.19 -2.99 33.84
N THR B 492 -0.43 -4.16 33.23
CA THR B 492 -0.08 -5.48 33.75
C THR B 492 1.42 -5.68 33.49
N THR B 493 2.17 -6.12 34.51
CA THR B 493 3.62 -6.32 34.38
C THR B 493 4.07 -7.68 34.92
N ILE B 494 5.29 -8.09 34.53
CA ILE B 494 5.95 -9.27 35.06
C ILE B 494 6.55 -8.79 36.39
N THR B 495 6.09 -9.38 37.51
CA THR B 495 6.49 -8.96 38.85
C THR B 495 7.73 -9.74 39.32
N ALA B 496 8.70 -9.01 39.91
CA ALA B 496 9.97 -9.54 40.41
C ALA B 496 9.92 -10.09 41.82
N ASN B 497 10.74 -11.14 42.08
CA ASN B 497 10.91 -11.78 43.39
C ASN B 497 12.40 -11.67 43.74
N VAL B 498 12.76 -10.57 44.46
CA VAL B 498 14.14 -10.22 44.85
C VAL B 498 14.80 -11.33 45.70
N SER B 499 14.05 -11.92 46.66
CA SER B 499 14.52 -12.99 47.55
C SER B 499 14.95 -14.27 46.81
N ARG B 500 14.26 -14.60 45.70
CA ARG B 500 14.54 -15.79 44.88
C ARG B 500 15.52 -15.48 43.73
N GLY B 501 16.01 -14.24 43.68
CA GLY B 501 16.94 -13.78 42.65
C GLY B 501 16.31 -13.54 41.30
N LYS B 502 14.95 -13.41 41.28
CA LYS B 502 14.16 -13.16 40.07
C LYS B 502 13.96 -11.63 39.94
N ASP B 503 15.07 -10.91 39.70
CA ASP B 503 15.11 -9.45 39.59
C ASP B 503 15.92 -8.99 38.36
N LYS B 504 16.22 -9.94 37.45
CA LYS B 504 16.99 -9.72 36.22
C LYS B 504 16.52 -10.63 35.09
N LEU B 505 16.44 -10.08 33.87
CA LEU B 505 16.03 -10.86 32.69
C LEU B 505 17.27 -11.21 31.88
N SER B 506 17.56 -12.52 31.77
CA SER B 506 18.73 -12.98 31.04
C SER B 506 18.31 -13.59 29.71
N VAL B 507 18.92 -13.08 28.63
CA VAL B 507 18.64 -13.52 27.27
C VAL B 507 19.85 -14.29 26.75
N ARG B 508 19.61 -15.50 26.22
CA ARG B 508 20.62 -16.36 25.62
C ARG B 508 20.07 -16.79 24.27
N VAL B 509 20.88 -16.65 23.22
CA VAL B 509 20.50 -17.08 21.88
C VAL B 509 21.46 -18.15 21.34
N VAL B 510 21.00 -18.90 20.35
CA VAL B 510 21.82 -19.88 19.65
C VAL B 510 21.88 -19.33 18.23
N TYR B 511 23.04 -18.80 17.83
CA TYR B 511 23.23 -18.25 16.49
C TYR B 511 23.39 -19.37 15.47
N SER B 512 23.00 -19.09 14.22
CA SER B 512 23.14 -20.02 13.12
C SER B 512 24.64 -20.22 12.82
N THR B 513 25.00 -21.40 12.27
CA THR B 513 26.39 -21.66 11.94
C THR B 513 26.61 -21.39 10.46
N MET B 514 27.54 -20.47 10.19
CA MET B 514 27.88 -20.06 8.84
C MET B 514 29.23 -20.63 8.39
N ASP B 515 29.41 -20.73 7.07
CA ASP B 515 30.64 -21.22 6.43
C ASP B 515 31.77 -20.21 6.61
N VAL B 516 32.97 -20.69 7.01
CA VAL B 516 34.16 -19.85 7.23
C VAL B 516 34.73 -19.25 5.94
N ASN B 517 34.42 -19.87 4.78
CA ASN B 517 34.93 -19.42 3.48
C ASN B 517 33.97 -18.41 2.79
N HIS B 518 32.90 -18.00 3.51
CA HIS B 518 31.92 -17.00 3.07
C HIS B 518 32.21 -15.72 3.89
N PRO B 519 32.43 -14.55 3.23
CA PRO B 519 32.80 -13.33 3.97
C PRO B 519 31.84 -12.85 5.07
N ILE B 520 30.53 -13.17 4.98
CA ILE B 520 29.55 -12.74 5.99
C ILE B 520 29.82 -13.35 7.39
N TYR B 521 30.61 -14.44 7.44
CA TYR B 521 31.01 -15.12 8.67
C TYR B 521 31.75 -14.16 9.60
N TYR B 522 32.49 -13.19 9.02
CA TYR B 522 33.33 -12.24 9.74
C TYR B 522 32.62 -10.92 10.09
N VAL B 523 31.28 -10.86 9.88
CA VAL B 523 30.47 -9.69 10.26
C VAL B 523 30.13 -9.90 11.73
N GLN B 524 30.71 -9.05 12.58
CA GLN B 524 30.52 -9.08 14.02
C GLN B 524 29.07 -8.78 14.37
N LYS B 525 28.51 -9.49 15.37
CA LYS B 525 27.10 -9.36 15.77
C LYS B 525 26.99 -8.85 17.19
N GLN B 526 25.95 -8.09 17.48
CA GLN B 526 25.66 -7.58 18.82
C GLN B 526 24.20 -7.84 19.17
N LEU B 527 23.95 -8.42 20.36
CA LEU B 527 22.60 -8.72 20.82
C LEU B 527 22.04 -7.50 21.54
N VAL B 528 20.82 -7.07 21.17
CA VAL B 528 20.12 -5.92 21.75
C VAL B 528 18.88 -6.44 22.47
N VAL B 529 18.76 -6.09 23.75
CA VAL B 529 17.63 -6.46 24.59
C VAL B 529 17.00 -5.17 25.10
N VAL B 530 15.71 -4.97 24.80
CA VAL B 530 14.95 -3.77 25.19
C VAL B 530 13.88 -4.16 26.19
N CYS B 531 13.87 -3.48 27.34
CA CYS B 531 12.94 -3.69 28.44
C CYS B 531 12.15 -2.41 28.74
N ASN B 532 10.80 -2.50 28.80
CA ASN B 532 9.93 -1.37 29.12
C ASN B 532 9.51 -1.47 30.57
N ASP B 533 10.07 -0.59 31.43
CA ASP B 533 9.82 -0.53 32.87
C ASP B 533 8.64 0.38 33.19
N LEU B 534 7.78 -0.04 34.12
CA LEU B 534 6.63 0.76 34.52
C LEU B 534 7.02 1.77 35.60
N TYR B 535 6.60 3.03 35.40
CA TYR B 535 6.82 4.14 36.31
C TYR B 535 5.47 4.82 36.62
N LYS B 536 5.35 5.42 37.82
CA LYS B 536 4.16 6.16 38.21
C LYS B 536 4.43 7.64 38.07
N VAL B 537 3.55 8.36 37.37
CA VAL B 537 3.68 9.81 37.17
C VAL B 537 2.93 10.51 38.29
N SER B 538 3.69 11.23 39.12
CA SER B 538 3.19 11.97 40.27
C SER B 538 3.26 13.44 39.92
N TYR B 539 2.10 14.10 39.91
CA TYR B 539 2.01 15.51 39.59
C TYR B 539 1.92 16.37 40.88
N ASP B 540 2.23 15.76 42.05
CA ASP B 540 2.20 16.44 43.34
C ASP B 540 3.43 17.34 43.49
N GLN B 541 3.19 18.67 43.34
CA GLN B 541 4.19 19.75 43.40
C GLN B 541 5.33 19.51 42.40
N GLY B 542 5.00 19.67 41.13
CA GLY B 542 5.90 19.43 40.01
C GLY B 542 5.76 18.02 39.49
N VAL B 543 6.05 17.82 38.21
CA VAL B 543 5.97 16.50 37.56
C VAL B 543 7.18 15.67 37.98
N SER B 544 6.94 14.42 38.41
CA SER B 544 7.97 13.49 38.83
C SER B 544 7.57 12.04 38.55
N ILE B 545 8.55 11.16 38.30
CA ILE B 545 8.29 9.74 38.05
C ILE B 545 8.92 8.88 39.15
N THR B 546 8.29 7.73 39.44
CA THR B 546 8.75 6.78 40.46
C THR B 546 8.69 5.37 39.88
N LYS B 547 9.82 4.64 39.91
CA LYS B 547 9.92 3.27 39.41
C LYS B 547 9.10 2.33 40.27
N ILE B 548 8.23 1.51 39.62
CA ILE B 548 7.38 0.53 40.31
C ILE B 548 8.29 -0.63 40.72
N MET B 549 8.41 -0.84 42.05
CA MET B 549 9.29 -1.87 42.64
C MET B 549 8.58 -2.64 43.75
N ILE C 18 -8.10 -5.83 47.33
CA ILE C 18 -8.25 -4.66 46.46
C ILE C 18 -9.33 -4.86 45.40
N LYS C 19 -10.12 -3.80 45.13
CA LYS C 19 -11.20 -3.81 44.13
C LYS C 19 -10.57 -3.74 42.73
N ARG C 20 -10.97 -4.68 41.85
CA ARG C 20 -10.42 -4.78 40.49
C ARG C 20 -11.47 -4.72 39.40
N SER C 21 -11.17 -3.98 38.32
CA SER C 21 -12.08 -3.87 37.16
C SER C 21 -11.90 -5.11 36.31
N ASN C 22 -13.03 -5.76 35.95
CA ASN C 22 -13.01 -7.00 35.16
C ASN C 22 -12.61 -6.75 33.72
N VAL C 23 -11.47 -7.32 33.32
CA VAL C 23 -10.93 -7.21 31.95
C VAL C 23 -11.09 -8.53 31.18
N PHE C 24 -11.72 -9.55 31.79
CA PHE C 24 -11.91 -10.86 31.16
C PHE C 24 -13.36 -11.19 30.83
N ALA C 25 -14.32 -10.37 31.30
CA ALA C 25 -15.74 -10.57 31.05
C ALA C 25 -16.48 -9.24 31.12
N VAL C 26 -17.61 -9.16 30.38
CA VAL C 26 -18.45 -7.96 30.34
C VAL C 26 -19.93 -8.35 30.20
N ASP C 27 -20.82 -7.54 30.79
CA ASP C 27 -22.28 -7.74 30.73
C ASP C 27 -22.77 -7.35 29.33
N SER C 28 -23.17 -8.34 28.53
CA SER C 28 -23.68 -8.13 27.17
C SER C 28 -25.05 -7.45 27.22
N GLN C 29 -25.05 -6.11 27.21
CA GLN C 29 -26.24 -5.26 27.26
C GLN C 29 -27.19 -5.51 26.10
N ILE C 30 -28.51 -5.56 26.36
CA ILE C 30 -29.51 -5.76 25.31
C ILE C 30 -29.68 -4.41 24.59
N PRO C 31 -29.38 -4.32 23.27
CA PRO C 31 -29.54 -3.03 22.58
C PRO C 31 -30.98 -2.77 22.16
N THR C 32 -31.23 -1.56 21.62
CA THR C 32 -32.52 -1.14 21.09
C THR C 32 -32.90 -2.14 19.99
N LEU C 33 -34.17 -2.57 19.98
CA LEU C 33 -34.64 -3.50 18.95
C LEU C 33 -34.81 -2.75 17.64
N TYR C 34 -34.04 -3.16 16.63
CA TYR C 34 -34.06 -2.54 15.31
C TYR C 34 -33.79 -3.58 14.22
N MET C 35 -33.96 -3.15 12.96
CA MET C 35 -33.72 -3.99 11.80
C MET C 35 -33.19 -3.15 10.64
N PRO C 36 -31.93 -3.40 10.16
CA PRO C 36 -31.41 -2.62 9.04
C PRO C 36 -31.86 -3.15 7.67
N GLN C 37 -31.79 -2.30 6.64
CA GLN C 37 -32.10 -2.67 5.27
C GLN C 37 -31.39 -1.74 4.29
N TYR C 38 -30.78 -2.32 3.23
CA TYR C 38 -30.10 -1.50 2.21
C TYR C 38 -31.18 -1.08 1.23
N ILE C 39 -31.53 0.21 1.23
CA ILE C 39 -32.57 0.78 0.36
C ILE C 39 -31.92 1.57 -0.78
N SER C 40 -32.34 1.28 -2.03
CA SER C 40 -31.88 1.97 -3.24
C SER C 40 -33.05 2.71 -3.87
N LEU C 41 -32.85 3.99 -4.23
CA LEU C 41 -33.88 4.83 -4.84
C LEU C 41 -33.41 5.49 -6.13
N SER C 42 -34.33 5.67 -7.08
CA SER C 42 -34.10 6.38 -8.33
C SER C 42 -34.47 7.84 -8.08
N GLY C 43 -33.81 8.75 -8.79
CA GLY C 43 -34.04 10.17 -8.60
C GLY C 43 -34.91 10.87 -9.63
N VAL C 44 -35.00 12.20 -9.48
CA VAL C 44 -35.73 13.09 -10.37
C VAL C 44 -34.69 14.05 -10.93
N MET C 45 -34.40 13.94 -12.23
CA MET C 45 -33.42 14.78 -12.91
C MET C 45 -34.01 16.08 -13.40
N THR C 46 -33.31 17.18 -13.12
CA THR C 46 -33.71 18.53 -13.50
C THR C 46 -32.47 19.28 -13.98
N ASN C 47 -32.58 19.95 -15.14
CA ASN C 47 -31.50 20.76 -15.66
C ASN C 47 -31.72 22.23 -15.28
N ASP C 48 -31.20 22.59 -14.08
CA ASP C 48 -31.29 23.91 -13.46
C ASP C 48 -29.94 24.27 -12.82
N ASP C 51 -27.96 27.71 -14.90
CA ASP C 51 -26.96 27.45 -15.94
C ASP C 51 -27.20 26.10 -16.65
N ASN C 52 -28.41 25.51 -16.46
CA ASN C 52 -28.85 24.20 -16.98
C ASN C 52 -27.93 23.07 -16.46
N GLN C 53 -27.64 23.12 -15.15
CA GLN C 53 -26.80 22.15 -14.42
C GLN C 53 -27.66 20.98 -13.97
N ALA C 54 -27.15 19.74 -14.14
CA ALA C 54 -27.85 18.52 -13.76
C ALA C 54 -28.02 18.43 -12.25
N ILE C 55 -29.27 18.23 -11.80
CA ILE C 55 -29.64 18.13 -10.39
C ILE C 55 -30.52 16.90 -10.17
N ALA C 56 -30.11 16.03 -9.24
CA ALA C 56 -30.85 14.81 -8.90
C ALA C 56 -31.45 14.97 -7.51
N SER C 57 -32.74 14.65 -7.37
CA SER C 57 -33.40 14.73 -6.07
C SER C 57 -33.95 13.38 -5.68
N PHE C 58 -33.70 13.01 -4.41
CA PHE C 58 -34.13 11.74 -3.85
C PHE C 58 -34.94 12.04 -2.59
N GLU C 59 -36.21 11.63 -2.59
CA GLU C 59 -37.11 11.85 -1.45
C GLU C 59 -37.27 10.57 -0.62
N ILE C 60 -36.87 10.65 0.66
CA ILE C 60 -36.95 9.56 1.63
C ILE C 60 -38.05 9.91 2.63
N ARG C 61 -39.18 9.18 2.56
CA ARG C 61 -40.32 9.35 3.46
C ARG C 61 -41.06 8.04 3.60
N ASP C 62 -40.98 7.46 4.80
CA ASP C 62 -41.57 6.18 5.17
C ASP C 62 -41.67 6.15 6.67
N GLN C 63 -42.82 5.73 7.20
CA GLN C 63 -43.04 5.66 8.65
C GLN C 63 -42.14 4.62 9.33
N TYR C 64 -41.68 3.60 8.56
CA TYR C 64 -40.82 2.55 9.10
C TYR C 64 -39.31 2.86 8.96
N ILE C 65 -38.90 3.84 8.12
CA ILE C 65 -37.49 4.23 8.08
C ILE C 65 -37.30 5.20 9.27
N THR C 66 -36.89 4.65 10.42
CA THR C 66 -36.71 5.44 11.65
C THR C 66 -35.42 6.26 11.59
N ALA C 67 -34.34 5.68 11.07
CA ALA C 67 -33.04 6.33 10.96
C ALA C 67 -32.28 5.83 9.73
N LEU C 68 -31.25 6.59 9.30
CA LEU C 68 -30.42 6.23 8.14
C LEU C 68 -29.00 6.78 8.23
N ASN C 69 -28.08 6.16 7.47
CA ASN C 69 -26.68 6.53 7.31
C ASN C 69 -26.06 5.82 6.10
N HIS C 70 -24.75 6.02 5.88
CA HIS C 70 -23.93 5.44 4.80
C HIS C 70 -24.57 5.62 3.43
N LEU C 71 -24.66 6.87 2.98
CA LEU C 71 -25.21 7.22 1.68
C LEU C 71 -24.19 6.86 0.59
N VAL C 72 -24.62 6.09 -0.42
CA VAL C 72 -23.79 5.69 -1.57
C VAL C 72 -24.55 6.07 -2.84
N LEU C 73 -23.93 6.87 -3.71
CA LEU C 73 -24.55 7.27 -4.97
C LEU C 73 -23.90 6.52 -6.12
N SER C 74 -24.69 5.71 -6.85
CA SER C 74 -24.19 4.99 -8.00
C SER C 74 -24.45 5.77 -9.29
N LEU C 75 -23.57 5.61 -10.29
CA LEU C 75 -23.68 6.31 -11.57
C LEU C 75 -23.37 5.39 -12.72
N GLU C 76 -24.30 5.29 -13.69
CA GLU C 76 -24.13 4.48 -14.89
C GLU C 76 -23.48 5.31 -15.99
N LEU C 77 -22.19 5.03 -16.26
CA LEU C 77 -21.41 5.70 -17.30
C LEU C 77 -21.73 5.04 -18.64
N PRO C 78 -22.02 5.85 -19.69
CA PRO C 78 -22.43 5.25 -20.98
C PRO C 78 -21.29 4.70 -21.80
N GLU C 79 -21.63 3.97 -22.87
CA GLU C 79 -20.68 3.44 -23.83
C GLU C 79 -20.23 4.66 -24.64
N VAL C 80 -18.92 4.82 -24.78
CA VAL C 80 -18.36 5.95 -25.54
C VAL C 80 -17.84 5.40 -26.87
N LYS C 81 -18.50 5.77 -27.97
CA LYS C 81 -18.16 5.33 -29.33
C LYS C 81 -17.74 6.49 -30.22
N GLY C 82 -16.88 6.20 -31.18
CA GLY C 82 -16.39 7.20 -32.13
C GLY C 82 -14.88 7.25 -32.27
N MET C 83 -14.40 8.37 -32.80
CA MET C 83 -12.98 8.59 -33.04
C MET C 83 -12.32 9.56 -32.07
N GLY C 84 -11.01 9.41 -31.91
CA GLY C 84 -10.21 10.26 -31.06
C GLY C 84 -9.78 9.63 -29.76
N ARG C 85 -9.08 10.43 -28.93
CA ARG C 85 -8.57 10.02 -27.62
C ARG C 85 -9.53 10.44 -26.53
N PHE C 86 -9.86 9.51 -25.61
CA PHE C 86 -10.80 9.75 -24.51
C PHE C 86 -10.46 8.90 -23.28
N GLY C 87 -10.66 9.49 -22.11
CA GLY C 87 -10.45 8.87 -20.82
C GLY C 87 -11.18 9.62 -19.72
N TYR C 88 -11.52 8.93 -18.63
CA TYR C 88 -12.17 9.58 -17.48
C TYR C 88 -11.08 9.98 -16.48
N VAL C 89 -11.31 11.05 -15.72
CA VAL C 89 -10.39 11.50 -14.66
C VAL C 89 -10.35 10.43 -13.54
N PRO C 90 -9.25 10.27 -12.76
CA PRO C 90 -9.28 9.27 -11.67
C PRO C 90 -10.32 9.66 -10.63
N TYR C 91 -10.97 8.64 -10.01
CA TYR C 91 -12.03 8.82 -9.00
C TYR C 91 -13.19 9.63 -9.60
N VAL C 92 -13.50 9.33 -10.89
CA VAL C 92 -14.52 9.96 -11.74
C VAL C 92 -15.82 10.27 -10.96
N GLY C 93 -16.30 9.31 -10.15
CA GLY C 93 -17.51 9.42 -9.35
C GLY C 93 -17.53 10.62 -8.42
N TYR C 94 -16.39 10.89 -7.74
CA TYR C 94 -16.29 12.04 -6.84
C TYR C 94 -16.24 13.34 -7.64
N LYS C 95 -15.49 13.34 -8.76
CA LYS C 95 -15.33 14.50 -9.65
C LYS C 95 -16.64 14.96 -10.31
N CYS C 96 -17.63 14.04 -10.44
N CYS C 96 -17.63 14.07 -10.46
CA CYS C 96 -18.97 14.29 -10.97
CA CYS C 96 -18.91 14.47 -11.04
C CYS C 96 -19.75 15.22 -10.04
C CYS C 96 -19.76 15.26 -10.04
N ILE C 97 -19.54 15.08 -8.72
CA ILE C 97 -20.25 15.81 -7.66
C ILE C 97 -19.81 17.28 -7.57
N ASN C 98 -20.79 18.20 -7.65
CA ASN C 98 -20.56 19.64 -7.49
C ASN C 98 -20.99 20.05 -6.08
N HIS C 99 -22.12 19.51 -5.59
CA HIS C 99 -22.71 19.78 -4.28
C HIS C 99 -23.69 18.67 -3.87
N VAL C 100 -23.78 18.37 -2.55
CA VAL C 100 -24.73 17.40 -1.97
C VAL C 100 -25.43 18.08 -0.78
N SER C 101 -26.77 18.06 -0.76
CA SER C 101 -27.57 18.64 0.33
C SER C 101 -28.55 17.63 0.90
N ILE C 102 -28.57 17.49 2.24
CA ILE C 102 -29.53 16.65 2.94
C ILE C 102 -30.42 17.63 3.67
N SER C 103 -31.70 17.69 3.29
CA SER C 103 -32.64 18.64 3.89
C SER C 103 -33.99 18.03 4.28
N SER C 104 -34.68 18.69 5.22
CA SER C 104 -36.01 18.32 5.69
C SER C 104 -36.96 19.49 5.41
N CYS C 105 -38.17 19.45 5.99
CA CYS C 105 -39.19 20.49 5.88
C CYS C 105 -38.72 21.79 6.56
N ASN C 106 -37.86 21.67 7.60
CA ASN C 106 -37.31 22.78 8.37
C ASN C 106 -36.07 23.42 7.72
N GLY C 107 -35.61 22.86 6.60
CA GLY C 107 -34.44 23.33 5.86
C GLY C 107 -33.30 22.35 5.78
N VAL C 108 -32.11 22.84 5.37
CA VAL C 108 -30.88 22.05 5.22
C VAL C 108 -30.42 21.50 6.59
N ILE C 109 -30.16 20.18 6.66
CA ILE C 109 -29.67 19.51 7.87
C ILE C 109 -28.14 19.46 7.79
N TRP C 110 -27.62 19.19 6.58
CA TRP C 110 -26.20 19.08 6.28
C TRP C 110 -25.98 19.24 4.78
N GLU C 111 -24.86 19.87 4.40
CA GLU C 111 -24.47 20.06 3.01
C GLU C 111 -22.97 20.19 2.85
N ILE C 112 -22.46 19.78 1.69
CA ILE C 112 -21.04 19.80 1.37
C ILE C 112 -20.80 20.19 -0.08
N GLU C 113 -19.62 20.74 -0.34
CA GLU C 113 -19.19 21.07 -1.70
C GLU C 113 -18.47 19.82 -2.20
N GLY C 114 -18.62 19.55 -3.49
CA GLY C 114 -18.03 18.39 -4.16
C GLY C 114 -16.60 18.07 -3.75
N GLU C 115 -15.71 19.09 -3.82
CA GLU C 115 -14.30 18.98 -3.45
C GLU C 115 -14.08 18.64 -1.99
N GLU C 116 -14.94 19.16 -1.10
CA GLU C 116 -14.81 18.90 0.33
C GLU C 116 -15.17 17.45 0.68
N LEU C 117 -16.20 16.88 0.02
CA LEU C 117 -16.58 15.48 0.18
C LEU C 117 -15.40 14.58 -0.25
N TYR C 118 -14.79 14.91 -1.40
CA TYR C 118 -13.62 14.20 -1.94
C TYR C 118 -12.46 14.26 -0.94
N ASN C 119 -12.18 15.47 -0.39
CA ASN C 119 -11.13 15.72 0.61
C ASN C 119 -11.33 14.88 1.87
N ASN C 120 -12.59 14.71 2.29
CA ASN C 120 -12.94 13.90 3.44
C ASN C 120 -12.80 12.39 3.17
N CYS C 121 -12.73 11.99 1.88
CA CYS C 121 -12.63 10.59 1.46
C CYS C 121 -11.27 10.24 0.84
N ILE C 122 -10.33 11.20 0.80
CA ILE C 122 -9.01 11.00 0.20
C ILE C 122 -8.19 9.88 0.92
N ASN C 123 -8.47 9.62 2.22
CA ASN C 123 -7.78 8.58 2.99
C ASN C 123 -8.39 7.21 2.76
N ASN C 124 -9.66 7.19 2.32
CA ASN C 124 -10.40 5.96 2.12
C ASN C 124 -10.15 5.38 0.72
N THR C 125 -9.17 4.45 0.63
CA THR C 125 -8.74 3.78 -0.60
C THR C 125 -9.90 3.00 -1.25
N ILE C 126 -10.76 2.37 -0.43
CA ILE C 126 -11.92 1.58 -0.87
C ILE C 126 -12.95 2.48 -1.56
N ALA C 127 -13.34 3.60 -0.90
CA ALA C 127 -14.30 4.59 -1.42
C ALA C 127 -13.80 5.19 -2.73
N LEU C 128 -12.48 5.48 -2.80
CA LEU C 128 -11.83 6.03 -3.98
C LEU C 128 -11.85 5.02 -5.13
N LYS C 129 -11.57 3.73 -4.86
CA LYS C 129 -11.59 2.67 -5.88
C LYS C 129 -12.99 2.49 -6.46
N HIS C 130 -14.02 2.46 -5.58
CA HIS C 130 -15.43 2.30 -5.94
C HIS C 130 -15.92 3.39 -6.87
N SER C 131 -15.43 4.64 -6.68
CA SER C 131 -15.84 5.81 -7.46
C SER C 131 -15.34 5.80 -8.91
N GLY C 132 -14.42 4.91 -9.22
CA GLY C 132 -13.90 4.81 -10.58
C GLY C 132 -12.42 5.08 -10.68
N TYR C 133 -11.62 4.04 -10.39
CA TYR C 133 -10.18 4.10 -10.47
C TYR C 133 -9.67 2.76 -11.00
N SER C 134 -9.58 2.66 -12.34
CA SER C 134 -9.17 1.47 -13.09
C SER C 134 -8.58 1.87 -14.43
N SER C 135 -7.75 0.98 -15.03
CA SER C 135 -7.15 1.20 -16.35
C SER C 135 -8.23 1.27 -17.42
N GLU C 136 -9.35 0.54 -17.22
CA GLU C 136 -10.50 0.51 -18.11
C GLU C 136 -11.11 1.91 -18.25
N LEU C 137 -11.23 2.65 -17.12
CA LEU C 137 -11.82 3.99 -17.08
C LEU C 137 -10.84 5.15 -17.26
N ASN C 138 -9.69 5.10 -16.59
CA ASN C 138 -8.74 6.20 -16.48
C ASN C 138 -7.62 6.24 -17.51
N ASP C 139 -7.30 5.14 -18.19
CA ASP C 139 -6.28 5.18 -19.25
C ASP C 139 -6.86 5.88 -20.45
N ILE C 140 -6.02 6.55 -21.24
CA ILE C 140 -6.48 7.26 -22.43
C ILE C 140 -6.64 6.27 -23.59
N SER C 141 -7.89 5.95 -23.94
CA SER C 141 -8.20 5.01 -25.02
C SER C 141 -8.36 5.78 -26.34
N ILE C 142 -8.05 5.11 -27.46
CA ILE C 142 -8.15 5.70 -28.79
C ILE C 142 -9.14 4.92 -29.68
N GLY C 143 -10.03 5.65 -30.33
CA GLY C 143 -11.05 5.13 -31.24
C GLY C 143 -10.63 5.44 -32.66
N LEU C 144 -10.65 4.42 -33.55
CA LEU C 144 -10.17 4.61 -34.92
C LEU C 144 -11.25 4.77 -35.99
N THR C 145 -12.47 4.27 -35.74
CA THR C 145 -13.58 4.37 -36.69
C THR C 145 -14.80 5.02 -36.02
N PRO C 146 -15.72 5.65 -36.78
CA PRO C 146 -16.90 6.30 -36.12
C PRO C 146 -17.79 5.38 -35.27
N ASN C 147 -17.68 4.05 -35.45
CA ASN C 147 -18.45 3.06 -34.70
C ASN C 147 -17.57 2.20 -33.76
N ASP C 148 -16.30 2.62 -33.58
CA ASP C 148 -15.37 1.93 -32.69
C ASP C 148 -15.72 2.29 -31.24
N THR C 149 -15.68 1.31 -30.34
CA THR C 149 -15.97 1.51 -28.92
C THR C 149 -14.70 1.94 -28.20
N ILE C 150 -14.68 3.20 -27.70
CA ILE C 150 -13.57 3.80 -26.96
C ILE C 150 -13.64 3.29 -25.51
N LYS C 151 -14.81 3.47 -24.85
CA LYS C 151 -15.05 3.05 -23.48
C LYS C 151 -16.34 2.23 -23.37
N GLU C 152 -16.26 1.11 -22.65
CA GLU C 152 -17.39 0.21 -22.41
C GLU C 152 -18.27 0.80 -21.30
N PRO C 153 -19.60 0.53 -21.27
CA PRO C 153 -20.42 1.08 -20.16
C PRO C 153 -20.02 0.48 -18.82
N SER C 154 -20.00 1.30 -17.77
CA SER C 154 -19.56 0.90 -16.44
C SER C 154 -20.39 1.61 -15.37
N THR C 155 -20.43 1.04 -14.15
CA THR C 155 -21.15 1.62 -13.00
C THR C 155 -20.15 1.95 -11.90
N VAL C 156 -20.16 3.22 -11.46
CA VAL C 156 -19.29 3.72 -10.37
C VAL C 156 -20.11 4.00 -9.12
N TYR C 157 -19.51 3.84 -7.93
CA TYR C 157 -20.19 4.01 -6.64
C TYR C 157 -19.47 5.06 -5.80
N VAL C 158 -20.20 6.12 -5.41
CA VAL C 158 -19.64 7.25 -4.65
C VAL C 158 -20.13 7.24 -3.20
N TYR C 159 -19.20 7.02 -2.26
CA TYR C 159 -19.57 7.02 -0.85
C TYR C 159 -19.71 8.47 -0.36
N ILE C 160 -20.95 8.92 -0.19
CA ILE C 160 -21.23 10.26 0.32
C ILE C 160 -21.09 10.19 1.83
N LYS C 161 -19.86 10.39 2.33
CA LYS C 161 -19.52 10.37 3.76
C LYS C 161 -20.22 11.55 4.43
N THR C 162 -21.00 11.26 5.47
CA THR C 162 -21.73 12.27 6.24
C THR C 162 -21.37 12.13 7.73
N PRO C 163 -21.67 13.12 8.61
CA PRO C 163 -21.35 12.94 10.05
C PRO C 163 -22.16 11.84 10.73
N PHE C 164 -23.17 11.29 10.03
CA PHE C 164 -24.05 10.23 10.56
C PHE C 164 -23.42 8.84 10.56
N ASP C 165 -22.22 8.68 9.97
CA ASP C 165 -21.51 7.41 9.86
C ASP C 165 -20.44 7.21 10.93
N VAL C 166 -19.99 8.31 11.58
CA VAL C 166 -18.91 8.34 12.58
C VAL C 166 -19.02 7.21 13.62
N GLU C 167 -20.19 7.07 14.27
CA GLU C 167 -20.43 6.04 15.29
C GLU C 167 -21.63 5.14 14.95
N ASP C 168 -21.75 4.80 13.65
CA ASP C 168 -22.79 3.93 13.07
C ASP C 168 -24.21 4.30 13.51
N THR C 169 -24.90 3.42 14.27
CA THR C 169 -26.27 3.65 14.74
C THR C 169 -26.40 4.84 15.69
N PHE C 170 -25.39 5.07 16.54
CA PHE C 170 -25.37 6.18 17.52
C PHE C 170 -25.41 7.55 16.85
N SER C 171 -24.68 7.70 15.73
CA SER C 171 -24.57 8.96 14.98
C SER C 171 -25.62 9.14 13.87
N SER C 172 -26.32 8.05 13.47
CA SER C 172 -27.31 7.98 12.38
C SER C 172 -28.33 9.11 12.35
N LEU C 173 -28.75 9.51 11.14
CA LEU C 173 -29.77 10.55 10.94
C LEU C 173 -31.14 9.98 11.30
N LYS C 174 -31.80 10.54 12.33
CA LYS C 174 -33.13 10.08 12.75
C LYS C 174 -34.19 10.85 11.97
N LEU C 175 -35.20 10.12 11.45
CA LEU C 175 -36.31 10.68 10.68
C LEU C 175 -37.55 10.66 11.57
N SER C 176 -37.76 11.73 12.34
CA SER C 176 -38.92 11.82 13.22
C SER C 176 -40.17 12.19 12.39
N ASP C 177 -40.74 11.16 11.69
CA ASP C 177 -41.91 11.24 10.80
C ASP C 177 -41.77 12.36 9.72
N SER C 178 -40.52 12.79 9.44
CA SER C 178 -40.18 13.85 8.49
C SER C 178 -39.75 13.32 7.13
N LYS C 179 -39.89 14.16 6.08
CA LYS C 179 -39.50 13.87 4.70
C LYS C 179 -38.08 14.40 4.49
N ILE C 180 -37.15 13.49 4.18
CA ILE C 180 -35.74 13.86 3.94
C ILE C 180 -35.49 13.88 2.44
N THR C 181 -34.96 14.99 1.95
CA THR C 181 -34.62 15.15 0.54
C THR C 181 -33.10 15.23 0.41
N VAL C 182 -32.54 14.38 -0.46
CA VAL C 182 -31.11 14.35 -0.77
C VAL C 182 -30.97 14.92 -2.19
N THR C 183 -30.37 16.11 -2.31
CA THR C 183 -30.16 16.79 -3.59
C THR C 183 -28.70 16.67 -3.99
N VAL C 184 -28.46 16.19 -5.22
CA VAL C 184 -27.10 16.07 -5.76
C VAL C 184 -26.97 16.92 -7.01
N THR C 185 -26.06 17.91 -6.96
CA THR C 185 -25.76 18.81 -8.07
C THR C 185 -24.50 18.26 -8.76
N PHE C 186 -24.59 18.09 -10.09
CA PHE C 186 -23.48 17.54 -10.87
C PHE C 186 -22.69 18.59 -11.63
N ASN C 187 -21.39 18.36 -11.73
CA ASN C 187 -20.44 19.18 -12.47
C ASN C 187 -20.65 18.91 -13.96
N PRO C 188 -20.30 19.84 -14.89
CA PRO C 188 -20.43 19.52 -16.32
C PRO C 188 -19.51 18.34 -16.69
N VAL C 189 -19.92 17.50 -17.65
CA VAL C 189 -19.18 16.32 -18.09
C VAL C 189 -17.75 16.70 -18.58
N SER C 190 -17.52 17.98 -18.93
CA SER C 190 -16.22 18.51 -19.34
C SER C 190 -15.15 18.30 -18.26
N ASP C 191 -15.55 18.47 -16.98
CA ASP C 191 -14.71 18.33 -15.79
C ASP C 191 -14.18 16.92 -15.56
N ILE C 192 -14.99 15.88 -15.87
CA ILE C 192 -14.67 14.46 -15.63
C ILE C 192 -14.04 13.73 -16.83
N VAL C 193 -13.81 14.45 -17.94
CA VAL C 193 -13.29 13.84 -19.16
C VAL C 193 -11.96 14.46 -19.65
N ILE C 194 -11.01 13.58 -20.03
CA ILE C 194 -9.71 13.93 -20.63
C ILE C 194 -9.77 13.46 -22.10
N ARG C 195 -9.67 14.42 -23.05
CA ARG C 195 -9.81 14.16 -24.48
C ARG C 195 -8.92 15.03 -25.35
N ASP C 196 -8.72 14.64 -26.62
CA ASP C 196 -7.95 15.41 -27.60
C ASP C 196 -8.91 16.16 -28.55
N SER C 197 -8.37 16.99 -29.46
CA SER C 197 -9.16 17.75 -30.44
C SER C 197 -9.98 16.83 -31.37
N SER C 198 -9.41 15.65 -31.74
CA SER C 198 -10.01 14.65 -32.63
C SER C 198 -11.34 14.14 -32.11
N PHE C 199 -11.48 14.00 -30.77
CA PHE C 199 -12.71 13.54 -30.12
C PHE C 199 -13.81 14.59 -30.31
N ASP C 200 -15.03 14.11 -30.63
CA ASP C 200 -16.19 14.96 -30.84
C ASP C 200 -16.88 15.20 -29.49
N PHE C 201 -16.31 16.15 -28.72
CA PHE C 201 -16.84 16.49 -27.41
C PHE C 201 -18.20 17.18 -27.49
N GLU C 202 -18.40 18.01 -28.54
CA GLU C 202 -19.64 18.76 -28.81
C GLU C 202 -20.85 17.82 -28.80
N THR C 203 -20.78 16.70 -29.54
CA THR C 203 -21.84 15.69 -29.61
C THR C 203 -21.95 14.95 -28.29
N PHE C 204 -20.80 14.56 -27.70
CA PHE C 204 -20.72 13.84 -26.42
C PHE C 204 -21.42 14.62 -25.30
N ASN C 205 -21.17 15.94 -25.22
CA ASN C 205 -21.77 16.81 -24.21
C ASN C 205 -23.29 16.86 -24.35
N LYS C 206 -23.80 16.87 -25.60
CA LYS C 206 -25.23 16.89 -25.94
C LYS C 206 -25.89 15.56 -25.58
N GLU C 207 -25.25 14.45 -25.95
CA GLU C 207 -25.75 13.08 -25.73
C GLU C 207 -25.62 12.58 -24.28
N PHE C 208 -24.59 13.01 -23.52
CA PHE C 208 -24.35 12.57 -22.13
C PHE C 208 -25.42 13.03 -21.17
N VAL C 209 -25.87 12.08 -20.32
CA VAL C 209 -26.84 12.28 -19.25
C VAL C 209 -26.40 11.52 -18.01
N TYR C 210 -26.45 12.18 -16.85
CA TYR C 210 -26.10 11.56 -15.58
C TYR C 210 -27.24 10.62 -15.16
N VAL C 211 -26.91 9.35 -14.89
CA VAL C 211 -27.90 8.35 -14.48
C VAL C 211 -27.63 7.94 -13.00
N PRO C 212 -28.17 8.67 -12.01
CA PRO C 212 -27.85 8.35 -10.61
C PRO C 212 -28.85 7.47 -9.89
N GLU C 213 -28.41 6.88 -8.76
CA GLU C 213 -29.22 6.04 -7.88
C GLU C 213 -28.66 6.16 -6.47
N LEU C 214 -29.51 6.54 -5.49
CA LEU C 214 -29.08 6.71 -4.11
C LEU C 214 -29.40 5.50 -3.25
N SER C 215 -28.38 4.95 -2.61
CA SER C 215 -28.51 3.85 -1.67
C SER C 215 -28.14 4.35 -0.29
N PHE C 216 -28.73 3.75 0.75
CA PHE C 216 -28.46 4.07 2.15
C PHE C 216 -28.84 2.91 3.06
N ILE C 217 -28.20 2.85 4.24
CA ILE C 217 -28.55 1.83 5.21
C ILE C 217 -29.67 2.44 6.06
N GLY C 218 -30.89 1.94 5.88
CA GLY C 218 -32.06 2.36 6.62
C GLY C 218 -32.27 1.48 7.82
N TYR C 219 -32.82 2.04 8.92
CA TYR C 219 -33.05 1.29 10.15
C TYR C 219 -34.47 1.44 10.64
N MET C 220 -35.18 0.30 10.80
CA MET C 220 -36.53 0.31 11.36
C MET C 220 -36.32 0.06 12.85
N VAL C 221 -36.56 1.09 13.67
CA VAL C 221 -36.33 1.01 15.11
C VAL C 221 -37.66 0.94 15.89
N LYS C 222 -37.77 -0.04 16.80
CA LYS C 222 -38.94 -0.21 17.66
C LYS C 222 -38.75 0.62 18.93
N ASN C 223 -39.71 1.53 19.22
CA ASN C 223 -39.72 2.45 20.37
C ASN C 223 -38.39 3.21 20.54
N VAL C 224 -38.03 4.00 19.51
CA VAL C 224 -36.80 4.78 19.48
C VAL C 224 -36.82 5.89 20.55
N GLN C 225 -35.71 6.04 21.28
CA GLN C 225 -35.54 7.07 22.30
C GLN C 225 -34.56 8.09 21.74
N ILE C 226 -35.10 9.16 21.15
CA ILE C 226 -34.32 10.22 20.52
C ILE C 226 -33.80 11.23 21.55
N LYS C 227 -32.52 11.60 21.40
CA LYS C 227 -31.83 12.61 22.21
C LYS C 227 -31.17 13.62 21.24
N PRO C 228 -30.99 14.91 21.59
CA PRO C 228 -30.36 15.84 20.64
C PRO C 228 -28.86 15.56 20.46
N SER C 229 -28.32 15.95 19.30
CA SER C 229 -26.92 15.74 18.96
C SER C 229 -26.24 16.98 18.38
N PHE C 230 -24.96 16.84 18.02
CA PHE C 230 -24.16 17.92 17.44
C PHE C 230 -23.60 17.50 16.10
N ILE C 231 -23.57 18.44 15.15
CA ILE C 231 -23.08 18.20 13.79
C ILE C 231 -22.10 19.31 13.35
N GLU C 232 -21.05 18.92 12.61
CA GLU C 232 -20.06 19.86 12.06
C GLU C 232 -20.43 20.06 10.58
N LYS C 233 -20.78 21.30 10.19
CA LYS C 233 -21.14 21.61 8.80
C LYS C 233 -20.02 22.39 8.12
N PRO C 234 -19.39 21.86 7.04
CA PRO C 234 -18.30 22.61 6.39
C PRO C 234 -18.77 23.71 5.45
N ARG C 235 -18.08 24.87 5.55
CA ARG C 235 -18.30 26.07 4.76
C ARG C 235 -16.99 26.41 4.07
N ARG C 236 -17.03 26.75 2.78
CA ARG C 236 -15.80 27.16 2.11
C ARG C 236 -15.93 28.57 1.52
N VAL C 237 -14.80 29.27 1.49
CA VAL C 237 -14.69 30.61 0.92
C VAL C 237 -13.51 30.57 -0.03
N ILE C 238 -13.73 30.97 -1.30
CA ILE C 238 -12.68 31.03 -2.31
C ILE C 238 -12.34 32.50 -2.54
N GLY C 239 -11.08 32.83 -2.41
CA GLY C 239 -10.62 34.20 -2.64
C GLY C 239 -10.54 34.53 -4.12
N GLN C 240 -10.40 35.83 -4.43
CA GLN C 240 -10.29 36.33 -5.81
C GLN C 240 -9.03 35.80 -6.48
N ILE C 241 -8.99 35.79 -7.82
CA ILE C 241 -7.82 35.29 -8.56
C ILE C 241 -6.56 36.08 -8.20
N ASN C 242 -5.55 35.36 -7.67
CA ASN C 242 -4.23 35.85 -7.23
C ASN C 242 -4.30 36.72 -5.96
N GLN C 243 -5.43 36.67 -5.23
CA GLN C 243 -5.62 37.38 -3.96
C GLN C 243 -5.12 36.45 -2.83
N PRO C 244 -4.14 36.89 -2.01
CA PRO C 244 -3.61 36.01 -0.96
C PRO C 244 -4.39 36.08 0.37
N THR C 245 -5.57 36.70 0.34
CA THR C 245 -6.42 36.84 1.50
C THR C 245 -7.78 36.23 1.22
N ALA C 246 -8.43 35.77 2.28
CA ALA C 246 -9.78 35.22 2.28
C ALA C 246 -10.31 35.29 3.70
N THR C 247 -11.61 35.57 3.86
CA THR C 247 -12.24 35.72 5.17
C THR C 247 -13.52 34.91 5.26
N VAL C 248 -13.74 34.29 6.43
CA VAL C 248 -14.95 33.52 6.74
C VAL C 248 -15.66 34.34 7.83
N THR C 249 -16.83 34.92 7.50
CA THR C 249 -17.60 35.76 8.41
C THR C 249 -18.51 34.95 9.33
N GLU C 250 -19.02 35.60 10.40
CA GLU C 250 -19.95 35.02 11.38
C GLU C 250 -19.48 33.66 11.95
N VAL C 251 -18.20 33.60 12.37
CA VAL C 251 -17.65 32.39 12.99
C VAL C 251 -17.94 32.51 14.48
N HIS C 252 -18.75 31.59 15.03
CA HIS C 252 -19.14 31.61 16.44
C HIS C 252 -18.71 30.38 17.25
N ALA C 253 -18.62 29.20 16.60
CA ALA C 253 -18.19 27.93 17.21
C ALA C 253 -17.64 27.01 16.12
N ALA C 254 -16.32 27.08 15.88
CA ALA C 254 -15.68 26.30 14.83
C ALA C 254 -14.77 25.20 15.37
N THR C 255 -14.94 23.98 14.84
CA THR C 255 -14.16 22.80 15.25
C THR C 255 -12.81 22.75 14.56
N SER C 256 -12.73 23.26 13.31
CA SER C 256 -11.50 23.28 12.52
C SER C 256 -11.50 24.36 11.43
N LEU C 257 -10.32 24.63 10.87
CA LEU C 257 -10.12 25.57 9.77
C LEU C 257 -8.98 25.04 8.89
N SER C 258 -9.29 24.79 7.60
CA SER C 258 -8.32 24.31 6.62
C SER C 258 -8.02 25.39 5.59
N VAL C 259 -6.77 25.45 5.14
CA VAL C 259 -6.31 26.42 4.14
C VAL C 259 -5.52 25.67 3.07
N TYR C 260 -5.89 25.88 1.80
CA TYR C 260 -5.20 25.30 0.66
C TYR C 260 -5.33 26.19 -0.58
N THR C 261 -4.55 25.88 -1.62
CA THR C 261 -4.52 26.62 -2.88
C THR C 261 -4.98 25.74 -4.01
N LYS C 262 -5.64 26.36 -4.98
CA LYS C 262 -6.12 25.74 -6.19
C LYS C 262 -5.59 26.53 -7.39
N PRO C 263 -5.24 25.88 -8.51
CA PRO C 263 -4.85 26.68 -9.69
C PRO C 263 -6.10 27.15 -10.44
N TYR C 264 -5.96 28.21 -11.24
CA TYR C 264 -7.05 28.71 -12.07
C TYR C 264 -6.57 28.71 -13.50
N TYR C 265 -7.24 27.94 -14.37
CA TYR C 265 -6.83 27.81 -15.77
C TYR C 265 -7.75 28.51 -16.78
N GLY C 266 -8.55 29.48 -16.31
CA GLY C 266 -9.46 30.26 -17.14
C GLY C 266 -8.78 31.05 -18.23
N ASN C 267 -7.51 31.43 -18.00
CA ASN C 267 -6.66 32.17 -18.94
C ASN C 267 -5.99 31.25 -19.99
N THR C 268 -6.31 29.93 -19.95
CA THR C 268 -5.76 28.95 -20.88
C THR C 268 -6.88 28.19 -21.58
N ASP C 269 -6.52 27.39 -22.59
CA ASP C 269 -7.49 26.55 -23.31
C ASP C 269 -7.66 25.18 -22.61
N ASN C 270 -7.03 25.02 -21.41
CA ASN C 270 -7.02 23.82 -20.55
C ASN C 270 -6.38 22.61 -21.23
N LYS C 271 -5.46 22.85 -22.18
CA LYS C 271 -4.75 21.83 -22.92
C LYS C 271 -3.36 21.63 -22.31
N PHE C 272 -2.96 20.35 -22.20
CA PHE C 272 -1.68 19.90 -21.65
C PHE C 272 -1.04 18.94 -22.65
N ILE C 273 0.30 18.92 -22.72
CA ILE C 273 1.06 18.08 -23.65
C ILE C 273 0.82 16.57 -23.44
N SER C 274 0.87 16.12 -22.18
CA SER C 274 0.75 14.72 -21.80
C SER C 274 -0.13 14.48 -20.57
N TYR C 275 -0.45 13.20 -20.34
CA TYR C 275 -1.20 12.68 -19.20
C TYR C 275 -0.83 11.19 -19.02
N PRO C 276 -0.54 10.70 -17.79
CA PRO C 276 -0.11 9.30 -17.65
C PRO C 276 -1.22 8.24 -17.68
N GLY C 277 -2.46 8.63 -17.38
CA GLY C 277 -3.61 7.74 -17.37
C GLY C 277 -3.93 7.20 -16.00
N TYR C 278 -4.05 5.85 -15.89
CA TYR C 278 -4.34 5.15 -14.64
C TYR C 278 -3.15 5.24 -13.67
N SER C 279 -1.92 5.15 -14.21
CA SER C 279 -0.68 5.22 -13.46
C SER C 279 -0.56 6.69 -12.99
N GLN C 280 -0.72 6.92 -11.68
CA GLN C 280 -0.81 8.28 -11.14
C GLN C 280 0.35 8.75 -10.26
N ASP C 281 1.49 8.05 -10.27
CA ASP C 281 2.63 8.50 -9.47
C ASP C 281 3.31 9.69 -10.12
N GLU C 282 4.10 10.43 -9.33
CA GLU C 282 4.87 11.58 -9.77
C GLU C 282 5.77 11.16 -10.95
N LYS C 283 6.41 9.97 -10.85
CA LYS C 283 7.27 9.38 -11.88
C LYS C 283 6.48 9.04 -13.14
N ASP C 284 5.23 8.59 -12.98
CA ASP C 284 4.35 8.24 -14.11
C ASP C 284 3.99 9.47 -14.93
N TYR C 285 3.75 10.61 -14.26
CA TYR C 285 3.45 11.90 -14.89
C TYR C 285 4.68 12.39 -15.68
N ILE C 286 5.88 12.27 -15.07
CA ILE C 286 7.16 12.65 -15.67
C ILE C 286 7.48 11.79 -16.90
N ASP C 287 7.43 10.45 -16.75
CA ASP C 287 7.71 9.50 -17.83
C ASP C 287 6.81 9.68 -19.06
N ALA C 288 5.51 10.00 -18.85
CA ALA C 288 4.54 10.24 -19.92
C ALA C 288 4.93 11.47 -20.74
N TYR C 289 5.38 12.54 -20.05
CA TYR C 289 5.83 13.81 -20.62
C TYR C 289 7.10 13.60 -21.44
N VAL C 290 8.10 12.92 -20.87
CA VAL C 290 9.39 12.61 -21.52
C VAL C 290 9.13 11.83 -22.83
N SER C 291 8.28 10.79 -22.76
CA SER C 291 7.89 9.93 -23.88
C SER C 291 7.27 10.73 -25.04
N ARG C 292 6.45 11.74 -24.72
CA ARG C 292 5.79 12.60 -25.71
C ARG C 292 6.78 13.55 -26.39
N LEU C 293 7.78 14.05 -25.65
CA LEU C 293 8.78 14.97 -26.17
C LEU C 293 9.84 14.27 -27.01
N LEU C 294 10.22 13.03 -26.64
CA LEU C 294 11.25 12.25 -27.32
C LEU C 294 11.04 12.09 -28.82
N ASP C 295 9.77 12.09 -29.27
CA ASP C 295 9.39 11.98 -30.68
C ASP C 295 9.98 13.12 -31.53
N ASP C 296 9.98 14.35 -30.96
CA ASP C 296 10.50 15.55 -31.60
C ASP C 296 11.90 15.94 -31.14
N LEU C 297 12.32 15.49 -29.93
CA LEU C 297 13.63 15.81 -29.33
C LEU C 297 14.82 15.20 -30.09
N VAL C 298 14.74 13.90 -30.46
CA VAL C 298 15.80 13.19 -31.22
C VAL C 298 15.19 12.64 -32.51
N ILE C 299 15.64 13.16 -33.66
CA ILE C 299 15.15 12.80 -34.99
C ILE C 299 16.24 12.11 -35.84
N VAL C 300 15.90 10.97 -36.46
CA VAL C 300 16.78 10.24 -37.38
C VAL C 300 16.22 10.54 -38.77
N SER C 301 16.92 11.40 -39.53
CA SER C 301 16.47 11.84 -40.85
C SER C 301 17.61 11.94 -41.88
N ASP C 302 17.23 11.84 -43.17
CA ASP C 302 18.15 12.02 -44.30
C ASP C 302 18.08 13.51 -44.61
N GLY C 303 19.07 14.24 -44.12
CA GLY C 303 19.14 15.70 -44.25
C GLY C 303 18.36 16.41 -43.16
N PRO C 304 18.41 17.77 -43.10
CA PRO C 304 17.69 18.50 -42.04
C PRO C 304 16.20 18.16 -41.91
N PRO C 305 15.71 17.81 -40.69
CA PRO C 305 14.30 17.44 -40.52
C PRO C 305 13.29 18.52 -40.90
N THR C 306 12.13 18.08 -41.42
CA THR C 306 11.03 18.94 -41.87
C THR C 306 9.76 18.76 -41.03
N GLY C 307 8.86 19.74 -41.11
CA GLY C 307 7.59 19.74 -40.39
C GLY C 307 7.65 20.48 -39.07
N TYR C 308 8.75 21.23 -38.86
CA TYR C 308 8.99 22.00 -37.64
C TYR C 308 8.99 23.50 -37.96
N PRO C 309 8.52 24.37 -37.03
CA PRO C 309 8.51 25.82 -37.32
C PRO C 309 9.91 26.40 -37.56
N GLU C 310 9.99 27.59 -38.21
CA GLU C 310 11.27 28.24 -38.50
C GLU C 310 12.08 28.59 -37.24
N SER C 311 11.37 28.84 -36.12
CA SER C 311 11.92 29.15 -34.80
C SER C 311 12.74 28.00 -34.21
N ALA C 312 12.48 26.76 -34.69
CA ALA C 312 13.14 25.53 -34.26
C ALA C 312 14.60 25.49 -34.68
N GLU C 313 15.48 25.13 -33.72
CA GLU C 313 16.91 25.02 -33.96
C GLU C 313 17.34 23.55 -33.80
N ILE C 314 17.12 22.76 -34.88
CA ILE C 314 17.46 21.34 -34.95
C ILE C 314 18.90 21.19 -35.45
N VAL C 315 19.80 20.78 -34.56
CA VAL C 315 21.23 20.64 -34.77
C VAL C 315 21.64 19.18 -34.97
N GLU C 316 22.52 18.91 -35.96
CA GLU C 316 23.05 17.57 -36.23
C GLU C 316 24.02 17.20 -35.11
N VAL C 317 23.86 15.99 -34.55
CA VAL C 317 24.67 15.48 -33.46
C VAL C 317 26.10 15.16 -33.98
N PRO C 318 27.16 15.75 -33.38
CA PRO C 318 28.53 15.47 -33.85
C PRO C 318 29.00 14.05 -33.52
N GLU C 319 30.17 13.66 -34.09
CA GLU C 319 30.80 12.35 -33.91
C GLU C 319 31.01 11.97 -32.43
N ASP C 320 31.28 12.98 -31.56
CA ASP C 320 31.50 12.83 -30.11
CA ASP C 320 31.50 12.78 -30.13
C ASP C 320 30.20 12.48 -29.38
N GLY C 321 29.07 12.83 -29.99
CA GLY C 321 27.73 12.61 -29.44
C GLY C 321 27.22 13.75 -28.59
N ILE C 322 28.09 14.73 -28.26
CA ILE C 322 27.77 15.88 -27.42
C ILE C 322 27.30 17.09 -28.23
N VAL C 323 26.09 17.59 -27.91
CA VAL C 323 25.50 18.79 -28.49
C VAL C 323 25.40 19.79 -27.34
N SER C 324 26.00 20.99 -27.52
CA SER C 324 26.02 22.01 -26.49
C SER C 324 24.95 23.08 -26.73
N ILE C 325 24.00 23.19 -25.78
CA ILE C 325 22.96 24.22 -25.80
C ILE C 325 23.38 25.14 -24.66
N GLN C 326 24.21 26.16 -25.00
CA GLN C 326 24.84 27.10 -24.07
C GLN C 326 25.75 26.32 -23.11
N ASP C 327 25.47 26.35 -21.80
CA ASP C 327 26.24 25.65 -20.77
C ASP C 327 25.82 24.17 -20.58
N ALA C 328 24.67 23.78 -21.17
CA ALA C 328 24.14 22.42 -21.07
C ALA C 328 24.64 21.52 -22.20
N ASP C 329 25.21 20.36 -21.84
CA ASP C 329 25.71 19.37 -22.78
C ASP C 329 24.75 18.18 -22.82
N VAL C 330 24.28 17.82 -24.03
CA VAL C 330 23.36 16.71 -24.27
C VAL C 330 24.07 15.61 -25.06
N TYR C 331 24.20 14.42 -24.46
CA TYR C 331 24.85 13.27 -25.09
C TYR C 331 23.81 12.42 -25.80
N VAL C 332 23.83 12.43 -27.13
CA VAL C 332 22.88 11.70 -27.98
C VAL C 332 23.62 10.63 -28.82
N LYS C 333 23.31 9.34 -28.58
CA LYS C 333 23.91 8.22 -29.30
C LYS C 333 22.86 7.18 -29.69
N ILE C 334 22.54 7.09 -30.99
CA ILE C 334 21.56 6.14 -31.53
C ILE C 334 22.25 5.07 -32.39
N ASP C 335 21.96 3.79 -32.10
CA ASP C 335 22.51 2.64 -32.83
C ASP C 335 21.71 2.33 -34.09
N ASN C 336 22.32 1.59 -35.03
CA ASN C 336 21.75 1.12 -36.30
C ASN C 336 21.14 2.26 -37.14
N VAL C 337 21.84 3.41 -37.20
CA VAL C 337 21.39 4.55 -38.00
C VAL C 337 21.82 4.30 -39.45
N PRO C 338 20.89 4.38 -40.44
CA PRO C 338 21.29 4.15 -41.84
C PRO C 338 22.35 5.12 -42.34
N ASP C 339 23.20 4.66 -43.27
CA ASP C 339 24.31 5.42 -43.85
C ASP C 339 23.85 6.73 -44.52
N ASN C 340 22.65 6.73 -45.13
CA ASN C 340 22.08 7.91 -45.81
C ASN C 340 21.38 8.89 -44.82
N MET C 341 21.31 8.52 -43.52
CA MET C 341 20.66 9.31 -42.48
C MET C 341 21.61 9.78 -41.38
N SER C 342 21.19 10.83 -40.62
CA SER C 342 21.94 11.43 -39.52
C SER C 342 21.06 11.60 -38.25
N VAL C 343 21.71 11.74 -37.08
CA VAL C 343 21.02 11.96 -35.80
C VAL C 343 20.96 13.48 -35.53
N TYR C 344 19.74 13.98 -35.28
CA TYR C 344 19.46 15.39 -35.02
C TYR C 344 18.85 15.61 -33.65
N LEU C 345 19.18 16.75 -33.01
CA LEU C 345 18.64 17.13 -31.69
C LEU C 345 17.93 18.49 -31.79
N HIS C 346 16.68 18.55 -31.28
CA HIS C 346 15.91 19.80 -31.23
C HIS C 346 16.38 20.53 -29.98
N THR C 347 17.21 21.59 -30.17
CA THR C 347 17.84 22.33 -29.08
C THR C 347 16.90 23.32 -28.37
N ASN C 348 15.70 23.56 -28.90
CA ASN C 348 14.74 24.49 -28.29
C ASN C 348 13.27 24.02 -28.46
N LEU C 349 12.97 22.74 -28.10
CA LEU C 349 11.64 22.15 -28.23
C LEU C 349 10.54 23.00 -27.59
N LEU C 350 10.79 23.49 -26.36
CA LEU C 350 9.91 24.38 -25.63
C LEU C 350 10.80 25.39 -24.91
N MET C 351 10.60 26.69 -25.19
CA MET C 351 11.40 27.76 -24.59
C MET C 351 10.56 28.95 -24.12
N PHE C 352 10.98 29.55 -22.99
CA PHE C 352 10.30 30.69 -22.41
C PHE C 352 11.32 31.75 -22.00
N GLY C 353 11.02 32.99 -22.36
CA GLY C 353 11.84 34.16 -22.05
C GLY C 353 11.00 35.42 -22.05
N THR C 354 11.09 36.21 -20.98
CA THR C 354 10.34 37.47 -20.85
C THR C 354 11.01 38.63 -21.57
N ARG C 355 12.34 38.51 -21.81
CA ARG C 355 13.16 39.50 -22.49
C ARG C 355 14.22 38.82 -23.36
N LYS C 356 14.70 39.52 -24.41
CA LYS C 356 15.72 39.00 -25.33
C LYS C 356 17.09 38.79 -24.65
N ASN C 357 17.37 39.54 -23.57
CA ASN C 357 18.60 39.37 -22.81
C ASN C 357 18.32 38.93 -21.36
N SER C 358 17.45 37.91 -21.22
CA SER C 358 17.07 37.34 -19.92
C SER C 358 17.39 35.85 -19.88
N PHE C 359 17.11 35.20 -18.72
CA PHE C 359 17.27 33.76 -18.56
C PHE C 359 16.22 33.08 -19.42
N ILE C 360 16.61 32.01 -20.12
CA ILE C 360 15.66 31.27 -20.96
C ILE C 360 15.42 29.90 -20.34
N TYR C 361 14.15 29.55 -20.17
CA TYR C 361 13.77 28.24 -19.67
C TYR C 361 13.55 27.35 -20.89
N ASN C 362 14.56 26.50 -21.22
CA ASN C 362 14.54 25.59 -22.37
C ASN C 362 14.37 24.14 -21.89
N ILE C 363 13.33 23.44 -22.38
CA ILE C 363 13.05 22.06 -21.99
C ILE C 363 14.13 21.09 -22.51
N SER C 364 14.75 21.41 -23.67
CA SER C 364 15.80 20.59 -24.27
C SER C 364 17.04 20.59 -23.38
N LYS C 365 17.29 21.68 -22.64
CA LYS C 365 18.41 21.83 -21.72
C LYS C 365 18.25 20.94 -20.47
N LYS C 366 17.02 20.44 -20.21
CA LYS C 366 16.72 19.56 -19.07
C LYS C 366 17.10 18.08 -19.34
N PHE C 367 17.69 17.81 -20.52
CA PHE C 367 18.14 16.47 -20.93
C PHE C 367 19.66 16.42 -20.97
N SER C 368 20.26 15.36 -20.41
CA SER C 368 21.72 15.20 -20.38
C SER C 368 22.21 14.03 -21.21
N ALA C 369 21.42 12.94 -21.30
CA ALA C 369 21.76 11.76 -22.09
C ALA C 369 20.54 11.08 -22.70
N ILE C 370 20.64 10.71 -23.99
CA ILE C 370 19.62 10.01 -24.75
C ILE C 370 20.28 8.89 -25.56
N THR C 371 19.92 7.63 -25.28
CA THR C 371 20.45 6.46 -26.00
C THR C 371 19.31 5.64 -26.54
N GLY C 372 19.55 4.96 -27.65
CA GLY C 372 18.56 4.11 -28.30
C GLY C 372 19.07 3.42 -29.55
N THR C 373 18.17 2.71 -30.23
CA THR C 373 18.45 1.97 -31.45
C THR C 373 17.38 2.27 -32.48
N TYR C 374 17.79 2.59 -33.72
CA TYR C 374 16.88 2.85 -34.81
C TYR C 374 16.40 1.51 -35.37
N SER C 375 15.08 1.40 -35.60
CA SER C 375 14.47 0.20 -36.16
C SER C 375 14.26 0.40 -37.66
N ASP C 376 14.91 -0.44 -38.49
CA ASP C 376 14.77 -0.39 -39.94
C ASP C 376 13.37 -0.86 -40.35
N ALA C 377 12.84 -1.88 -39.63
CA ALA C 377 11.52 -2.49 -39.88
C ALA C 377 10.36 -1.52 -39.69
N THR C 378 10.32 -0.77 -38.56
CA THR C 378 9.24 0.18 -38.25
C THR C 378 9.60 1.63 -38.59
N LYS C 379 10.84 1.88 -39.06
CA LYS C 379 11.39 3.19 -39.46
C LYS C 379 11.25 4.26 -38.34
N ARG C 380 11.51 3.85 -37.09
CA ARG C 380 11.44 4.71 -35.92
C ARG C 380 12.53 4.39 -34.89
N THR C 381 12.84 5.34 -34.00
CA THR C 381 13.85 5.19 -32.96
C THR C 381 13.22 4.56 -31.71
N ILE C 382 13.88 3.53 -31.16
CA ILE C 382 13.45 2.85 -29.95
C ILE C 382 14.43 3.25 -28.85
N PHE C 383 14.03 4.22 -28.01
CA PHE C 383 14.84 4.78 -26.92
C PHE C 383 15.04 3.79 -25.79
N ALA C 384 16.29 3.68 -25.31
CA ALA C 384 16.70 2.74 -24.26
C ALA C 384 16.78 3.41 -22.88
N HIS C 385 17.72 4.36 -22.72
CA HIS C 385 17.93 5.07 -21.46
C HIS C 385 17.95 6.57 -21.65
N ILE C 386 17.22 7.30 -20.79
CA ILE C 386 17.13 8.76 -20.81
C ILE C 386 17.55 9.34 -19.46
N SER C 387 18.54 10.24 -19.46
CA SER C 387 19.01 10.96 -18.28
C SER C 387 18.48 12.38 -18.43
N HIS C 388 17.64 12.82 -17.48
CA HIS C 388 17.01 14.14 -17.51
C HIS C 388 16.71 14.69 -16.11
N SER C 389 16.23 15.94 -16.07
CA SER C 389 15.85 16.65 -14.84
C SER C 389 14.41 17.21 -14.91
N ILE C 390 13.54 16.55 -15.71
CA ILE C 390 12.13 16.90 -15.86
C ILE C 390 11.43 16.68 -14.52
N ASN C 391 10.61 17.65 -14.07
CA ASN C 391 9.88 17.58 -12.81
C ASN C 391 8.36 17.58 -13.02
N ILE C 392 7.59 17.42 -11.93
CA ILE C 392 6.13 17.40 -11.92
C ILE C 392 5.51 18.73 -12.42
N ILE C 393 6.25 19.84 -12.27
CA ILE C 393 5.81 21.17 -12.69
C ILE C 393 5.76 21.23 -14.23
N ASP C 394 6.79 20.69 -14.92
CA ASP C 394 6.88 20.67 -16.38
C ASP C 394 5.69 19.99 -17.01
N THR C 395 5.24 18.87 -16.41
CA THR C 395 4.10 18.07 -16.85
C THR C 395 2.76 18.79 -16.60
N SER C 396 2.78 19.79 -15.69
CA SER C 396 1.60 20.54 -15.27
C SER C 396 1.45 21.92 -15.91
N ILE C 397 2.38 22.29 -16.82
CA ILE C 397 2.32 23.58 -17.50
C ILE C 397 1.27 23.50 -18.62
N PRO C 398 0.22 24.35 -18.63
CA PRO C 398 -0.71 24.35 -19.75
C PRO C 398 0.01 24.85 -21.01
N VAL C 399 -0.30 24.27 -22.19
CA VAL C 399 0.31 24.61 -23.47
C VAL C 399 0.22 26.12 -23.80
N SER C 400 -0.92 26.76 -23.44
CA SER C 400 -1.19 28.19 -23.65
C SER C 400 -0.09 29.08 -23.04
N LEU C 401 0.46 28.68 -21.86
CA LEU C 401 1.50 29.46 -21.17
C LEU C 401 2.86 29.44 -21.87
N TRP C 402 3.11 28.45 -22.74
CA TRP C 402 4.35 28.36 -23.50
C TRP C 402 4.33 29.37 -24.65
N THR C 403 3.13 29.67 -25.18
CA THR C 403 2.91 30.59 -26.31
C THR C 403 2.20 31.88 -25.87
N SER C 404 2.28 32.22 -24.55
CA SER C 404 1.65 33.43 -24.01
C SER C 404 2.35 34.71 -24.48
N GLN C 405 1.61 35.87 -24.44
CA GLN C 405 2.09 37.21 -24.85
C GLN C 405 3.40 37.60 -24.18
N ARG C 406 3.56 37.28 -22.87
CA ARG C 406 4.74 37.54 -22.05
C ARG C 406 6.03 36.93 -22.60
N ASN C 407 5.90 35.88 -23.43
CA ASN C 407 7.03 35.19 -24.04
C ASN C 407 7.44 35.85 -25.36
N VAL C 408 8.70 36.33 -25.41
CA VAL C 408 9.26 36.97 -26.59
C VAL C 408 9.60 35.94 -27.69
N TYR C 409 9.60 34.63 -27.32
CA TYR C 409 9.90 33.52 -28.24
C TYR C 409 8.62 32.87 -28.75
N ASN C 410 8.74 31.99 -29.78
CA ASN C 410 7.59 31.26 -30.31
C ASN C 410 7.03 30.33 -29.20
N GLY C 411 7.92 29.72 -28.43
CA GLY C 411 7.56 28.89 -27.29
C GLY C 411 7.42 27.42 -27.60
N ASP C 412 6.41 27.06 -28.38
CA ASP C 412 6.11 25.69 -28.77
C ASP C 412 6.68 25.40 -30.16
N ASN C 413 7.86 24.77 -30.18
CA ASN C 413 8.55 24.42 -31.41
C ASN C 413 8.40 22.93 -31.78
N ARG C 414 7.36 22.28 -31.22
CA ARG C 414 7.03 20.88 -31.50
C ARG C 414 6.38 20.76 -32.89
N SER C 415 6.29 19.52 -33.40
CA SER C 415 5.66 19.22 -34.68
C SER C 415 4.14 19.33 -34.55
N ALA C 416 3.42 19.43 -35.68
CA ALA C 416 1.95 19.50 -35.71
C ALA C 416 1.34 18.19 -35.21
N GLU C 417 2.05 17.07 -35.43
CA GLU C 417 1.67 15.70 -35.03
C GLU C 417 1.64 15.59 -33.51
N SER C 418 2.64 16.18 -32.83
CA SER C 418 2.76 16.22 -31.37
C SER C 418 1.69 17.12 -30.76
N LYS C 419 1.51 18.35 -31.32
CA LYS C 419 0.53 19.35 -30.88
C LYS C 419 -0.91 18.83 -30.97
N ALA C 420 -1.18 17.95 -31.97
CA ALA C 420 -2.50 17.34 -32.20
C ALA C 420 -2.84 16.29 -31.13
N LYS C 421 -1.81 15.72 -30.47
CA LYS C 421 -1.94 14.72 -29.42
C LYS C 421 -2.18 15.34 -28.01
N ASP C 422 -2.17 16.69 -27.90
CA ASP C 422 -2.39 17.41 -26.65
C ASP C 422 -3.77 17.12 -26.09
N LEU C 423 -3.87 16.98 -24.76
CA LEU C 423 -5.12 16.62 -24.08
C LEU C 423 -5.70 17.71 -23.22
N PHE C 424 -7.04 17.83 -23.24
CA PHE C 424 -7.80 18.77 -22.44
C PHE C 424 -8.06 18.14 -21.09
N ILE C 425 -7.60 18.81 -20.02
CA ILE C 425 -7.79 18.35 -18.64
C ILE C 425 -8.49 19.47 -17.90
N ASN C 426 -9.70 19.17 -17.38
CA ASN C 426 -10.56 20.11 -16.66
C ASN C 426 -10.94 19.62 -15.26
N ASP C 427 -10.10 18.70 -14.69
CA ASP C 427 -10.31 18.12 -13.36
C ASP C 427 -10.64 19.23 -12.35
N PRO C 428 -11.82 19.15 -11.69
CA PRO C 428 -12.22 20.25 -10.80
C PRO C 428 -11.54 20.27 -9.43
N PHE C 429 -10.85 19.19 -9.03
CA PHE C 429 -10.26 19.08 -7.70
C PHE C 429 -8.72 19.17 -7.65
N ILE C 430 -8.08 19.86 -8.62
CA ILE C 430 -6.62 20.04 -8.63
C ILE C 430 -6.24 21.04 -7.51
N LYS C 431 -5.15 20.76 -6.79
CA LYS C 431 -4.63 21.62 -5.74
C LYS C 431 -3.18 22.00 -6.04
N GLY C 432 -2.79 23.19 -5.57
CA GLY C 432 -1.45 23.72 -5.77
C GLY C 432 -1.24 24.22 -7.18
N ILE C 433 -0.02 24.00 -7.72
CA ILE C 433 0.35 24.44 -9.06
C ILE C 433 0.79 23.28 -9.96
N ASP C 434 0.72 22.03 -9.44
CA ASP C 434 1.04 20.82 -10.18
C ASP C 434 -0.03 19.74 -9.97
N PHE C 435 -0.11 18.75 -10.89
CA PHE C 435 -1.08 17.66 -10.88
C PHE C 435 -1.05 16.76 -9.63
N LYS C 436 0.09 16.73 -8.90
CA LYS C 436 0.25 15.92 -7.70
C LYS C 436 0.18 16.73 -6.39
N ASN C 437 0.08 18.08 -6.49
CA ASN C 437 0.08 19.03 -5.35
C ASN C 437 1.39 18.85 -4.53
N LYS C 438 2.50 18.59 -5.24
CA LYS C 438 3.84 18.34 -4.68
C LYS C 438 4.48 19.64 -4.20
N THR C 439 4.43 20.68 -5.05
CA THR C 439 5.05 21.98 -4.79
C THR C 439 4.21 22.79 -3.82
N ASP C 440 4.80 23.19 -2.69
CA ASP C 440 4.14 24.03 -1.69
C ASP C 440 4.45 25.47 -2.06
N ILE C 441 3.41 26.25 -2.36
CA ILE C 441 3.60 27.64 -2.80
C ILE C 441 3.25 28.65 -1.69
N ILE C 442 2.99 28.16 -0.46
CA ILE C 442 2.70 29.02 0.68
C ILE C 442 3.98 29.13 1.51
N SER C 443 4.59 30.32 1.50
CA SER C 443 5.82 30.60 2.24
C SER C 443 5.53 30.99 3.69
N ARG C 444 4.34 31.58 3.95
CA ARG C 444 3.89 32.01 5.27
C ARG C 444 2.37 32.00 5.33
N LEU C 445 1.81 31.58 6.49
CA LEU C 445 0.37 31.55 6.75
C LEU C 445 0.04 32.34 8.01
N GLU C 446 -0.97 33.20 7.92
CA GLU C 446 -1.44 33.99 9.04
C GLU C 446 -2.95 33.89 9.14
N VAL C 447 -3.43 33.48 10.32
CA VAL C 447 -4.83 33.30 10.63
C VAL C 447 -5.18 34.26 11.79
N ARG C 448 -6.17 35.12 11.56
CA ARG C 448 -6.60 36.09 12.55
C ARG C 448 -8.05 35.86 12.97
N PHE C 449 -8.30 35.80 14.30
CA PHE C 449 -9.66 35.71 14.84
C PHE C 449 -10.01 37.13 15.24
N GLY C 450 -10.85 37.77 14.43
CA GLY C 450 -11.23 39.16 14.57
C GLY C 450 -10.13 40.00 13.95
N ASN C 451 -9.29 40.63 14.80
CA ASN C 451 -8.15 41.44 14.38
C ASN C 451 -6.85 40.93 15.00
N ASP C 452 -6.97 40.11 16.07
CA ASP C 452 -5.84 39.50 16.78
C ASP C 452 -5.35 38.25 16.04
N VAL C 453 -4.02 38.06 15.98
CA VAL C 453 -3.40 36.91 15.32
C VAL C 453 -3.67 35.65 16.13
N LEU C 454 -4.52 34.76 15.58
CA LEU C 454 -4.85 33.49 16.21
C LEU C 454 -3.71 32.50 16.04
N TYR C 455 -3.16 32.41 14.82
CA TYR C 455 -2.07 31.49 14.48
C TYR C 455 -1.29 32.00 13.28
N SER C 456 0.03 31.76 13.29
CA SER C 456 0.91 32.09 12.18
C SER C 456 2.02 31.04 12.08
N GLU C 457 2.55 30.83 10.86
CA GLU C 457 3.62 29.87 10.60
C GLU C 457 4.43 30.22 9.35
N ASN C 458 5.70 29.83 9.36
CA ASN C 458 6.60 30.02 8.22
C ASN C 458 6.84 28.69 7.50
N GLY C 459 6.59 27.59 8.20
CA GLY C 459 6.71 26.24 7.68
C GLY C 459 5.35 25.55 7.67
N PRO C 460 5.15 24.49 6.84
CA PRO C 460 3.83 23.83 6.80
C PRO C 460 3.60 22.85 7.95
N ILE C 461 3.83 23.30 9.19
CA ILE C 461 3.72 22.47 10.39
C ILE C 461 2.27 22.09 10.68
N SER C 462 1.29 22.94 10.31
CA SER C 462 -0.14 22.62 10.47
C SER C 462 -0.53 21.48 9.52
N ARG C 463 0.10 21.41 8.32
CA ARG C 463 -0.14 20.33 7.34
C ARG C 463 0.50 19.02 7.84
N ILE C 464 1.71 19.11 8.44
CA ILE C 464 2.42 17.98 9.04
C ILE C 464 1.56 17.37 10.16
N TYR C 465 0.96 18.22 11.02
CA TYR C 465 0.09 17.78 12.10
C TYR C 465 -1.18 17.18 11.56
N ASN C 466 -1.73 17.74 10.48
CA ASN C 466 -2.94 17.22 9.84
C ASN C 466 -2.67 15.80 9.32
N GLU C 467 -1.56 15.63 8.57
CA GLU C 467 -1.14 14.35 8.00
C GLU C 467 -0.85 13.30 9.08
N LEU C 468 -0.20 13.71 10.20
CA LEU C 468 0.09 12.81 11.32
C LEU C 468 -1.16 12.39 12.09
N LEU C 469 -2.02 13.36 12.48
CA LEU C 469 -3.23 13.10 13.24
C LEU C 469 -4.33 12.35 12.45
N THR C 470 -4.41 12.56 11.11
CA THR C 470 -5.42 11.91 10.28
C THR C 470 -4.86 10.69 9.50
N LYS C 471 -3.56 10.37 9.70
CA LYS C 471 -2.86 9.25 9.04
C LYS C 471 -3.05 9.29 7.52
N SER C 472 -2.97 10.51 6.95
CA SER C 472 -3.14 10.79 5.52
C SER C 472 -1.83 11.25 4.89
N ASN C 473 -1.66 10.97 3.60
CA ASN C 473 -0.47 11.38 2.83
C ASN C 473 -0.75 12.67 2.04
N ASN C 474 -2.05 13.04 1.94
CA ASN C 474 -2.50 14.24 1.22
C ASN C 474 -3.36 15.13 2.11
N GLY C 475 -2.69 15.81 3.04
CA GLY C 475 -3.33 16.73 3.97
C GLY C 475 -3.19 18.19 3.55
N THR C 476 -3.81 19.08 4.32
CA THR C 476 -3.78 20.52 4.10
C THR C 476 -3.38 21.24 5.39
N ARG C 477 -3.03 22.55 5.28
CA ARG C 477 -2.69 23.38 6.44
C ARG C 477 -3.99 23.53 7.27
N THR C 478 -4.12 22.68 8.31
CA THR C 478 -5.34 22.59 9.12
C THR C 478 -5.10 22.95 10.59
N LEU C 479 -6.00 23.79 11.13
CA LEU C 479 -6.02 24.19 12.53
C LEU C 479 -7.19 23.48 13.18
N THR C 480 -6.89 22.47 14.01
CA THR C 480 -7.90 21.67 14.69
C THR C 480 -8.12 22.23 16.08
N PHE C 481 -9.38 22.49 16.43
CA PHE C 481 -9.73 22.99 17.75
C PHE C 481 -10.38 21.88 18.59
N ASN C 482 -10.93 20.85 17.93
CA ASN C 482 -11.58 19.74 18.60
C ASN C 482 -10.71 18.48 18.65
N PHE C 483 -10.25 18.13 19.86
CA PHE C 483 -9.44 16.94 20.14
C PHE C 483 -10.21 16.00 21.07
N THR C 484 -11.50 16.31 21.28
CA THR C 484 -12.45 15.56 22.12
C THR C 484 -13.11 14.45 21.27
N PRO C 485 -13.35 13.23 21.81
CA PRO C 485 -14.03 12.19 21.02
C PRO C 485 -15.39 12.63 20.50
N LYS C 486 -15.69 12.31 19.23
CA LYS C 486 -16.95 12.70 18.58
C LYS C 486 -18.15 11.88 19.06
N ILE C 487 -19.37 12.46 18.89
CA ILE C 487 -20.70 11.92 19.21
C ILE C 487 -20.94 11.81 20.73
N PHE C 488 -20.04 11.16 21.47
CA PHE C 488 -20.17 10.96 22.92
C PHE C 488 -19.90 12.23 23.75
N PHE C 489 -19.25 13.23 23.14
CA PHE C 489 -18.97 14.52 23.77
C PHE C 489 -19.40 15.66 22.87
N ARG C 490 -19.73 16.82 23.46
CA ARG C 490 -20.06 18.03 22.71
C ARG C 490 -18.69 18.53 22.18
N PRO C 491 -18.53 18.78 20.86
CA PRO C 491 -17.22 19.20 20.34
C PRO C 491 -16.68 20.51 20.91
N THR C 492 -15.35 20.56 21.12
CA THR C 492 -14.60 21.73 21.58
C THR C 492 -14.47 22.66 20.39
N THR C 493 -14.88 23.91 20.56
CA THR C 493 -14.90 24.91 19.48
C THR C 493 -14.23 26.21 19.88
N ILE C 494 -13.73 26.96 18.87
CA ILE C 494 -13.19 28.29 19.10
C ILE C 494 -14.43 29.18 19.24
N THR C 495 -14.62 29.74 20.44
CA THR C 495 -15.81 30.53 20.72
C THR C 495 -15.58 32.00 20.37
N ALA C 496 -16.63 32.67 19.85
CA ALA C 496 -16.62 34.07 19.44
C ALA C 496 -16.96 35.07 20.56
N ASN C 497 -16.58 36.33 20.34
CA ASN C 497 -16.85 37.48 21.22
C ASN C 497 -17.18 38.68 20.30
N VAL C 498 -18.48 38.82 19.95
CA VAL C 498 -19.00 39.87 19.05
C VAL C 498 -18.67 41.28 19.60
N SER C 499 -18.85 41.49 20.92
CA SER C 499 -18.57 42.75 21.61
C SER C 499 -17.11 43.20 21.40
N ARG C 500 -16.16 42.24 21.41
CA ARG C 500 -14.73 42.49 21.22
C ARG C 500 -14.30 42.53 19.74
N GLY C 501 -15.18 42.07 18.84
CA GLY C 501 -14.94 42.03 17.39
C GLY C 501 -14.52 40.68 16.83
N LYS C 502 -14.19 39.71 17.72
CA LYS C 502 -13.76 38.37 17.35
C LYS C 502 -14.94 37.46 16.92
N ASP C 503 -15.43 37.66 15.68
CA ASP C 503 -16.54 36.91 15.10
C ASP C 503 -16.27 36.52 13.61
N LYS C 504 -14.99 36.50 13.20
CA LYS C 504 -14.57 36.18 11.84
C LYS C 504 -13.15 35.59 11.78
N LEU C 505 -12.90 34.70 10.80
CA LEU C 505 -11.57 34.11 10.61
C LEU C 505 -10.98 34.60 9.30
N SER C 506 -9.95 35.47 9.39
CA SER C 506 -9.25 36.06 8.26
C SER C 506 -7.92 35.36 8.02
N VAL C 507 -7.74 34.87 6.79
CA VAL C 507 -6.54 34.17 6.38
C VAL C 507 -5.74 35.05 5.40
N ARG C 508 -4.43 35.16 5.62
CA ARG C 508 -3.50 35.89 4.75
C ARG C 508 -2.30 35.00 4.52
N VAL C 509 -1.91 34.82 3.25
CA VAL C 509 -0.77 34.00 2.87
C VAL C 509 0.28 34.82 2.14
N VAL C 510 1.54 34.35 2.18
CA VAL C 510 2.63 34.96 1.42
C VAL C 510 3.07 33.88 0.45
N TYR C 511 2.81 34.07 -0.85
CA TYR C 511 3.16 33.07 -1.85
C TYR C 511 4.68 33.03 -2.10
N SER C 512 5.23 31.82 -2.28
CA SER C 512 6.66 31.62 -2.55
C SER C 512 7.03 32.24 -3.91
N THR C 513 8.11 33.03 -3.92
CA THR C 513 8.67 33.79 -5.04
C THR C 513 9.35 32.86 -6.08
N MET C 514 8.78 32.83 -7.31
CA MET C 514 9.27 32.02 -8.43
CA MET C 514 9.25 32.01 -8.43
C MET C 514 9.95 32.92 -9.47
N ASP C 515 10.85 32.34 -10.30
CA ASP C 515 11.56 33.09 -11.33
C ASP C 515 10.60 33.45 -12.48
N VAL C 516 10.57 34.75 -12.86
CA VAL C 516 9.72 35.32 -13.92
C VAL C 516 9.83 34.62 -15.27
N ASN C 517 10.99 34.02 -15.57
CA ASN C 517 11.25 33.37 -16.86
C ASN C 517 10.84 31.89 -16.93
N HIS C 518 10.15 31.39 -15.90
CA HIS C 518 9.65 30.03 -15.82
C HIS C 518 8.15 30.09 -16.15
N PRO C 519 7.61 29.23 -17.07
CA PRO C 519 6.18 29.32 -17.41
C PRO C 519 5.19 29.14 -16.24
N ILE C 520 5.58 28.40 -15.19
CA ILE C 520 4.71 28.13 -14.03
C ILE C 520 4.42 29.40 -13.19
N TYR C 521 5.25 30.44 -13.31
CA TYR C 521 5.08 31.72 -12.60
C TYR C 521 3.74 32.38 -12.97
N TYR C 522 3.24 32.12 -14.18
CA TYR C 522 2.02 32.68 -14.76
C TYR C 522 0.78 31.83 -14.54
N VAL C 523 0.87 30.81 -13.65
CA VAL C 523 -0.31 30.02 -13.32
C VAL C 523 -1.07 30.81 -12.25
N GLN C 524 -2.31 31.19 -12.58
CA GLN C 524 -3.16 31.94 -11.65
C GLN C 524 -3.54 31.05 -10.46
N LYS C 525 -3.52 31.62 -9.23
CA LYS C 525 -3.78 30.89 -7.97
C LYS C 525 -5.02 31.38 -7.24
N GLN C 526 -5.68 30.47 -6.50
CA GLN C 526 -6.86 30.80 -5.70
C GLN C 526 -6.74 30.19 -4.32
N LEU C 527 -7.00 31.01 -3.28
CA LEU C 527 -6.93 30.58 -1.90
C LEU C 527 -8.29 30.04 -1.46
N VAL C 528 -8.27 28.82 -0.89
CA VAL C 528 -9.47 28.15 -0.39
C VAL C 528 -9.36 28.03 1.12
N VAL C 529 -10.39 28.52 1.82
CA VAL C 529 -10.47 28.47 3.27
C VAL C 529 -11.75 27.71 3.63
N VAL C 530 -11.58 26.61 4.38
CA VAL C 530 -12.69 25.75 4.81
C VAL C 530 -12.86 25.84 6.31
N CYS C 531 -14.07 26.17 6.77
CA CYS C 531 -14.44 26.33 8.18
C CYS C 531 -15.56 25.37 8.55
N ASN C 532 -15.38 24.57 9.61
CA ASN C 532 -16.39 23.63 10.09
C ASN C 532 -17.07 24.24 11.29
N ASP C 533 -18.30 24.74 11.10
CA ASP C 533 -19.10 25.37 12.15
C ASP C 533 -19.94 24.31 12.86
N LEU C 534 -20.10 24.45 14.19
CA LEU C 534 -20.88 23.54 15.01
C LEU C 534 -22.36 23.94 15.03
N TYR C 535 -23.23 22.94 14.83
CA TYR C 535 -24.68 23.08 14.82
C TYR C 535 -25.27 22.05 15.79
N LYS C 536 -26.45 22.37 16.37
CA LYS C 536 -27.16 21.46 17.26
C LYS C 536 -28.32 20.84 16.49
N VAL C 537 -28.42 19.51 16.52
CA VAL C 537 -29.50 18.78 15.84
C VAL C 537 -30.64 18.60 16.83
N SER C 538 -31.80 19.15 16.46
CA SER C 538 -33.04 19.11 17.22
C SER C 538 -34.04 18.25 16.45
N TYR C 539 -34.72 17.35 17.16
CA TYR C 539 -35.72 16.48 16.55
C TYR C 539 -37.15 16.83 17.01
N ASP C 540 -37.28 17.91 17.80
CA ASP C 540 -38.57 18.41 18.32
C ASP C 540 -39.45 18.90 17.16
N GLN C 541 -40.47 18.07 16.80
CA GLN C 541 -41.42 18.29 15.70
C GLN C 541 -40.68 18.46 14.37
N GLY C 542 -40.04 17.37 13.92
CA GLY C 542 -39.24 17.32 12.70
C GLY C 542 -37.77 17.58 12.96
N VAL C 543 -36.90 17.16 12.01
CA VAL C 543 -35.44 17.34 12.10
C VAL C 543 -35.09 18.77 11.73
N SER C 544 -34.29 19.43 12.57
CA SER C 544 -33.83 20.80 12.35
C SER C 544 -32.46 21.04 12.97
N ILE C 545 -31.68 21.96 12.37
CA ILE C 545 -30.35 22.32 12.90
C ILE C 545 -30.35 23.79 13.33
N THR C 546 -29.53 24.11 14.35
CA THR C 546 -29.39 25.45 14.90
C THR C 546 -27.91 25.76 15.06
N LYS C 547 -27.45 26.87 14.46
CA LYS C 547 -26.05 27.31 14.55
C LYS C 547 -25.72 27.74 15.97
N ILE C 548 -24.66 27.16 16.55
CA ILE C 548 -24.23 27.50 17.91
C ILE C 548 -23.62 28.91 17.82
N MET C 549 -24.22 29.88 18.54
CA MET C 549 -23.79 31.27 18.52
C MET C 549 -23.66 31.84 19.92
C FMT D . -15.50 -1.34 29.12
O1 FMT D . -16.28 -0.42 28.93
O2 FMT D . -14.24 -0.96 29.43
C FMT E . -11.71 -23.94 -6.98
O1 FMT E . -12.41 -24.82 -6.48
O2 FMT E . -11.53 -22.84 -6.19
C FMT F . -17.02 -9.82 -8.42
O1 FMT F . -17.11 -10.93 -8.91
O2 FMT F . -16.13 -8.99 -9.04
C FMT G . 6.01 -21.15 32.91
O1 FMT G . 5.18 -22.04 32.74
O2 FMT G . 7.04 -21.14 32.01
C FMT H . -31.54 -11.71 19.44
O1 FMT H . -32.51 -11.18 18.91
O2 FMT H . -30.34 -11.12 19.18
C FMT I . -7.60 -26.41 -35.69
O1 FMT I . -8.24 -27.40 -35.99
O2 FMT I . -7.50 -26.15 -34.36
C FMT J . -0.17 -14.57 41.75
O1 FMT J . 0.54 -15.00 40.85
O2 FMT J . 0.47 -13.79 42.65
C1 EDO K . -13.95 -15.65 -23.59
O1 EDO K . -13.31 -16.83 -23.13
C2 EDO K . -13.22 -14.35 -23.13
O2 EDO K . -13.64 -13.21 -23.87
C1 EDO L . -4.70 -9.38 14.89
O1 EDO L . -4.13 -8.97 13.64
C2 EDO L . -4.91 -8.14 15.79
O2 EDO L . -5.50 -8.54 17.02
C1 EDO M . -9.69 -4.00 19.99
O1 EDO M . -8.32 -3.92 20.34
C2 EDO M . -9.92 -3.33 18.61
O2 EDO M . -11.29 -3.44 18.23
C1 EDO N . -32.01 -7.25 19.25
O1 EDO N . -32.40 -7.68 20.55
C2 EDO N . -31.57 -5.77 19.36
O2 EDO N . -31.56 -5.12 18.09
C1 EDO O . -5.80 -17.83 -7.78
O1 EDO O . -6.51 -16.67 -7.32
C2 EDO O . -4.41 -17.89 -7.10
O2 EDO O . -3.82 -19.15 -7.36
C1 EDO P . -35.12 -17.82 -3.13
O1 EDO P . -35.33 -16.49 -3.57
C2 EDO P . -35.91 -18.84 -3.99
O2 EDO P . -35.39 -20.14 -3.74
C FMT Q . 42.71 -13.78 -6.32
O1 FMT Q . 43.78 -13.93 -5.78
O2 FMT Q . 41.82 -13.05 -5.62
C FMT R . -12.18 5.72 23.66
O1 FMT R . -12.47 6.75 24.25
O2 FMT R . -10.99 5.76 22.99
C FMT S . 8.51 -22.82 25.87
O1 FMT S . 7.78 -22.17 25.12
O2 FMT S . 8.68 -22.29 27.12
C1 EDO T . 27.55 -15.47 2.13
O1 EDO T . 28.50 -14.43 2.34
C2 EDO T . 26.61 -15.14 0.94
O2 EDO T . 25.74 -16.21 0.70
C1 EDO U . 0.47 4.81 8.29
O1 EDO U . 0.14 5.87 9.17
C2 EDO U . 0.25 3.46 9.02
O2 EDO U . 1.05 2.45 8.41
C1 RFP V . -17.54 5.31 26.44
C2 RFP V . -18.56 4.37 26.59
C3 RFP V . -18.52 3.46 27.64
C4 RFP V . -17.43 3.50 28.55
C5 RFP V . -15.22 4.54 29.28
C6 RFP V . -14.25 5.47 29.05
C7 RFP V . -14.31 6.39 28.02
C8 RFP V . -15.38 6.34 27.17
C9 RFP V . -16.43 5.38 27.33
C10 RFP V . -16.37 4.45 28.42
C11 RFP V . -14.76 3.74 30.49
C12 RFP V . -13.36 4.19 30.81
C13 RFP V . -13.05 4.55 32.26
C14 RFP V . -13.20 7.40 27.83
C15 RFP V . -20.90 4.55 25.76
C16 RFP V . -21.72 4.42 24.55
C17 RFP V . -21.49 3.51 23.58
C18 RFP V . -20.40 2.49 23.59
C19 RFP V . -20.24 1.65 22.55
C20 RFP V . -19.21 0.49 22.42
C21 RFP V . -17.79 0.91 22.90
C22 RFP V . -16.78 -0.27 22.85
C23 RFP V . -15.36 0.10 23.30
C24 RFP V . -15.27 0.85 24.68
C25 RFP V . -13.77 1.13 25.06
C26 RFP V . -13.55 1.92 26.38
C27 RFP V . -12.03 2.11 26.69
C28 RFP V . -11.73 2.90 28.01
C29 RFP V . -12.44 2.56 29.12
C30 RFP V . -22.87 5.39 24.46
C31 RFP V . -19.75 -0.66 23.29
C32 RFP V . -16.74 -0.96 21.45
C33 RFP V . -16.00 0.03 25.77
C34 RFP V . -14.18 3.30 26.30
C35 RFP V . -12.08 -0.52 24.49
C36 RFP V . -11.53 -1.88 24.85
C37 RFP V . -10.05 2.43 25.40
C38 RFP V . -21.10 -3.59 28.27
C39 RFP V . -21.67 -1.69 26.85
C40 RFP V . -21.40 -0.21 26.57
C41 RFP V . -21.02 0.14 28.99
C42 RFP V . -21.28 -1.36 29.20
C43 RFP V . -19.59 2.46 27.82
N1 RFP V . -19.58 4.37 25.59
N2 RFP V . -19.50 1.27 27.37
N3 RFP V . -20.58 0.37 27.62
N4 RFP V . -20.93 -2.16 28.03
O1 RFP V . -17.65 6.19 25.36
O2 RFP V . -15.41 7.25 26.16
O3 RFP V . -13.21 5.40 29.95
O4 RFP V . -15.30 2.78 31.04
O5 RFP V . -12.36 3.12 30.40
O6 RFP V . -11.43 2.73 25.55
O7 RFP V . -13.12 -0.16 25.29
O8 RFP V . -11.66 0.21 23.57
O9 RFP V . -14.69 0.87 22.26
O10 RFP V . -17.29 1.97 22.10
O11 RFP V . -21.38 4.80 26.84
O12 RFP V . -17.43 2.59 29.56
C FMT W . -29.38 -5.30 4.38
O1 FMT W . -30.31 -5.59 3.63
O2 FMT W . -29.08 -6.17 5.39
C FMT X . 16.15 25.49 -18.35
O1 FMT X . 16.80 26.05 -19.23
O2 FMT X . 16.82 24.51 -17.66
C FMT Y . -5.64 14.68 -12.85
O1 FMT Y . -6.66 14.62 -13.50
O2 FMT Y . -5.82 14.65 -11.49
C FMT Z . -17.35 4.16 6.89
O1 FMT Z . -16.56 3.69 6.08
O2 FMT Z . -17.85 3.27 7.82
C FMT AA . -4.74 25.12 16.38
O1 FMT AA . -4.62 23.91 16.21
O2 FMT AA . -3.56 25.82 16.35
C1 EDO BA . 9.59 25.46 -13.36
O1 EDO BA . 10.56 24.40 -13.25
C2 EDO BA . 9.04 25.51 -14.80
O2 EDO BA . 8.15 26.61 -14.95
C1 EDO CA . -19.84 -2.69 10.20
O1 EDO CA . -20.29 -1.85 11.24
C2 EDO CA . -20.45 -4.10 10.34
O2 EDO CA . -20.00 -4.93 9.27
#